data_5Y18
# 
_entry.id   5Y18 
# 
_audit_conform.dict_name       mmcif_pdbx.dic 
_audit_conform.dict_version    5.398 
_audit_conform.dict_location   http://mmcif.pdb.org/dictionaries/ascii/mmcif_pdbx.dic 
# 
loop_
_database_2.database_id 
_database_2.database_code 
_database_2.pdbx_database_accession 
_database_2.pdbx_DOI 
PDB   5Y18         pdb_00005y18 10.2210/pdb5y18/pdb 
WWPDB D_1300004407 ?            ?                   
# 
loop_
_pdbx_audit_revision_history.ordinal 
_pdbx_audit_revision_history.data_content_type 
_pdbx_audit_revision_history.major_revision 
_pdbx_audit_revision_history.minor_revision 
_pdbx_audit_revision_history.revision_date 
1 'Structure model' 1 0 2018-05-30 
2 'Structure model' 1 1 2024-11-20 
# 
_pdbx_audit_revision_details.ordinal             1 
_pdbx_audit_revision_details.revision_ordinal    1 
_pdbx_audit_revision_details.data_content_type   'Structure model' 
_pdbx_audit_revision_details.provider            repository 
_pdbx_audit_revision_details.type                'Initial release' 
_pdbx_audit_revision_details.description         ? 
_pdbx_audit_revision_details.details             ? 
# 
loop_
_pdbx_audit_revision_group.ordinal 
_pdbx_audit_revision_group.revision_ordinal 
_pdbx_audit_revision_group.data_content_type 
_pdbx_audit_revision_group.group 
1 2 'Structure model' 'Data collection'     
2 2 'Structure model' 'Database references' 
3 2 'Structure model' 'Structure summary'   
# 
loop_
_pdbx_audit_revision_category.ordinal 
_pdbx_audit_revision_category.revision_ordinal 
_pdbx_audit_revision_category.data_content_type 
_pdbx_audit_revision_category.category 
1 2 'Structure model' chem_comp_atom            
2 2 'Structure model' chem_comp_bond            
3 2 'Structure model' database_2                
4 2 'Structure model' pdbx_entry_details        
5 2 'Structure model' pdbx_modification_feature 
# 
loop_
_pdbx_audit_revision_item.ordinal 
_pdbx_audit_revision_item.revision_ordinal 
_pdbx_audit_revision_item.data_content_type 
_pdbx_audit_revision_item.item 
1 2 'Structure model' '_database_2.pdbx_DOI'                         
2 2 'Structure model' '_database_2.pdbx_database_accession'          
3 2 'Structure model' '_pdbx_entry_details.has_protein_modification' 
# 
_pdbx_database_status.status_code                     REL 
_pdbx_database_status.status_code_sf                  REL 
_pdbx_database_status.status_code_mr                  ? 
_pdbx_database_status.entry_id                        5Y18 
_pdbx_database_status.recvd_initial_deposition_date   2017-07-19 
_pdbx_database_status.SG_entry                        N 
_pdbx_database_status.deposit_site                    PDBJ 
_pdbx_database_status.process_site                    PDBJ 
_pdbx_database_status.status_code_cs                  ? 
_pdbx_database_status.methods_development_category    ? 
_pdbx_database_status.pdb_format_compatible           Y 
_pdbx_database_status.status_code_nmr_data            ? 
# 
loop_
_audit_author.name 
_audit_author.pdbx_ordinal 
_audit_author.identifier_ORCID 
'Chen, Y.' 1 ? 
'Wang, X.' 2 ? 
# 
_citation.abstract                  ? 
_citation.abstract_id_CAS           ? 
_citation.book_id_ISBN              ? 
_citation.book_publisher            ? 
_citation.book_publisher_city       ? 
_citation.book_title                ? 
_citation.coordinate_linkage        ? 
_citation.country                   CN 
_citation.database_id_Medline       ? 
_citation.details                   ? 
_citation.id                        primary 
_citation.journal_abbrev            'Protein Cell' 
_citation.journal_id_ASTM           ? 
_citation.journal_id_CSD            ? 
_citation.journal_id_ISSN           1674-8018 
_citation.journal_full              ? 
_citation.journal_issue             ? 
_citation.journal_volume            8 
_citation.language                  ? 
_citation.page_first                767 
_citation.page_last                 771 
_citation.title                     'Structural basis for DAXX interaction with ATRX' 
_citation.year                      2017 
_citation.database_id_CSD           ? 
_citation.pdbx_database_id_DOI      10.1007/s13238-017-0462-y 
_citation.pdbx_database_id_PubMed   28875424 
_citation.unpublished_flag          ? 
# 
loop_
_citation_author.citation_id 
_citation_author.name 
_citation_author.ordinal 
_citation_author.identifier_ORCID 
primary 'Wang, X.'  1 ? 
primary 'Zhao, Y.'  2 ? 
primary 'Zhang, J.' 3 ? 
primary 'Chen, Y.'  4 ? 
# 
loop_
_entity.id 
_entity.type 
_entity.src_method 
_entity.pdbx_description 
_entity.formula_weight 
_entity.pdbx_number_of_molecules 
_entity.pdbx_ec 
_entity.pdbx_mutation 
_entity.pdbx_fragment 
_entity.details 
1 polymer man 'Death domain-associated protein 6' 10995.709 1  ?        ? 'UNP residues 55-144'    ? 
2 polymer man 'Transcriptional regulator ATRX'    2684.854  1  3.6.4.12 ? 'UNP residues 1268-1289' ? 
3 water   nat water                               18.015    52 ?        ? ?                        ? 
# 
loop_
_entity_name_com.entity_id 
_entity_name_com.name 
1 'Daxx,hDaxx,ETS1-associated protein 1,EAP1,Fas death domain-associated protein'        
2 'ATP-dependent helicase ATRX,X-linked helicase II,X-linked nuclear protein,XNP,Znf-HX' 
# 
loop_
_entity_poly.entity_id 
_entity_poly.type 
_entity_poly.nstd_linkage 
_entity_poly.nstd_monomer 
_entity_poly.pdbx_seq_one_letter_code 
_entity_poly.pdbx_seq_one_letter_code_can 
_entity_poly.pdbx_strand_id 
_entity_poly.pdbx_target_identifier 
1 'polypeptide(L)' no yes 
;GPLGSGKKCYKLENEKLFEEFLELCK(MSE)QTADHPEVVPFLYNRQQRAHSLFLASAEFCNILSRVLSRARSRPAKLYV
YINELCTVLKAHSAKKKLN
;
;GPLGSGKKCYKLENEKLFEEFLELCKMQTADHPEVVPFLYNRQQRAHSLFLASAEFCNILSRVLSRARSRPAKLYVYINE
LCTVLKAHSAKKKLN
;
A ? 
2 'polypeptide(L)' no yes 'SENRIAKK(MSE)LLEEIKANLSSDED'                                                                          
SENRIAKKMLLEEIKANLSSDED                                                                            B ? 
# 
_pdbx_entity_nonpoly.entity_id   3 
_pdbx_entity_nonpoly.name        water 
_pdbx_entity_nonpoly.comp_id     HOH 
# 
loop_
_entity_poly_seq.entity_id 
_entity_poly_seq.num 
_entity_poly_seq.mon_id 
_entity_poly_seq.hetero 
1 1  GLY n 
1 2  PRO n 
1 3  LEU n 
1 4  GLY n 
1 5  SER n 
1 6  GLY n 
1 7  LYS n 
1 8  LYS n 
1 9  CYS n 
1 10 TYR n 
1 11 LYS n 
1 12 LEU n 
1 13 GLU n 
1 14 ASN n 
1 15 GLU n 
1 16 LYS n 
1 17 LEU n 
1 18 PHE n 
1 19 GLU n 
1 20 GLU n 
1 21 PHE n 
1 22 LEU n 
1 23 GLU n 
1 24 LEU n 
1 25 CYS n 
1 26 LYS n 
1 27 MSE n 
1 28 GLN n 
1 29 THR n 
1 30 ALA n 
1 31 ASP n 
1 32 HIS n 
1 33 PRO n 
1 34 GLU n 
1 35 VAL n 
1 36 VAL n 
1 37 PRO n 
1 38 PHE n 
1 39 LEU n 
1 40 TYR n 
1 41 ASN n 
1 42 ARG n 
1 43 GLN n 
1 44 GLN n 
1 45 ARG n 
1 46 ALA n 
1 47 HIS n 
1 48 SER n 
1 49 LEU n 
1 50 PHE n 
1 51 LEU n 
1 52 ALA n 
1 53 SER n 
1 54 ALA n 
1 55 GLU n 
1 56 PHE n 
1 57 CYS n 
1 58 ASN n 
1 59 ILE n 
1 60 LEU n 
1 61 SER n 
1 62 ARG n 
1 63 VAL n 
1 64 LEU n 
1 65 SER n 
1 66 ARG n 
1 67 ALA n 
1 68 ARG n 
1 69 SER n 
1 70 ARG n 
1 71 PRO n 
1 72 ALA n 
1 73 LYS n 
1 74 LEU n 
1 75 TYR n 
1 76 VAL n 
1 77 TYR n 
1 78 ILE n 
1 79 ASN n 
1 80 GLU n 
1 81 LEU n 
1 82 CYS n 
1 83 THR n 
1 84 VAL n 
1 85 LEU n 
1 86 LYS n 
1 87 ALA n 
1 88 HIS n 
1 89 SER n 
1 90 ALA n 
1 91 LYS n 
1 92 LYS n 
1 93 LYS n 
1 94 LEU n 
1 95 ASN n 
2 1  SER n 
2 2  GLU n 
2 3  ASN n 
2 4  ARG n 
2 5  ILE n 
2 6  ALA n 
2 7  LYS n 
2 8  LYS n 
2 9  MSE n 
2 10 LEU n 
2 11 LEU n 
2 12 GLU n 
2 13 GLU n 
2 14 ILE n 
2 15 LYS n 
2 16 ALA n 
2 17 ASN n 
2 18 LEU n 
2 19 SER n 
2 20 SER n 
2 21 ASP n 
2 22 GLU n 
2 23 ASP n 
# 
loop_
_entity_src_gen.entity_id 
_entity_src_gen.pdbx_src_id 
_entity_src_gen.pdbx_alt_source_flag 
_entity_src_gen.pdbx_seq_type 
_entity_src_gen.pdbx_beg_seq_num 
_entity_src_gen.pdbx_end_seq_num 
_entity_src_gen.gene_src_common_name 
_entity_src_gen.gene_src_genus 
_entity_src_gen.pdbx_gene_src_gene 
_entity_src_gen.gene_src_species 
_entity_src_gen.gene_src_strain 
_entity_src_gen.gene_src_tissue 
_entity_src_gen.gene_src_tissue_fraction 
_entity_src_gen.gene_src_details 
_entity_src_gen.pdbx_gene_src_fragment 
_entity_src_gen.pdbx_gene_src_scientific_name 
_entity_src_gen.pdbx_gene_src_ncbi_taxonomy_id 
_entity_src_gen.pdbx_gene_src_variant 
_entity_src_gen.pdbx_gene_src_cell_line 
_entity_src_gen.pdbx_gene_src_atcc 
_entity_src_gen.pdbx_gene_src_organ 
_entity_src_gen.pdbx_gene_src_organelle 
_entity_src_gen.pdbx_gene_src_cell 
_entity_src_gen.pdbx_gene_src_cellular_location 
_entity_src_gen.host_org_common_name 
_entity_src_gen.pdbx_host_org_scientific_name 
_entity_src_gen.pdbx_host_org_ncbi_taxonomy_id 
_entity_src_gen.host_org_genus 
_entity_src_gen.pdbx_host_org_gene 
_entity_src_gen.pdbx_host_org_organ 
_entity_src_gen.host_org_species 
_entity_src_gen.pdbx_host_org_tissue 
_entity_src_gen.pdbx_host_org_tissue_fraction 
_entity_src_gen.pdbx_host_org_strain 
_entity_src_gen.pdbx_host_org_variant 
_entity_src_gen.pdbx_host_org_cell_line 
_entity_src_gen.pdbx_host_org_atcc 
_entity_src_gen.pdbx_host_org_culture_collection 
_entity_src_gen.pdbx_host_org_cell 
_entity_src_gen.pdbx_host_org_organelle 
_entity_src_gen.pdbx_host_org_cellular_location 
_entity_src_gen.pdbx_host_org_vector_type 
_entity_src_gen.pdbx_host_org_vector 
_entity_src_gen.host_org_details 
_entity_src_gen.expression_system_id 
_entity_src_gen.plasmid_name 
_entity_src_gen.plasmid_details 
_entity_src_gen.pdbx_description 
1 1 sample 'Biological sequence' 1 95 Human ? 'DAXX, BING2, DAP6' ? ? ? ? ? ? 'Homo sapiens' 9606 ? ? ? ? ? ? ? ? 
'Escherichia coli' 562 ? ? ? ? ? ? ? ? ? ? ? ? ? ? ? ? ? ? ? ? ? 
2 1 sample 'Biological sequence' 1 23 Human ? 'ATRX, RAD54L, XH2' ? ? ? ? ? ? 'Homo sapiens' 9606 ? ? ? ? ? ? ? ? 
'Escherichia coli' 562 ? ? ? ? ? ? ? ? ? ? ? ? ? ? ? ? ? ? ? ? ? 
# 
loop_
_chem_comp.id 
_chem_comp.type 
_chem_comp.mon_nstd_flag 
_chem_comp.name 
_chem_comp.pdbx_synonyms 
_chem_comp.formula 
_chem_comp.formula_weight 
ALA 'L-peptide linking' y ALANINE          ? 'C3 H7 N O2'     89.093  
ARG 'L-peptide linking' y ARGININE         ? 'C6 H15 N4 O2 1' 175.209 
ASN 'L-peptide linking' y ASPARAGINE       ? 'C4 H8 N2 O3'    132.118 
ASP 'L-peptide linking' y 'ASPARTIC ACID'  ? 'C4 H7 N O4'     133.103 
CYS 'L-peptide linking' y CYSTEINE         ? 'C3 H7 N O2 S'   121.158 
GLN 'L-peptide linking' y GLUTAMINE        ? 'C5 H10 N2 O3'   146.144 
GLU 'L-peptide linking' y 'GLUTAMIC ACID'  ? 'C5 H9 N O4'     147.129 
GLY 'peptide linking'   y GLYCINE          ? 'C2 H5 N O2'     75.067  
HIS 'L-peptide linking' y HISTIDINE        ? 'C6 H10 N3 O2 1' 156.162 
HOH non-polymer         . WATER            ? 'H2 O'           18.015  
ILE 'L-peptide linking' y ISOLEUCINE       ? 'C6 H13 N O2'    131.173 
LEU 'L-peptide linking' y LEUCINE          ? 'C6 H13 N O2'    131.173 
LYS 'L-peptide linking' y LYSINE           ? 'C6 H15 N2 O2 1' 147.195 
MSE 'L-peptide linking' n SELENOMETHIONINE ? 'C5 H11 N O2 Se' 196.106 
PHE 'L-peptide linking' y PHENYLALANINE    ? 'C9 H11 N O2'    165.189 
PRO 'L-peptide linking' y PROLINE          ? 'C5 H9 N O2'     115.130 
SER 'L-peptide linking' y SERINE           ? 'C3 H7 N O3'     105.093 
THR 'L-peptide linking' y THREONINE        ? 'C4 H9 N O3'     119.119 
TYR 'L-peptide linking' y TYROSINE         ? 'C9 H11 N O3'    181.189 
VAL 'L-peptide linking' y VALINE           ? 'C5 H11 N O2'    117.146 
# 
loop_
_pdbx_poly_seq_scheme.asym_id 
_pdbx_poly_seq_scheme.entity_id 
_pdbx_poly_seq_scheme.seq_id 
_pdbx_poly_seq_scheme.mon_id 
_pdbx_poly_seq_scheme.ndb_seq_num 
_pdbx_poly_seq_scheme.pdb_seq_num 
_pdbx_poly_seq_scheme.auth_seq_num 
_pdbx_poly_seq_scheme.pdb_mon_id 
_pdbx_poly_seq_scheme.auth_mon_id 
_pdbx_poly_seq_scheme.pdb_strand_id 
_pdbx_poly_seq_scheme.pdb_ins_code 
_pdbx_poly_seq_scheme.hetero 
A 1 1  GLY 1  50   ?    ?   ?   A . n 
A 1 2  PRO 2  51   ?    ?   ?   A . n 
A 1 3  LEU 3  52   ?    ?   ?   A . n 
A 1 4  GLY 4  53   ?    ?   ?   A . n 
A 1 5  SER 5  54   ?    ?   ?   A . n 
A 1 6  GLY 6  55   ?    ?   ?   A . n 
A 1 7  LYS 7  56   56   LYS LYS A . n 
A 1 8  LYS 8  57   57   LYS LYS A . n 
A 1 9  CYS 9  58   58   CYS CYS A . n 
A 1 10 TYR 10 59   59   TYR TYR A . n 
A 1 11 LYS 11 60   60   LYS LYS A . n 
A 1 12 LEU 12 61   61   LEU LEU A . n 
A 1 13 GLU 13 62   62   GLU GLU A . n 
A 1 14 ASN 14 63   63   ASN ASN A . n 
A 1 15 GLU 15 64   64   GLU GLU A . n 
A 1 16 LYS 16 65   65   LYS LYS A . n 
A 1 17 LEU 17 66   66   LEU LEU A . n 
A 1 18 PHE 18 67   67   PHE PHE A . n 
A 1 19 GLU 19 68   68   GLU GLU A . n 
A 1 20 GLU 20 69   69   GLU GLU A . n 
A 1 21 PHE 21 70   70   PHE PHE A . n 
A 1 22 LEU 22 71   71   LEU LEU A . n 
A 1 23 GLU 23 72   72   GLU GLU A . n 
A 1 24 LEU 24 73   73   LEU LEU A . n 
A 1 25 CYS 25 74   74   CYS CYS A . n 
A 1 26 LYS 26 75   75   LYS LYS A . n 
A 1 27 MSE 27 76   76   MSE MSE A . n 
A 1 28 GLN 28 77   77   GLN GLN A . n 
A 1 29 THR 29 78   78   THR THR A . n 
A 1 30 ALA 30 79   79   ALA ALA A . n 
A 1 31 ASP 31 80   80   ASP ASP A . n 
A 1 32 HIS 32 81   81   HIS HIS A . n 
A 1 33 PRO 33 82   82   PRO PRO A . n 
A 1 34 GLU 34 83   83   GLU GLU A . n 
A 1 35 VAL 35 84   84   VAL VAL A . n 
A 1 36 VAL 36 85   85   VAL VAL A . n 
A 1 37 PRO 37 86   86   PRO PRO A . n 
A 1 38 PHE 38 87   87   PHE PHE A . n 
A 1 39 LEU 39 88   88   LEU LEU A . n 
A 1 40 TYR 40 89   89   TYR TYR A . n 
A 1 41 ASN 41 90   90   ASN ASN A . n 
A 1 42 ARG 42 91   91   ARG ARG A . n 
A 1 43 GLN 43 92   92   GLN GLN A . n 
A 1 44 GLN 44 93   93   GLN GLN A . n 
A 1 45 ARG 45 94   94   ARG ARG A . n 
A 1 46 ALA 46 95   95   ALA ALA A . n 
A 1 47 HIS 47 96   96   HIS HIS A . n 
A 1 48 SER 48 97   97   SER SER A . n 
A 1 49 LEU 49 98   98   LEU LEU A . n 
A 1 50 PHE 50 99   99   PHE PHE A . n 
A 1 51 LEU 51 100  100  LEU LEU A . n 
A 1 52 ALA 52 101  101  ALA ALA A . n 
A 1 53 SER 53 102  102  SER SER A . n 
A 1 54 ALA 54 103  103  ALA ALA A . n 
A 1 55 GLU 55 104  104  GLU GLU A . n 
A 1 56 PHE 56 105  105  PHE PHE A . n 
A 1 57 CYS 57 106  106  CYS CYS A . n 
A 1 58 ASN 58 107  107  ASN ASN A . n 
A 1 59 ILE 59 108  108  ILE ILE A . n 
A 1 60 LEU 60 109  109  LEU LEU A . n 
A 1 61 SER 61 110  110  SER SER A . n 
A 1 62 ARG 62 111  111  ARG ARG A . n 
A 1 63 VAL 63 112  112  VAL VAL A . n 
A 1 64 LEU 64 113  113  LEU LEU A . n 
A 1 65 SER 65 114  114  SER SER A . n 
A 1 66 ARG 66 115  115  ARG ARG A . n 
A 1 67 ALA 67 116  116  ALA ALA A . n 
A 1 68 ARG 68 117  117  ARG ARG A . n 
A 1 69 SER 69 118  118  SER SER A . n 
A 1 70 ARG 70 119  119  ARG ARG A . n 
A 1 71 PRO 71 120  120  PRO PRO A . n 
A 1 72 ALA 72 121  121  ALA ALA A . n 
A 1 73 LYS 73 122  122  LYS LYS A . n 
A 1 74 LEU 74 123  123  LEU LEU A . n 
A 1 75 TYR 75 124  124  TYR TYR A . n 
A 1 76 VAL 76 125  125  VAL VAL A . n 
A 1 77 TYR 77 126  126  TYR TYR A . n 
A 1 78 ILE 78 127  127  ILE ILE A . n 
A 1 79 ASN 79 128  128  ASN ASN A . n 
A 1 80 GLU 80 129  129  GLU GLU A . n 
A 1 81 LEU 81 130  130  LEU LEU A . n 
A 1 82 CYS 82 131  131  CYS CYS A . n 
A 1 83 THR 83 132  132  THR THR A . n 
A 1 84 VAL 84 133  133  VAL VAL A . n 
A 1 85 LEU 85 134  134  LEU LEU A . n 
A 1 86 LYS 86 135  135  LYS LYS A . n 
A 1 87 ALA 87 136  136  ALA ALA A . n 
A 1 88 HIS 88 137  137  HIS HIS A . n 
A 1 89 SER 89 138  138  SER SER A . n 
A 1 90 ALA 90 139  139  ALA ALA A . n 
A 1 91 LYS 91 140  140  LYS LYS A . n 
A 1 92 LYS 92 141  ?    ?   ?   A . n 
A 1 93 LYS 93 142  ?    ?   ?   A . n 
A 1 94 LEU 94 143  ?    ?   ?   A . n 
A 1 95 ASN 95 144  ?    ?   ?   A . n 
B 2 1  SER 1  1267 1267 SER SER B . n 
B 2 2  GLU 2  1268 1268 GLU GLU B . n 
B 2 3  ASN 3  1269 1269 ASN ASN B . n 
B 2 4  ARG 4  1270 1270 ARG ARG B . n 
B 2 5  ILE 5  1271 1271 ILE ILE B . n 
B 2 6  ALA 6  1272 1272 ALA ALA B . n 
B 2 7  LYS 7  1273 1273 LYS LYS B . n 
B 2 8  LYS 8  1274 1274 LYS LYS B . n 
B 2 9  MSE 9  1275 1275 MSE MSE B . n 
B 2 10 LEU 10 1276 1276 LEU LEU B . n 
B 2 11 LEU 11 1277 1277 LEU LEU B . n 
B 2 12 GLU 12 1278 1278 GLU GLU B . n 
B 2 13 GLU 13 1279 1279 GLU GLU B . n 
B 2 14 ILE 14 1280 1280 ILE ILE B . n 
B 2 15 LYS 15 1281 1281 LYS LYS B . n 
B 2 16 ALA 16 1282 1282 ALA ALA B . n 
B 2 17 ASN 17 1283 1283 ASN ASN B . n 
B 2 18 LEU 18 1284 ?    ?   ?   B . n 
B 2 19 SER 19 1285 ?    ?   ?   B . n 
B 2 20 SER 20 1286 ?    ?   ?   B . n 
B 2 21 ASP 21 1287 ?    ?   ?   B . n 
B 2 22 GLU 22 1288 ?    ?   ?   B . n 
B 2 23 ASP 23 1289 ?    ?   ?   B . n 
# 
loop_
_pdbx_nonpoly_scheme.asym_id 
_pdbx_nonpoly_scheme.entity_id 
_pdbx_nonpoly_scheme.mon_id 
_pdbx_nonpoly_scheme.ndb_seq_num 
_pdbx_nonpoly_scheme.pdb_seq_num 
_pdbx_nonpoly_scheme.auth_seq_num 
_pdbx_nonpoly_scheme.pdb_mon_id 
_pdbx_nonpoly_scheme.auth_mon_id 
_pdbx_nonpoly_scheme.pdb_strand_id 
_pdbx_nonpoly_scheme.pdb_ins_code 
C 3 HOH 1  201  8  HOH HOH A . 
C 3 HOH 2  202  46 HOH HOH A . 
C 3 HOH 3  203  14 HOH HOH A . 
C 3 HOH 4  204  20 HOH HOH A . 
C 3 HOH 5  205  18 HOH HOH A . 
C 3 HOH 6  206  37 HOH HOH A . 
C 3 HOH 7  207  1  HOH HOH A . 
C 3 HOH 8  208  4  HOH HOH A . 
C 3 HOH 9  209  3  HOH HOH A . 
C 3 HOH 10 210  12 HOH HOH A . 
C 3 HOH 11 211  7  HOH HOH A . 
C 3 HOH 12 212  5  HOH HOH A . 
C 3 HOH 13 213  21 HOH HOH A . 
C 3 HOH 14 214  2  HOH HOH A . 
C 3 HOH 15 215  41 HOH HOH A . 
C 3 HOH 16 216  17 HOH HOH A . 
C 3 HOH 17 217  39 HOH HOH A . 
C 3 HOH 18 218  26 HOH HOH A . 
C 3 HOH 19 219  9  HOH HOH A . 
C 3 HOH 20 220  29 HOH HOH A . 
C 3 HOH 21 221  10 HOH HOH A . 
C 3 HOH 22 222  25 HOH HOH A . 
C 3 HOH 23 223  32 HOH HOH A . 
C 3 HOH 24 224  35 HOH HOH A . 
C 3 HOH 25 225  24 HOH HOH A . 
C 3 HOH 26 226  50 HOH HOH A . 
C 3 HOH 27 227  11 HOH HOH A . 
C 3 HOH 28 228  6  HOH HOH A . 
C 3 HOH 29 229  48 HOH HOH A . 
C 3 HOH 30 230  34 HOH HOH A . 
C 3 HOH 31 231  15 HOH HOH A . 
C 3 HOH 32 232  22 HOH HOH A . 
C 3 HOH 33 233  40 HOH HOH A . 
C 3 HOH 34 234  13 HOH HOH A . 
C 3 HOH 35 235  19 HOH HOH A . 
C 3 HOH 36 236  36 HOH HOH A . 
C 3 HOH 37 237  27 HOH HOH A . 
C 3 HOH 38 238  16 HOH HOH A . 
C 3 HOH 39 239  49 HOH HOH A . 
C 3 HOH 40 240  28 HOH HOH A . 
C 3 HOH 41 241  42 HOH HOH A . 
C 3 HOH 42 242  31 HOH HOH A . 
C 3 HOH 43 243  43 HOH HOH A . 
C 3 HOH 44 244  51 HOH HOH A . 
C 3 HOH 45 245  30 HOH HOH A . 
C 3 HOH 46 246  47 HOH HOH A . 
D 3 HOH 1  1301 23 HOH HOH B . 
D 3 HOH 2  1302 44 HOH HOH B . 
D 3 HOH 3  1303 33 HOH HOH B . 
D 3 HOH 4  1304 45 HOH HOH B . 
D 3 HOH 5  1305 38 HOH HOH B . 
D 3 HOH 6  1306 52 HOH HOH B . 
# 
loop_
_pdbx_unobs_or_zero_occ_atoms.id 
_pdbx_unobs_or_zero_occ_atoms.PDB_model_num 
_pdbx_unobs_or_zero_occ_atoms.polymer_flag 
_pdbx_unobs_or_zero_occ_atoms.occupancy_flag 
_pdbx_unobs_or_zero_occ_atoms.auth_asym_id 
_pdbx_unobs_or_zero_occ_atoms.auth_comp_id 
_pdbx_unobs_or_zero_occ_atoms.auth_seq_id 
_pdbx_unobs_or_zero_occ_atoms.PDB_ins_code 
_pdbx_unobs_or_zero_occ_atoms.auth_atom_id 
_pdbx_unobs_or_zero_occ_atoms.label_alt_id 
_pdbx_unobs_or_zero_occ_atoms.label_asym_id 
_pdbx_unobs_or_zero_occ_atoms.label_comp_id 
_pdbx_unobs_or_zero_occ_atoms.label_seq_id 
_pdbx_unobs_or_zero_occ_atoms.label_atom_id 
1  1 Y 1 A LYS 56   ? CG  ? A LYS 7  CG  
2  1 Y 1 A LYS 56   ? CD  ? A LYS 7  CD  
3  1 Y 1 A LYS 56   ? CE  ? A LYS 7  CE  
4  1 Y 1 A LYS 56   ? NZ  ? A LYS 7  NZ  
5  1 Y 1 A GLU 69   ? CD  ? A GLU 20 CD  
6  1 Y 1 A GLU 69   ? OE1 ? A GLU 20 OE1 
7  1 Y 1 A GLU 69   ? OE2 ? A GLU 20 OE2 
8  1 Y 1 A LYS 75   ? CE  ? A LYS 26 CE  
9  1 Y 1 A LYS 75   ? NZ  ? A LYS 26 NZ  
10 1 Y 1 A ARG 94   ? NH1 ? A ARG 45 NH1 
11 1 Y 1 A ARG 94   ? NH2 ? A ARG 45 NH2 
12 1 Y 1 A ARG 115  ? CZ  ? A ARG 66 CZ  
13 1 Y 1 A ARG 115  ? NH1 ? A ARG 66 NH1 
14 1 Y 1 A ARG 115  ? NH2 ? A ARG 66 NH2 
15 1 Y 1 B ARG 1270 ? CZ  ? B ARG 4  CZ  
16 1 Y 1 B ARG 1270 ? NH1 ? B ARG 4  NH1 
17 1 Y 1 B ARG 1270 ? NH2 ? B ARG 4  NH2 
18 1 Y 1 B LYS 1281 ? CD  ? B LYS 15 CD  
19 1 Y 1 B LYS 1281 ? CE  ? B LYS 15 CE  
20 1 Y 1 B LYS 1281 ? NZ  ? B LYS 15 NZ  
21 1 Y 1 B ASN 1283 ? CG  ? B ASN 17 CG  
22 1 Y 1 B ASN 1283 ? OD1 ? B ASN 17 OD1 
23 1 Y 1 B ASN 1283 ? ND2 ? B ASN 17 ND2 
# 
loop_
_software.citation_id 
_software.classification 
_software.compiler_name 
_software.compiler_version 
_software.contact_author 
_software.contact_author_email 
_software.date 
_software.description 
_software.dependencies 
_software.hardware 
_software.language 
_software.location 
_software.mods 
_software.name 
_software.os 
_software.os_version 
_software.type 
_software.version 
_software.pdbx_ordinal 
? refinement        ? ? ? ? ? ? ? ? ? ? ? PHENIX      ? ? ? 1.9_1692 1 
? 'data collection' ? ? ? ? ? ? ? ? ? ? ? HKL-3000    ? ? ? .        2 
? 'data scaling'    ? ? ? ? ? ? ? ? ? ? ? HKL-3000    ? ? ? .        3 
? phasing           ? ? ? ? ? ? ? ? ? ? ? SHARP       ? ? ? .        4 
? 'data extraction' ? ? ? ? ? ? ? ? ? ? ? PDB_EXTRACT ? ? ? 3.22     5 
? 'data reduction'  ? ? ? ? ? ? ? ? ? ? ? HKL-3000    ? ? ? .        6 
# 
_cell.length_a           69.485 
_cell.length_b           107.904 
_cell.length_c           30.887 
_cell.angle_alpha        90.000 
_cell.angle_beta         90.000 
_cell.angle_gamma        90.000 
_cell.entry_id           5Y18 
_cell.Z_PDB              8 
_cell.pdbx_unique_axis   ? 
# 
_symmetry.space_group_name_H-M             'C 2 2 21' 
_symmetry.entry_id                         5Y18 
_symmetry.Int_Tables_number                20 
_symmetry.pdbx_full_space_group_name_H-M   ? 
_symmetry.cell_setting                     ? 
# 
_exptl.absorpt_coefficient_mu     ? 
_exptl.absorpt_correction_T_max   ? 
_exptl.absorpt_correction_T_min   ? 
_exptl.absorpt_correction_type    ? 
_exptl.absorpt_process_details    ? 
_exptl.entry_id                   5Y18 
_exptl.crystals_number            1 
_exptl.details                    ? 
_exptl.method                     'X-RAY DIFFRACTION' 
_exptl.method_details             ? 
# 
_exptl_crystal.colour                      ? 
_exptl_crystal.density_diffrn              ? 
_exptl_crystal.density_Matthews            2.12 
_exptl_crystal.density_method              ? 
_exptl_crystal.density_percent_sol         41.87 
_exptl_crystal.description                 ? 
_exptl_crystal.F_000                       ? 
_exptl_crystal.id                          1 
_exptl_crystal.preparation                 ? 
_exptl_crystal.size_max                    ? 
_exptl_crystal.size_mid                    ? 
_exptl_crystal.size_min                    ? 
_exptl_crystal.size_rad                    ? 
_exptl_crystal.colour_lustre               ? 
_exptl_crystal.colour_modifier             ? 
_exptl_crystal.colour_primary              ? 
_exptl_crystal.density_meas                ? 
_exptl_crystal.density_meas_esd            ? 
_exptl_crystal.density_meas_gt             ? 
_exptl_crystal.density_meas_lt             ? 
_exptl_crystal.density_meas_temp           ? 
_exptl_crystal.density_meas_temp_esd       ? 
_exptl_crystal.density_meas_temp_gt        ? 
_exptl_crystal.density_meas_temp_lt        ? 
_exptl_crystal.pdbx_crystal_image_url      ? 
_exptl_crystal.pdbx_crystal_image_format   ? 
_exptl_crystal.pdbx_mosaicity              ? 
_exptl_crystal.pdbx_mosaicity_esd          ? 
# 
_exptl_crystal_grow.apparatus       ? 
_exptl_crystal_grow.atmosphere      ? 
_exptl_crystal_grow.crystal_id      1 
_exptl_crystal_grow.details         ? 
_exptl_crystal_grow.method          'VAPOR DIFFUSION, SITTING DROP' 
_exptl_crystal_grow.method_ref      ? 
_exptl_crystal_grow.pH              6.5 
_exptl_crystal_grow.pressure        ? 
_exptl_crystal_grow.pressure_esd    ? 
_exptl_crystal_grow.seeding         ? 
_exptl_crystal_grow.seeding_ref     ? 
_exptl_crystal_grow.temp            289 
_exptl_crystal_grow.temp_details    ? 
_exptl_crystal_grow.temp_esd        ? 
_exptl_crystal_grow.time            ? 
_exptl_crystal_grow.pdbx_details    '0.1M sodium citrate, pH6.5, 0.2M ammonium acetate,  30% PEG4000' 
_exptl_crystal_grow.pdbx_pH_range   ? 
# 
_diffrn.ambient_environment    ? 
_diffrn.ambient_temp           100 
_diffrn.ambient_temp_details   ? 
_diffrn.ambient_temp_esd       ? 
_diffrn.crystal_id             1 
_diffrn.crystal_support        ? 
_diffrn.crystal_treatment      ? 
_diffrn.details                ? 
_diffrn.id                     1 
_diffrn.ambient_pressure       ? 
_diffrn.ambient_pressure_esd   ? 
_diffrn.ambient_pressure_gt    ? 
_diffrn.ambient_pressure_lt    ? 
_diffrn.ambient_temp_gt        ? 
_diffrn.ambient_temp_lt        ? 
# 
_diffrn_detector.details                      ? 
_diffrn_detector.detector                     PIXEL 
_diffrn_detector.diffrn_id                    1 
_diffrn_detector.type                         'DECTRIS PILATUS3 S 6M' 
_diffrn_detector.area_resol_mean              ? 
_diffrn_detector.dtime                        ? 
_diffrn_detector.pdbx_frames_total            ? 
_diffrn_detector.pdbx_collection_time_total   ? 
_diffrn_detector.pdbx_collection_date         2015-01-27 
# 
_diffrn_radiation.collimation                      ? 
_diffrn_radiation.diffrn_id                        1 
_diffrn_radiation.filter_edge                      ? 
_diffrn_radiation.inhomogeneity                    ? 
_diffrn_radiation.monochromator                    ? 
_diffrn_radiation.polarisn_norm                    ? 
_diffrn_radiation.polarisn_ratio                   ? 
_diffrn_radiation.probe                            ? 
_diffrn_radiation.type                             ? 
_diffrn_radiation.xray_symbol                      ? 
_diffrn_radiation.wavelength_id                    1 
_diffrn_radiation.pdbx_monochromatic_or_laue_m_l   M 
_diffrn_radiation.pdbx_wavelength_list             ? 
_diffrn_radiation.pdbx_wavelength                  ? 
_diffrn_radiation.pdbx_diffrn_protocol             'SINGLE WAVELENGTH' 
_diffrn_radiation.pdbx_analyzer                    ? 
_diffrn_radiation.pdbx_scattering_type             x-ray 
# 
_diffrn_radiation_wavelength.id           1 
_diffrn_radiation_wavelength.wavelength   0.9785 
_diffrn_radiation_wavelength.wt           1.0 
# 
_diffrn_source.current                     ? 
_diffrn_source.details                     ? 
_diffrn_source.diffrn_id                   1 
_diffrn_source.power                       ? 
_diffrn_source.size                        ? 
_diffrn_source.source                      SYNCHROTRON 
_diffrn_source.target                      ? 
_diffrn_source.type                        'SSRF BEAMLINE BL19U1' 
_diffrn_source.voltage                     ? 
_diffrn_source.take-off_angle              ? 
_diffrn_source.pdbx_wavelength_list        0.9785 
_diffrn_source.pdbx_wavelength             ? 
_diffrn_source.pdbx_synchrotron_beamline   BL19U1 
_diffrn_source.pdbx_synchrotron_site       SSRF 
# 
_reflns.entry_id                     5Y18 
_reflns.pdbx_diffrn_id               1 
_reflns.pdbx_ordinal                 1 
_reflns.observed_criterion_sigma_I   ? 
_reflns.observed_criterion_sigma_F   ? 
_reflns.d_resolution_low             50.000 
_reflns.d_resolution_high            2.200 
_reflns.number_obs                   6179 
_reflns.number_all                   ? 
_reflns.percent_possible_obs         99.600 
_reflns.pdbx_Rmerge_I_obs            0.077 
_reflns.pdbx_Rsym_value              ? 
_reflns.pdbx_netI_over_sigmaI        6.600 
_reflns.B_iso_Wilson_estimate        ? 
_reflns.pdbx_redundancy              6.200 
_reflns.pdbx_Rrim_I_all              0.084 
_reflns.pdbx_Rpim_I_all              0.033 
_reflns.pdbx_CC_half                 ? 
_reflns.pdbx_netI_over_av_sigmaI     ? 
_reflns.pdbx_number_measured_all     38355 
_reflns.pdbx_scaling_rejects         ? 
_reflns.pdbx_chi_squared             0.851 
_reflns.Rmerge_F_all                 ? 
_reflns.Rmerge_F_obs                 ? 
_reflns.observed_criterion_F_max     ? 
_reflns.observed_criterion_F_min     ? 
_reflns.observed_criterion_I_max     ? 
_reflns.observed_criterion_I_min     ? 
_reflns.pdbx_d_res_high_opt          ? 
_reflns.pdbx_d_res_low_opt           ? 
_reflns.details                      ? 
# 
loop_
_reflns_shell.pdbx_diffrn_id 
_reflns_shell.pdbx_ordinal 
_reflns_shell.d_res_high 
_reflns_shell.d_res_low 
_reflns_shell.number_measured_obs 
_reflns_shell.number_measured_all 
_reflns_shell.number_unique_obs 
_reflns_shell.pdbx_rejects 
_reflns_shell.Rmerge_I_obs 
_reflns_shell.meanI_over_sigI_obs 
_reflns_shell.pdbx_Rsym_value 
_reflns_shell.pdbx_chi_squared 
_reflns_shell.pdbx_redundancy 
_reflns_shell.percent_possible_obs 
_reflns_shell.pdbx_netI_over_sigmaI_obs 
_reflns_shell.number_possible 
_reflns_shell.number_unique_all 
_reflns_shell.Rmerge_F_all 
_reflns_shell.Rmerge_F_obs 
_reflns_shell.Rmerge_I_all 
_reflns_shell.meanI_over_sigI_all 
_reflns_shell.percent_possible_all 
_reflns_shell.pdbx_Rrim_I_all 
_reflns_shell.pdbx_Rpim_I_all 
_reflns_shell.pdbx_CC_half 
1 1  2.200 2.280  ? ? 594 ? 0.413 ? ? 0.957 5.400 ? ? ? ? ? ? ? ? 99.800  0.457 0.192 0.901 
1 2  2.280 2.370  ? ? 615 ? 0.303 ? ? 1.004 6.100 ? ? ? ? ? ? ? ? 99.500  0.332 0.132 0.950 
1 3  2.370 2.480  ? ? 589 ? 0.256 ? ? 0.991 6.500 ? ? ? ? ? ? ? ? 100.000 0.279 0.108 0.957 
1 4  2.480 2.610  ? ? 610 ? 0.190 ? ? 0.970 6.500 ? ? ? ? ? ? ? ? 99.700  0.206 0.080 0.975 
1 5  2.610 2.770  ? ? 606 ? 0.153 ? ? 0.927 6.200 ? ? ? ? ? ? ? ? 99.300  0.167 0.066 0.982 
1 6  2.770 2.990  ? ? 616 ? 0.122 ? ? 0.853 6.400 ? ? ? ? ? ? ? ? 100.000 0.132 0.051 0.988 
1 7  2.990 3.290  ? ? 616 ? 0.084 ? ? 0.726 6.500 ? ? ? ? ? ? ? ? 99.800  0.091 0.036 0.990 
1 8  3.290 3.760  ? ? 627 ? 0.056 ? ? 0.710 6.200 ? ? ? ? ? ? ? ? 98.900  0.061 0.024 0.997 
1 9  3.760 4.740  ? ? 629 ? 0.044 ? ? 0.648 6.500 ? ? ? ? ? ? ? ? 99.800  0.048 0.019 0.997 
1 10 4.740 50.000 ? ? 677 ? 0.053 ? ? 0.771 5.800 ? ? ? ? ? ? ? ? 98.800  0.058 0.024 0.995 
# 
_refine.entry_id                                 5Y18 
_refine.pdbx_refine_id                           'X-RAY DIFFRACTION' 
_refine.ls_d_res_high                            2.2020 
_refine.ls_d_res_low                             26.9760 
_refine.pdbx_ls_sigma_F                          1.360 
_refine.pdbx_data_cutoff_high_absF               ? 
_refine.pdbx_data_cutoff_low_absF                ? 
_refine.ls_percent_reflns_obs                    99.1400 
_refine.ls_number_reflns_obs                     6142 
_refine.ls_number_reflns_all                     ? 
_refine.pdbx_ls_cross_valid_method               ? 
_refine.ls_matrix_type                           ? 
_refine.pdbx_R_Free_selection_details            ? 
_refine.details                                  ? 
_refine.ls_R_factor_all                          ? 
_refine.ls_R_factor_obs                          0.1880 
_refine.ls_R_factor_R_work                       0.1865 
_refine.ls_wR_factor_R_work                      ? 
_refine.ls_R_factor_R_free                       0.2192 
_refine.ls_wR_factor_R_free                      ? 
_refine.ls_percent_reflns_R_free                 5.0600 
_refine.ls_number_reflns_R_free                  311 
_refine.ls_number_reflns_R_work                  5831 
_refine.ls_R_factor_R_free_error                 ? 
_refine.B_iso_mean                               37.3050 
_refine.solvent_model_param_bsol                 ? 
_refine.solvent_model_param_ksol                 ? 
_refine.pdbx_isotropic_thermal_model             ? 
_refine.aniso_B[1][1]                            ? 
_refine.aniso_B[2][2]                            ? 
_refine.aniso_B[3][3]                            ? 
_refine.aniso_B[1][2]                            ? 
_refine.aniso_B[1][3]                            ? 
_refine.aniso_B[2][3]                            ? 
_refine.correlation_coeff_Fo_to_Fc               ? 
_refine.correlation_coeff_Fo_to_Fc_free          ? 
_refine.overall_SU_R_Cruickshank_DPI             ? 
_refine.pdbx_overall_SU_R_free_Cruickshank_DPI   ? 
_refine.pdbx_overall_SU_R_Blow_DPI               ? 
_refine.pdbx_overall_SU_R_free_Blow_DPI          ? 
_refine.overall_SU_R_free                        ? 
_refine.pdbx_overall_ESU_R                       ? 
_refine.pdbx_overall_ESU_R_Free                  ? 
_refine.overall_SU_ML                            0.2300 
_refine.overall_SU_B                             ? 
_refine.solvent_model_details                    'FLAT BULK SOLVENT MODEL' 
_refine.pdbx_solvent_vdw_probe_radii             1.1100 
_refine.pdbx_solvent_ion_probe_radii             ? 
_refine.pdbx_solvent_shrinkage_radii             0.9000 
_refine.ls_number_parameters                     ? 
_refine.ls_number_restraints                     ? 
_refine.pdbx_starting_model                      ? 
_refine.pdbx_method_to_determine_struct          SAD 
_refine.pdbx_stereochemistry_target_values       ML 
_refine.pdbx_stereochem_target_val_spec_case     ? 
_refine.overall_FOM_work_R_set                   ? 
_refine.B_iso_max                                100.660 
_refine.B_iso_min                                19.930 
_refine.pdbx_overall_phase_error                 21.3400 
_refine.occupancy_max                            ? 
_refine.occupancy_min                            ? 
_refine.pdbx_diffrn_id                           1 
_refine.pdbx_TLS_residual_ADP_flag               ? 
_refine.pdbx_ls_sigma_I                          ? 
_refine.pdbx_data_cutoff_high_rms_absF           ? 
_refine.ls_R_factor_R_free_error_details         ? 
# 
_refine_hist.cycle_id                         final 
_refine_hist.pdbx_refine_id                   'X-RAY DIFFRACTION' 
_refine_hist.d_res_high                       2.2020 
_refine_hist.d_res_low                        26.9760 
_refine_hist.pdbx_number_atoms_ligand         0 
_refine_hist.number_atoms_solvent             52 
_refine_hist.number_atoms_total               866 
_refine_hist.pdbx_number_residues_total       102 
_refine_hist.pdbx_B_iso_mean_solvent          45.32 
_refine_hist.pdbx_number_atoms_protein        814 
_refine_hist.pdbx_number_atoms_nucleic_acid   0 
# 
loop_
_refine_ls_restr.pdbx_refine_id 
_refine_ls_restr.type 
_refine_ls_restr.number 
_refine_ls_restr.dev_ideal 
_refine_ls_restr.dev_ideal_target 
_refine_ls_restr.weight 
_refine_ls_restr.pdbx_restraint_function 
'X-RAY DIFFRACTION' f_bond_d           827  0.002  ? ? ? 
'X-RAY DIFFRACTION' f_angle_d          1109 0.530  ? ? ? 
'X-RAY DIFFRACTION' f_chiral_restr     127  0.020  ? ? ? 
'X-RAY DIFFRACTION' f_plane_restr      138  0.002  ? ? ? 
'X-RAY DIFFRACTION' f_dihedral_angle_d 314  13.787 ? ? ? 
# 
loop_
_refine_ls_shell.d_res_high 
_refine_ls_shell.d_res_low 
_refine_ls_shell.pdbx_total_number_of_bins_used 
_refine_ls_shell.percent_reflns_obs 
_refine_ls_shell.number_reflns_R_work 
_refine_ls_shell.R_factor_all 
_refine_ls_shell.R_factor_R_work 
_refine_ls_shell.R_factor_R_free 
_refine_ls_shell.percent_reflns_R_free 
_refine_ls_shell.number_reflns_R_free 
_refine_ls_shell.R_factor_R_free_error 
_refine_ls_shell.number_reflns_all 
_refine_ls_shell.number_reflns_obs 
_refine_ls_shell.pdbx_refine_id 
2.2024 2.7743  2 99.0000 2843 . 0.2067 0.2632 . 148 0.0000 2991 . 'X-RAY DIFFRACTION' 
2.7743 26.9780 2 99.0000 2988 . 0.1791 0.2024 . 163 0.0000 3151 . 'X-RAY DIFFRACTION' 
# 
_struct.entry_id                     5Y18 
_struct.title                        'Crystal structure of DAXX helical bundle domain in complex with ATRX' 
_struct.pdbx_model_details           ? 
_struct.pdbx_formula_weight          ? 
_struct.pdbx_formula_weight_method   ? 
_struct.pdbx_model_type_details      ? 
_struct.pdbx_CASP_flag               N 
# 
_struct_keywords.entry_id        5Y18 
_struct_keywords.text            'chromatin remodeling, histone chaperone, PROTEIN BINDING' 
_struct_keywords.pdbx_keywords   'PROTEIN BINDING' 
# 
loop_
_struct_asym.id 
_struct_asym.pdbx_blank_PDB_chainid_flag 
_struct_asym.pdbx_modified 
_struct_asym.entity_id 
_struct_asym.details 
A N N 1 ? 
B N N 2 ? 
C N N 3 ? 
D N N 3 ? 
# 
loop_
_struct_ref.id 
_struct_ref.db_name 
_struct_ref.db_code 
_struct_ref.pdbx_db_accession 
_struct_ref.pdbx_db_isoform 
_struct_ref.entity_id 
_struct_ref.pdbx_seq_one_letter_code 
_struct_ref.pdbx_align_begin 
1 UNP DAXX_HUMAN Q9UER7 ? 1 
;GKKCYKLENEKLFEEFLELCKMQTADHPEVVPFLYNRQQRAHSLFLASAEFCNILSRVLSRARSRPAKLYVYINELCTVL
KAHSAKKKLN
;
55   
2 UNP ATRX_HUMAN P46100 ? 2 ENRIAKKMLLEEIKANLSSDED                                                                        1268 
# 
loop_
_struct_ref_seq.align_id 
_struct_ref_seq.ref_id 
_struct_ref_seq.pdbx_PDB_id_code 
_struct_ref_seq.pdbx_strand_id 
_struct_ref_seq.seq_align_beg 
_struct_ref_seq.pdbx_seq_align_beg_ins_code 
_struct_ref_seq.seq_align_end 
_struct_ref_seq.pdbx_seq_align_end_ins_code 
_struct_ref_seq.pdbx_db_accession 
_struct_ref_seq.db_align_beg 
_struct_ref_seq.pdbx_db_align_beg_ins_code 
_struct_ref_seq.db_align_end 
_struct_ref_seq.pdbx_db_align_end_ins_code 
_struct_ref_seq.pdbx_auth_seq_align_beg 
_struct_ref_seq.pdbx_auth_seq_align_end 
1 1 5Y18 A 6 ? 95 ? Q9UER7 55   ? 144  ? 55   144  
2 2 5Y18 B 2 ? 23 ? P46100 1268 ? 1289 ? 1268 1289 
# 
loop_
_struct_ref_seq_dif.align_id 
_struct_ref_seq_dif.pdbx_pdb_id_code 
_struct_ref_seq_dif.mon_id 
_struct_ref_seq_dif.pdbx_pdb_strand_id 
_struct_ref_seq_dif.seq_num 
_struct_ref_seq_dif.pdbx_pdb_ins_code 
_struct_ref_seq_dif.pdbx_seq_db_name 
_struct_ref_seq_dif.pdbx_seq_db_accession_code 
_struct_ref_seq_dif.db_mon_id 
_struct_ref_seq_dif.pdbx_seq_db_seq_num 
_struct_ref_seq_dif.details 
_struct_ref_seq_dif.pdbx_auth_seq_num 
_struct_ref_seq_dif.pdbx_ordinal 
1 5Y18 GLY A 1 ? UNP Q9UER7 ? ? 'expression tag'       50   1 
1 5Y18 PRO A 2 ? UNP Q9UER7 ? ? 'expression tag'       51   2 
1 5Y18 LEU A 3 ? UNP Q9UER7 ? ? 'expression tag'       52   3 
1 5Y18 GLY A 4 ? UNP Q9UER7 ? ? 'expression tag'       53   4 
1 5Y18 SER A 5 ? UNP Q9UER7 ? ? 'expression tag'       54   5 
2 5Y18 SER B 1 ? UNP P46100 ? ? 'see sequence details' 1267 6 
# 
_pdbx_struct_assembly.id                   1 
_pdbx_struct_assembly.details              author_and_software_defined_assembly 
_pdbx_struct_assembly.method_details       PISA 
_pdbx_struct_assembly.oligomeric_details   dimeric 
_pdbx_struct_assembly.oligomeric_count     2 
# 
loop_
_pdbx_struct_assembly_prop.biol_id 
_pdbx_struct_assembly_prop.type 
_pdbx_struct_assembly_prop.value 
_pdbx_struct_assembly_prop.details 
1 'ABSA (A^2)' 1100 ? 
1 MORE         -8   ? 
1 'SSA (A^2)'  6200 ? 
# 
_pdbx_struct_assembly_gen.assembly_id       1 
_pdbx_struct_assembly_gen.oper_expression   1 
_pdbx_struct_assembly_gen.asym_id_list      A,B,C,D 
# 
_pdbx_struct_assembly_auth_evidence.id                     1 
_pdbx_struct_assembly_auth_evidence.assembly_id            1 
_pdbx_struct_assembly_auth_evidence.experimental_support   'gel filtration' 
_pdbx_struct_assembly_auth_evidence.details                'A,B forms a heterodimer.' 
# 
_pdbx_struct_oper_list.id                   1 
_pdbx_struct_oper_list.type                 'identity operation' 
_pdbx_struct_oper_list.name                 1_555 
_pdbx_struct_oper_list.symmetry_operation   x,y,z 
_pdbx_struct_oper_list.matrix[1][1]         1.0000000000 
_pdbx_struct_oper_list.matrix[1][2]         0.0000000000 
_pdbx_struct_oper_list.matrix[1][3]         0.0000000000 
_pdbx_struct_oper_list.vector[1]            0.0000000000 
_pdbx_struct_oper_list.matrix[2][1]         0.0000000000 
_pdbx_struct_oper_list.matrix[2][2]         1.0000000000 
_pdbx_struct_oper_list.matrix[2][3]         0.0000000000 
_pdbx_struct_oper_list.vector[2]            0.0000000000 
_pdbx_struct_oper_list.matrix[3][1]         0.0000000000 
_pdbx_struct_oper_list.matrix[3][2]         0.0000000000 
_pdbx_struct_oper_list.matrix[3][3]         1.0000000000 
_pdbx_struct_oper_list.vector[3]            0.0000000000 
# 
loop_
_struct_conf.conf_type_id 
_struct_conf.id 
_struct_conf.pdbx_PDB_helix_id 
_struct_conf.beg_label_comp_id 
_struct_conf.beg_label_asym_id 
_struct_conf.beg_label_seq_id 
_struct_conf.pdbx_beg_PDB_ins_code 
_struct_conf.end_label_comp_id 
_struct_conf.end_label_asym_id 
_struct_conf.end_label_seq_id 
_struct_conf.pdbx_end_PDB_ins_code 
_struct_conf.beg_auth_comp_id 
_struct_conf.beg_auth_asym_id 
_struct_conf.beg_auth_seq_id 
_struct_conf.end_auth_comp_id 
_struct_conf.end_auth_asym_id 
_struct_conf.end_auth_seq_id 
_struct_conf.pdbx_PDB_helix_class 
_struct_conf.details 
_struct_conf.pdbx_PDB_helix_length 
HELX_P HELX_P1 AA1 CYS A 9  ? THR A 29 ? CYS A 58   THR A 78   1 ? 21 
HELX_P HELX_P2 AA2 GLU A 34 ? ARG A 45 ? GLU A 83   ARG A 94   1 ? 12 
HELX_P HELX_P3 AA3 HIS A 47 ? ALA A 52 ? HIS A 96   ALA A 101  1 ? 6  
HELX_P HELX_P4 AA4 SER A 53 ? ARG A 70 ? SER A 102  ARG A 119  1 ? 18 
HELX_P HELX_P5 AA5 LYS A 73 ? HIS A 88 ? LYS A 122  HIS A 137  1 ? 16 
HELX_P HELX_P6 AA6 GLU B 2  ? ASN B 17 ? GLU B 1268 ASN B 1283 1 ? 16 
# 
_struct_conf_type.id          HELX_P 
_struct_conf_type.criteria    ? 
_struct_conf_type.reference   ? 
# 
loop_
_struct_conn.id 
_struct_conn.conn_type_id 
_struct_conn.pdbx_leaving_atom_flag 
_struct_conn.pdbx_PDB_id 
_struct_conn.ptnr1_label_asym_id 
_struct_conn.ptnr1_label_comp_id 
_struct_conn.ptnr1_label_seq_id 
_struct_conn.ptnr1_label_atom_id 
_struct_conn.pdbx_ptnr1_label_alt_id 
_struct_conn.pdbx_ptnr1_PDB_ins_code 
_struct_conn.pdbx_ptnr1_standard_comp_id 
_struct_conn.ptnr1_symmetry 
_struct_conn.ptnr2_label_asym_id 
_struct_conn.ptnr2_label_comp_id 
_struct_conn.ptnr2_label_seq_id 
_struct_conn.ptnr2_label_atom_id 
_struct_conn.pdbx_ptnr2_label_alt_id 
_struct_conn.pdbx_ptnr2_PDB_ins_code 
_struct_conn.ptnr1_auth_asym_id 
_struct_conn.ptnr1_auth_comp_id 
_struct_conn.ptnr1_auth_seq_id 
_struct_conn.ptnr2_auth_asym_id 
_struct_conn.ptnr2_auth_comp_id 
_struct_conn.ptnr2_auth_seq_id 
_struct_conn.ptnr2_symmetry 
_struct_conn.pdbx_ptnr3_label_atom_id 
_struct_conn.pdbx_ptnr3_label_seq_id 
_struct_conn.pdbx_ptnr3_label_comp_id 
_struct_conn.pdbx_ptnr3_label_asym_id 
_struct_conn.pdbx_ptnr3_label_alt_id 
_struct_conn.pdbx_ptnr3_PDB_ins_code 
_struct_conn.details 
_struct_conn.pdbx_dist_value 
_struct_conn.pdbx_value_order 
_struct_conn.pdbx_role 
covale1 covale both ? A LYS 26 C ? ? ? 1_555 A MSE 27 N ? ? A LYS 75   A MSE 76   1_555 ? ? ? ? ? ? ? 1.328 ? ? 
covale2 covale both ? A MSE 27 C ? ? ? 1_555 A GLN 28 N ? ? A MSE 76   A GLN 77   1_555 ? ? ? ? ? ? ? 1.329 ? ? 
covale3 covale both ? B LYS 8  C ? ? ? 1_555 B MSE 9  N ? ? B LYS 1274 B MSE 1275 1_555 ? ? ? ? ? ? ? 1.328 ? ? 
covale4 covale both ? B MSE 9  C ? ? ? 1_555 B LEU 10 N ? ? B MSE 1275 B LEU 1276 1_555 ? ? ? ? ? ? ? 1.331 ? ? 
# 
_struct_conn_type.id          covale 
_struct_conn_type.criteria    ? 
_struct_conn_type.reference   ? 
# 
loop_
_pdbx_modification_feature.ordinal 
_pdbx_modification_feature.label_comp_id 
_pdbx_modification_feature.label_asym_id 
_pdbx_modification_feature.label_seq_id 
_pdbx_modification_feature.label_alt_id 
_pdbx_modification_feature.modified_residue_label_comp_id 
_pdbx_modification_feature.modified_residue_label_asym_id 
_pdbx_modification_feature.modified_residue_label_seq_id 
_pdbx_modification_feature.modified_residue_label_alt_id 
_pdbx_modification_feature.auth_comp_id 
_pdbx_modification_feature.auth_asym_id 
_pdbx_modification_feature.auth_seq_id 
_pdbx_modification_feature.PDB_ins_code 
_pdbx_modification_feature.symmetry 
_pdbx_modification_feature.modified_residue_auth_comp_id 
_pdbx_modification_feature.modified_residue_auth_asym_id 
_pdbx_modification_feature.modified_residue_auth_seq_id 
_pdbx_modification_feature.modified_residue_PDB_ins_code 
_pdbx_modification_feature.modified_residue_symmetry 
_pdbx_modification_feature.comp_id_linking_atom 
_pdbx_modification_feature.modified_residue_id_linking_atom 
_pdbx_modification_feature.modified_residue_id 
_pdbx_modification_feature.ref_pcm_id 
_pdbx_modification_feature.ref_comp_id 
_pdbx_modification_feature.type 
_pdbx_modification_feature.category 
1 MSE A 27 ? . . . . MSE A 76   ? 1_555 . . . . . . . MET 1 MSE Selenomethionine 'Named protein modification' 
2 MSE B 9  ? . . . . MSE B 1275 ? 1_555 . . . . . . . MET 1 MSE Selenomethionine 'Named protein modification' 
# 
_pdbx_entry_details.entry_id                   5Y18 
_pdbx_entry_details.nonpolymer_details         ? 
_pdbx_entry_details.sequence_details           
'Authors state that the extra residue S is a remained residue after cleavage of fusion tag.' 
_pdbx_entry_details.compound_details           ? 
_pdbx_entry_details.source_details             ? 
_pdbx_entry_details.has_ligand_of_interest     ? 
_pdbx_entry_details.has_protein_modification   Y 
# 
_pdbx_validate_close_contact.id               1 
_pdbx_validate_close_contact.PDB_model_num    1 
_pdbx_validate_close_contact.auth_atom_id_1   OE1 
_pdbx_validate_close_contact.auth_asym_id_1   A 
_pdbx_validate_close_contact.auth_comp_id_1   GLN 
_pdbx_validate_close_contact.auth_seq_id_1    77 
_pdbx_validate_close_contact.PDB_ins_code_1   ? 
_pdbx_validate_close_contact.label_alt_id_1   ? 
_pdbx_validate_close_contact.auth_atom_id_2   O 
_pdbx_validate_close_contact.auth_asym_id_2   A 
_pdbx_validate_close_contact.auth_comp_id_2   HOH 
_pdbx_validate_close_contact.auth_seq_id_2    201 
_pdbx_validate_close_contact.PDB_ins_code_2   ? 
_pdbx_validate_close_contact.label_alt_id_2   ? 
_pdbx_validate_close_contact.dist             2.19 
# 
_pdbx_validate_symm_contact.id                1 
_pdbx_validate_symm_contact.PDB_model_num     1 
_pdbx_validate_symm_contact.auth_atom_id_1    O 
_pdbx_validate_symm_contact.auth_asym_id_1    A 
_pdbx_validate_symm_contact.auth_comp_id_1    HOH 
_pdbx_validate_symm_contact.auth_seq_id_1     237 
_pdbx_validate_symm_contact.PDB_ins_code_1    ? 
_pdbx_validate_symm_contact.label_alt_id_1    ? 
_pdbx_validate_symm_contact.site_symmetry_1   1_555 
_pdbx_validate_symm_contact.auth_atom_id_2    O 
_pdbx_validate_symm_contact.auth_asym_id_2    A 
_pdbx_validate_symm_contact.auth_comp_id_2    HOH 
_pdbx_validate_symm_contact.auth_seq_id_2     240 
_pdbx_validate_symm_contact.PDB_ins_code_2    ? 
_pdbx_validate_symm_contact.label_alt_id_2    ? 
_pdbx_validate_symm_contact.site_symmetry_2   1_554 
_pdbx_validate_symm_contact.dist              1.96 
# 
loop_
_pdbx_struct_mod_residue.id 
_pdbx_struct_mod_residue.label_asym_id 
_pdbx_struct_mod_residue.label_comp_id 
_pdbx_struct_mod_residue.label_seq_id 
_pdbx_struct_mod_residue.auth_asym_id 
_pdbx_struct_mod_residue.auth_comp_id 
_pdbx_struct_mod_residue.auth_seq_id 
_pdbx_struct_mod_residue.PDB_ins_code 
_pdbx_struct_mod_residue.parent_comp_id 
_pdbx_struct_mod_residue.details 
1 A MSE 27 A MSE 76   ? MET 'modified residue' 
2 B MSE 9  B MSE 1275 ? MET 'modified residue' 
# 
loop_
_pdbx_refine_tls.pdbx_refine_id 
_pdbx_refine_tls.id 
_pdbx_refine_tls.details 
_pdbx_refine_tls.method 
_pdbx_refine_tls.origin_x 
_pdbx_refine_tls.origin_y 
_pdbx_refine_tls.origin_z 
_pdbx_refine_tls.T[1][1] 
_pdbx_refine_tls.T[2][2] 
_pdbx_refine_tls.T[3][3] 
_pdbx_refine_tls.T[1][2] 
_pdbx_refine_tls.T[1][3] 
_pdbx_refine_tls.T[2][3] 
_pdbx_refine_tls.L[1][1] 
_pdbx_refine_tls.L[2][2] 
_pdbx_refine_tls.L[3][3] 
_pdbx_refine_tls.L[1][2] 
_pdbx_refine_tls.L[1][3] 
_pdbx_refine_tls.L[2][3] 
_pdbx_refine_tls.S[1][1] 
_pdbx_refine_tls.S[2][2] 
_pdbx_refine_tls.S[3][3] 
_pdbx_refine_tls.S[1][2] 
_pdbx_refine_tls.S[1][3] 
_pdbx_refine_tls.S[2][3] 
_pdbx_refine_tls.S[2][1] 
_pdbx_refine_tls.S[3][1] 
_pdbx_refine_tls.S[3][2] 
'X-RAY DIFFRACTION' 1 ? refined 3.5764  8.5453   1.1593  0.3394 0.2453 0.3811 0.0223  0.0338  0.0678  2.1715 3.9164 9.3092  1.0579  -0.4893 4.9672 -0.1214 0.1343 -0.0278 0.0056  0.2464  -0.0772 -0.0043 -0.0487 0.1745  
'X-RAY DIFFRACTION' 2 ? refined -5.7021 1.5756   2.1502  0.3491 0.3124 0.2943 -0.0071 0.0114  0.0374  1.7104 2.6339 5.1085  1.8762  0.9588  2.1375 -0.0881 0.3167 -0.0483 0.0058  -0.1246 0.1769  -0.2792 0.1548  -0.6549 
'X-RAY DIFFRACTION' 3 ? refined 9.2756  0.7845   0.7890  0.2825 0.2815 0.2738 0.0083  -0.0176 0.0220  3.1764 2.6026 15.2763 -0.3861 -5.0659 4.9036 -0.1782 0.2100 -0.0001 -0.0547 0.0244  0.0904  0.0838  0.6778  0.4959  
'X-RAY DIFFRACTION' 4 ? refined -0.1571 -4.5687  0.7446  0.3855 0.2213 0.3222 -0.0729 0.0360  0.0003  4.8414 2.7064 11.5867 0.9343  -3.2389 0.4332 -0.6555 0.0962 0.5371  0.3150  -0.6593 0.1304  0.0328  0.3612  -0.3262 
'X-RAY DIFFRACTION' 5 ? refined -5.4546 -10.1379 -7.4416 0.4886 0.3100 0.4663 -0.1457 0.0620  -0.0389 3.8585 5.6344 4.4215  -3.6258 1.1807  1.8976 -0.3958 0.5109 0.0054  -0.0422 -1.0419 0.7295  0.0631  0.7223  -0.1685 
# 
loop_
_pdbx_refine_tls_group.pdbx_refine_id 
_pdbx_refine_tls_group.id 
_pdbx_refine_tls_group.refine_tls_id 
_pdbx_refine_tls_group.beg_auth_asym_id 
_pdbx_refine_tls_group.beg_auth_seq_id 
_pdbx_refine_tls_group.end_auth_asym_id 
_pdbx_refine_tls_group.end_auth_seq_id 
_pdbx_refine_tls_group.selection_details 
_pdbx_refine_tls_group.beg_label_asym_id 
_pdbx_refine_tls_group.beg_label_seq_id 
_pdbx_refine_tls_group.end_label_asym_id 
_pdbx_refine_tls_group.end_label_seq_id 
_pdbx_refine_tls_group.selection 
'X-RAY DIFFRACTION' 1 1 A 56  A 77  
;chain 'A' and (resid 56 through 77 )
;
? ? ? ? ? 
'X-RAY DIFFRACTION' 2 2 A 78  A 102 
;chain 'A' and (resid 78 through 102 )
;
? ? ? ? ? 
'X-RAY DIFFRACTION' 3 3 A 103 A 119 
;chain 'A' and (resid 103 through 119 )
;
? ? ? ? ? 
'X-RAY DIFFRACTION' 4 4 A 120 A 140 
;chain 'A' and (resid 120 through 140 )
;
? ? ? ? ? 
'X-RAY DIFFRACTION' 5 5 B 0   B 0   
;chain 'B' and (resid 1267 through 1283 )
;
? ? ? ? ? 
# 
_phasing.method   SAD 
# 
loop_
_pdbx_unobs_or_zero_occ_residues.id 
_pdbx_unobs_or_zero_occ_residues.PDB_model_num 
_pdbx_unobs_or_zero_occ_residues.polymer_flag 
_pdbx_unobs_or_zero_occ_residues.occupancy_flag 
_pdbx_unobs_or_zero_occ_residues.auth_asym_id 
_pdbx_unobs_or_zero_occ_residues.auth_comp_id 
_pdbx_unobs_or_zero_occ_residues.auth_seq_id 
_pdbx_unobs_or_zero_occ_residues.PDB_ins_code 
_pdbx_unobs_or_zero_occ_residues.label_asym_id 
_pdbx_unobs_or_zero_occ_residues.label_comp_id 
_pdbx_unobs_or_zero_occ_residues.label_seq_id 
1  1 Y 1 A GLY 50   ? A GLY 1  
2  1 Y 1 A PRO 51   ? A PRO 2  
3  1 Y 1 A LEU 52   ? A LEU 3  
4  1 Y 1 A GLY 53   ? A GLY 4  
5  1 Y 1 A SER 54   ? A SER 5  
6  1 Y 1 A GLY 55   ? A GLY 6  
7  1 Y 1 A LYS 141  ? A LYS 92 
8  1 Y 1 A LYS 142  ? A LYS 93 
9  1 Y 1 A LEU 143  ? A LEU 94 
10 1 Y 1 A ASN 144  ? A ASN 95 
11 1 Y 1 B LEU 1284 ? B LEU 18 
12 1 Y 1 B SER 1285 ? B SER 19 
13 1 Y 1 B SER 1286 ? B SER 20 
14 1 Y 1 B ASP 1287 ? B ASP 21 
15 1 Y 1 B GLU 1288 ? B GLU 22 
16 1 Y 1 B ASP 1289 ? B ASP 23 
# 
loop_
_chem_comp_atom.comp_id 
_chem_comp_atom.atom_id 
_chem_comp_atom.type_symbol 
_chem_comp_atom.pdbx_aromatic_flag 
_chem_comp_atom.pdbx_stereo_config 
_chem_comp_atom.pdbx_ordinal 
ALA N    N  N N 1   
ALA CA   C  N S 2   
ALA C    C  N N 3   
ALA O    O  N N 4   
ALA CB   C  N N 5   
ALA OXT  O  N N 6   
ALA H    H  N N 7   
ALA H2   H  N N 8   
ALA HA   H  N N 9   
ALA HB1  H  N N 10  
ALA HB2  H  N N 11  
ALA HB3  H  N N 12  
ALA HXT  H  N N 13  
ARG N    N  N N 14  
ARG CA   C  N S 15  
ARG C    C  N N 16  
ARG O    O  N N 17  
ARG CB   C  N N 18  
ARG CG   C  N N 19  
ARG CD   C  N N 20  
ARG NE   N  N N 21  
ARG CZ   C  N N 22  
ARG NH1  N  N N 23  
ARG NH2  N  N N 24  
ARG OXT  O  N N 25  
ARG H    H  N N 26  
ARG H2   H  N N 27  
ARG HA   H  N N 28  
ARG HB2  H  N N 29  
ARG HB3  H  N N 30  
ARG HG2  H  N N 31  
ARG HG3  H  N N 32  
ARG HD2  H  N N 33  
ARG HD3  H  N N 34  
ARG HE   H  N N 35  
ARG HH11 H  N N 36  
ARG HH12 H  N N 37  
ARG HH21 H  N N 38  
ARG HH22 H  N N 39  
ARG HXT  H  N N 40  
ASN N    N  N N 41  
ASN CA   C  N S 42  
ASN C    C  N N 43  
ASN O    O  N N 44  
ASN CB   C  N N 45  
ASN CG   C  N N 46  
ASN OD1  O  N N 47  
ASN ND2  N  N N 48  
ASN OXT  O  N N 49  
ASN H    H  N N 50  
ASN H2   H  N N 51  
ASN HA   H  N N 52  
ASN HB2  H  N N 53  
ASN HB3  H  N N 54  
ASN HD21 H  N N 55  
ASN HD22 H  N N 56  
ASN HXT  H  N N 57  
ASP N    N  N N 58  
ASP CA   C  N S 59  
ASP C    C  N N 60  
ASP O    O  N N 61  
ASP CB   C  N N 62  
ASP CG   C  N N 63  
ASP OD1  O  N N 64  
ASP OD2  O  N N 65  
ASP OXT  O  N N 66  
ASP H    H  N N 67  
ASP H2   H  N N 68  
ASP HA   H  N N 69  
ASP HB2  H  N N 70  
ASP HB3  H  N N 71  
ASP HD2  H  N N 72  
ASP HXT  H  N N 73  
CYS N    N  N N 74  
CYS CA   C  N R 75  
CYS C    C  N N 76  
CYS O    O  N N 77  
CYS CB   C  N N 78  
CYS SG   S  N N 79  
CYS OXT  O  N N 80  
CYS H    H  N N 81  
CYS H2   H  N N 82  
CYS HA   H  N N 83  
CYS HB2  H  N N 84  
CYS HB3  H  N N 85  
CYS HG   H  N N 86  
CYS HXT  H  N N 87  
GLN N    N  N N 88  
GLN CA   C  N S 89  
GLN C    C  N N 90  
GLN O    O  N N 91  
GLN CB   C  N N 92  
GLN CG   C  N N 93  
GLN CD   C  N N 94  
GLN OE1  O  N N 95  
GLN NE2  N  N N 96  
GLN OXT  O  N N 97  
GLN H    H  N N 98  
GLN H2   H  N N 99  
GLN HA   H  N N 100 
GLN HB2  H  N N 101 
GLN HB3  H  N N 102 
GLN HG2  H  N N 103 
GLN HG3  H  N N 104 
GLN HE21 H  N N 105 
GLN HE22 H  N N 106 
GLN HXT  H  N N 107 
GLU N    N  N N 108 
GLU CA   C  N S 109 
GLU C    C  N N 110 
GLU O    O  N N 111 
GLU CB   C  N N 112 
GLU CG   C  N N 113 
GLU CD   C  N N 114 
GLU OE1  O  N N 115 
GLU OE2  O  N N 116 
GLU OXT  O  N N 117 
GLU H    H  N N 118 
GLU H2   H  N N 119 
GLU HA   H  N N 120 
GLU HB2  H  N N 121 
GLU HB3  H  N N 122 
GLU HG2  H  N N 123 
GLU HG3  H  N N 124 
GLU HE2  H  N N 125 
GLU HXT  H  N N 126 
GLY N    N  N N 127 
GLY CA   C  N N 128 
GLY C    C  N N 129 
GLY O    O  N N 130 
GLY OXT  O  N N 131 
GLY H    H  N N 132 
GLY H2   H  N N 133 
GLY HA2  H  N N 134 
GLY HA3  H  N N 135 
GLY HXT  H  N N 136 
HIS N    N  N N 137 
HIS CA   C  N S 138 
HIS C    C  N N 139 
HIS O    O  N N 140 
HIS CB   C  N N 141 
HIS CG   C  Y N 142 
HIS ND1  N  Y N 143 
HIS CD2  C  Y N 144 
HIS CE1  C  Y N 145 
HIS NE2  N  Y N 146 
HIS OXT  O  N N 147 
HIS H    H  N N 148 
HIS H2   H  N N 149 
HIS HA   H  N N 150 
HIS HB2  H  N N 151 
HIS HB3  H  N N 152 
HIS HD1  H  N N 153 
HIS HD2  H  N N 154 
HIS HE1  H  N N 155 
HIS HE2  H  N N 156 
HIS HXT  H  N N 157 
HOH O    O  N N 158 
HOH H1   H  N N 159 
HOH H2   H  N N 160 
ILE N    N  N N 161 
ILE CA   C  N S 162 
ILE C    C  N N 163 
ILE O    O  N N 164 
ILE CB   C  N S 165 
ILE CG1  C  N N 166 
ILE CG2  C  N N 167 
ILE CD1  C  N N 168 
ILE OXT  O  N N 169 
ILE H    H  N N 170 
ILE H2   H  N N 171 
ILE HA   H  N N 172 
ILE HB   H  N N 173 
ILE HG12 H  N N 174 
ILE HG13 H  N N 175 
ILE HG21 H  N N 176 
ILE HG22 H  N N 177 
ILE HG23 H  N N 178 
ILE HD11 H  N N 179 
ILE HD12 H  N N 180 
ILE HD13 H  N N 181 
ILE HXT  H  N N 182 
LEU N    N  N N 183 
LEU CA   C  N S 184 
LEU C    C  N N 185 
LEU O    O  N N 186 
LEU CB   C  N N 187 
LEU CG   C  N N 188 
LEU CD1  C  N N 189 
LEU CD2  C  N N 190 
LEU OXT  O  N N 191 
LEU H    H  N N 192 
LEU H2   H  N N 193 
LEU HA   H  N N 194 
LEU HB2  H  N N 195 
LEU HB3  H  N N 196 
LEU HG   H  N N 197 
LEU HD11 H  N N 198 
LEU HD12 H  N N 199 
LEU HD13 H  N N 200 
LEU HD21 H  N N 201 
LEU HD22 H  N N 202 
LEU HD23 H  N N 203 
LEU HXT  H  N N 204 
LYS N    N  N N 205 
LYS CA   C  N S 206 
LYS C    C  N N 207 
LYS O    O  N N 208 
LYS CB   C  N N 209 
LYS CG   C  N N 210 
LYS CD   C  N N 211 
LYS CE   C  N N 212 
LYS NZ   N  N N 213 
LYS OXT  O  N N 214 
LYS H    H  N N 215 
LYS H2   H  N N 216 
LYS HA   H  N N 217 
LYS HB2  H  N N 218 
LYS HB3  H  N N 219 
LYS HG2  H  N N 220 
LYS HG3  H  N N 221 
LYS HD2  H  N N 222 
LYS HD3  H  N N 223 
LYS HE2  H  N N 224 
LYS HE3  H  N N 225 
LYS HZ1  H  N N 226 
LYS HZ2  H  N N 227 
LYS HZ3  H  N N 228 
LYS HXT  H  N N 229 
MSE N    N  N N 230 
MSE CA   C  N S 231 
MSE C    C  N N 232 
MSE O    O  N N 233 
MSE OXT  O  N N 234 
MSE CB   C  N N 235 
MSE CG   C  N N 236 
MSE SE   SE N N 237 
MSE CE   C  N N 238 
MSE H    H  N N 239 
MSE H2   H  N N 240 
MSE HA   H  N N 241 
MSE HXT  H  N N 242 
MSE HB2  H  N N 243 
MSE HB3  H  N N 244 
MSE HG2  H  N N 245 
MSE HG3  H  N N 246 
MSE HE1  H  N N 247 
MSE HE2  H  N N 248 
MSE HE3  H  N N 249 
PHE N    N  N N 250 
PHE CA   C  N S 251 
PHE C    C  N N 252 
PHE O    O  N N 253 
PHE CB   C  N N 254 
PHE CG   C  Y N 255 
PHE CD1  C  Y N 256 
PHE CD2  C  Y N 257 
PHE CE1  C  Y N 258 
PHE CE2  C  Y N 259 
PHE CZ   C  Y N 260 
PHE OXT  O  N N 261 
PHE H    H  N N 262 
PHE H2   H  N N 263 
PHE HA   H  N N 264 
PHE HB2  H  N N 265 
PHE HB3  H  N N 266 
PHE HD1  H  N N 267 
PHE HD2  H  N N 268 
PHE HE1  H  N N 269 
PHE HE2  H  N N 270 
PHE HZ   H  N N 271 
PHE HXT  H  N N 272 
PRO N    N  N N 273 
PRO CA   C  N S 274 
PRO C    C  N N 275 
PRO O    O  N N 276 
PRO CB   C  N N 277 
PRO CG   C  N N 278 
PRO CD   C  N N 279 
PRO OXT  O  N N 280 
PRO H    H  N N 281 
PRO HA   H  N N 282 
PRO HB2  H  N N 283 
PRO HB3  H  N N 284 
PRO HG2  H  N N 285 
PRO HG3  H  N N 286 
PRO HD2  H  N N 287 
PRO HD3  H  N N 288 
PRO HXT  H  N N 289 
SER N    N  N N 290 
SER CA   C  N S 291 
SER C    C  N N 292 
SER O    O  N N 293 
SER CB   C  N N 294 
SER OG   O  N N 295 
SER OXT  O  N N 296 
SER H    H  N N 297 
SER H2   H  N N 298 
SER HA   H  N N 299 
SER HB2  H  N N 300 
SER HB3  H  N N 301 
SER HG   H  N N 302 
SER HXT  H  N N 303 
THR N    N  N N 304 
THR CA   C  N S 305 
THR C    C  N N 306 
THR O    O  N N 307 
THR CB   C  N R 308 
THR OG1  O  N N 309 
THR CG2  C  N N 310 
THR OXT  O  N N 311 
THR H    H  N N 312 
THR H2   H  N N 313 
THR HA   H  N N 314 
THR HB   H  N N 315 
THR HG1  H  N N 316 
THR HG21 H  N N 317 
THR HG22 H  N N 318 
THR HG23 H  N N 319 
THR HXT  H  N N 320 
TYR N    N  N N 321 
TYR CA   C  N S 322 
TYR C    C  N N 323 
TYR O    O  N N 324 
TYR CB   C  N N 325 
TYR CG   C  Y N 326 
TYR CD1  C  Y N 327 
TYR CD2  C  Y N 328 
TYR CE1  C  Y N 329 
TYR CE2  C  Y N 330 
TYR CZ   C  Y N 331 
TYR OH   O  N N 332 
TYR OXT  O  N N 333 
TYR H    H  N N 334 
TYR H2   H  N N 335 
TYR HA   H  N N 336 
TYR HB2  H  N N 337 
TYR HB3  H  N N 338 
TYR HD1  H  N N 339 
TYR HD2  H  N N 340 
TYR HE1  H  N N 341 
TYR HE2  H  N N 342 
TYR HH   H  N N 343 
TYR HXT  H  N N 344 
VAL N    N  N N 345 
VAL CA   C  N S 346 
VAL C    C  N N 347 
VAL O    O  N N 348 
VAL CB   C  N N 349 
VAL CG1  C  N N 350 
VAL CG2  C  N N 351 
VAL OXT  O  N N 352 
VAL H    H  N N 353 
VAL H2   H  N N 354 
VAL HA   H  N N 355 
VAL HB   H  N N 356 
VAL HG11 H  N N 357 
VAL HG12 H  N N 358 
VAL HG13 H  N N 359 
VAL HG21 H  N N 360 
VAL HG22 H  N N 361 
VAL HG23 H  N N 362 
VAL HXT  H  N N 363 
# 
loop_
_chem_comp_bond.comp_id 
_chem_comp_bond.atom_id_1 
_chem_comp_bond.atom_id_2 
_chem_comp_bond.value_order 
_chem_comp_bond.pdbx_aromatic_flag 
_chem_comp_bond.pdbx_stereo_config 
_chem_comp_bond.pdbx_ordinal 
ALA N   CA   sing N N 1   
ALA N   H    sing N N 2   
ALA N   H2   sing N N 3   
ALA CA  C    sing N N 4   
ALA CA  CB   sing N N 5   
ALA CA  HA   sing N N 6   
ALA C   O    doub N N 7   
ALA C   OXT  sing N N 8   
ALA CB  HB1  sing N N 9   
ALA CB  HB2  sing N N 10  
ALA CB  HB3  sing N N 11  
ALA OXT HXT  sing N N 12  
ARG N   CA   sing N N 13  
ARG N   H    sing N N 14  
ARG N   H2   sing N N 15  
ARG CA  C    sing N N 16  
ARG CA  CB   sing N N 17  
ARG CA  HA   sing N N 18  
ARG C   O    doub N N 19  
ARG C   OXT  sing N N 20  
ARG CB  CG   sing N N 21  
ARG CB  HB2  sing N N 22  
ARG CB  HB3  sing N N 23  
ARG CG  CD   sing N N 24  
ARG CG  HG2  sing N N 25  
ARG CG  HG3  sing N N 26  
ARG CD  NE   sing N N 27  
ARG CD  HD2  sing N N 28  
ARG CD  HD3  sing N N 29  
ARG NE  CZ   sing N N 30  
ARG NE  HE   sing N N 31  
ARG CZ  NH1  sing N N 32  
ARG CZ  NH2  doub N N 33  
ARG NH1 HH11 sing N N 34  
ARG NH1 HH12 sing N N 35  
ARG NH2 HH21 sing N N 36  
ARG NH2 HH22 sing N N 37  
ARG OXT HXT  sing N N 38  
ASN N   CA   sing N N 39  
ASN N   H    sing N N 40  
ASN N   H2   sing N N 41  
ASN CA  C    sing N N 42  
ASN CA  CB   sing N N 43  
ASN CA  HA   sing N N 44  
ASN C   O    doub N N 45  
ASN C   OXT  sing N N 46  
ASN CB  CG   sing N N 47  
ASN CB  HB2  sing N N 48  
ASN CB  HB3  sing N N 49  
ASN CG  OD1  doub N N 50  
ASN CG  ND2  sing N N 51  
ASN ND2 HD21 sing N N 52  
ASN ND2 HD22 sing N N 53  
ASN OXT HXT  sing N N 54  
ASP N   CA   sing N N 55  
ASP N   H    sing N N 56  
ASP N   H2   sing N N 57  
ASP CA  C    sing N N 58  
ASP CA  CB   sing N N 59  
ASP CA  HA   sing N N 60  
ASP C   O    doub N N 61  
ASP C   OXT  sing N N 62  
ASP CB  CG   sing N N 63  
ASP CB  HB2  sing N N 64  
ASP CB  HB3  sing N N 65  
ASP CG  OD1  doub N N 66  
ASP CG  OD2  sing N N 67  
ASP OD2 HD2  sing N N 68  
ASP OXT HXT  sing N N 69  
CYS N   CA   sing N N 70  
CYS N   H    sing N N 71  
CYS N   H2   sing N N 72  
CYS CA  C    sing N N 73  
CYS CA  CB   sing N N 74  
CYS CA  HA   sing N N 75  
CYS C   O    doub N N 76  
CYS C   OXT  sing N N 77  
CYS CB  SG   sing N N 78  
CYS CB  HB2  sing N N 79  
CYS CB  HB3  sing N N 80  
CYS SG  HG   sing N N 81  
CYS OXT HXT  sing N N 82  
GLN N   CA   sing N N 83  
GLN N   H    sing N N 84  
GLN N   H2   sing N N 85  
GLN CA  C    sing N N 86  
GLN CA  CB   sing N N 87  
GLN CA  HA   sing N N 88  
GLN C   O    doub N N 89  
GLN C   OXT  sing N N 90  
GLN CB  CG   sing N N 91  
GLN CB  HB2  sing N N 92  
GLN CB  HB3  sing N N 93  
GLN CG  CD   sing N N 94  
GLN CG  HG2  sing N N 95  
GLN CG  HG3  sing N N 96  
GLN CD  OE1  doub N N 97  
GLN CD  NE2  sing N N 98  
GLN NE2 HE21 sing N N 99  
GLN NE2 HE22 sing N N 100 
GLN OXT HXT  sing N N 101 
GLU N   CA   sing N N 102 
GLU N   H    sing N N 103 
GLU N   H2   sing N N 104 
GLU CA  C    sing N N 105 
GLU CA  CB   sing N N 106 
GLU CA  HA   sing N N 107 
GLU C   O    doub N N 108 
GLU C   OXT  sing N N 109 
GLU CB  CG   sing N N 110 
GLU CB  HB2  sing N N 111 
GLU CB  HB3  sing N N 112 
GLU CG  CD   sing N N 113 
GLU CG  HG2  sing N N 114 
GLU CG  HG3  sing N N 115 
GLU CD  OE1  doub N N 116 
GLU CD  OE2  sing N N 117 
GLU OE2 HE2  sing N N 118 
GLU OXT HXT  sing N N 119 
GLY N   CA   sing N N 120 
GLY N   H    sing N N 121 
GLY N   H2   sing N N 122 
GLY CA  C    sing N N 123 
GLY CA  HA2  sing N N 124 
GLY CA  HA3  sing N N 125 
GLY C   O    doub N N 126 
GLY C   OXT  sing N N 127 
GLY OXT HXT  sing N N 128 
HIS N   CA   sing N N 129 
HIS N   H    sing N N 130 
HIS N   H2   sing N N 131 
HIS CA  C    sing N N 132 
HIS CA  CB   sing N N 133 
HIS CA  HA   sing N N 134 
HIS C   O    doub N N 135 
HIS C   OXT  sing N N 136 
HIS CB  CG   sing N N 137 
HIS CB  HB2  sing N N 138 
HIS CB  HB3  sing N N 139 
HIS CG  ND1  sing Y N 140 
HIS CG  CD2  doub Y N 141 
HIS ND1 CE1  doub Y N 142 
HIS ND1 HD1  sing N N 143 
HIS CD2 NE2  sing Y N 144 
HIS CD2 HD2  sing N N 145 
HIS CE1 NE2  sing Y N 146 
HIS CE1 HE1  sing N N 147 
HIS NE2 HE2  sing N N 148 
HIS OXT HXT  sing N N 149 
HOH O   H1   sing N N 150 
HOH O   H2   sing N N 151 
ILE N   CA   sing N N 152 
ILE N   H    sing N N 153 
ILE N   H2   sing N N 154 
ILE CA  C    sing N N 155 
ILE CA  CB   sing N N 156 
ILE CA  HA   sing N N 157 
ILE C   O    doub N N 158 
ILE C   OXT  sing N N 159 
ILE CB  CG1  sing N N 160 
ILE CB  CG2  sing N N 161 
ILE CB  HB   sing N N 162 
ILE CG1 CD1  sing N N 163 
ILE CG1 HG12 sing N N 164 
ILE CG1 HG13 sing N N 165 
ILE CG2 HG21 sing N N 166 
ILE CG2 HG22 sing N N 167 
ILE CG2 HG23 sing N N 168 
ILE CD1 HD11 sing N N 169 
ILE CD1 HD12 sing N N 170 
ILE CD1 HD13 sing N N 171 
ILE OXT HXT  sing N N 172 
LEU N   CA   sing N N 173 
LEU N   H    sing N N 174 
LEU N   H2   sing N N 175 
LEU CA  C    sing N N 176 
LEU CA  CB   sing N N 177 
LEU CA  HA   sing N N 178 
LEU C   O    doub N N 179 
LEU C   OXT  sing N N 180 
LEU CB  CG   sing N N 181 
LEU CB  HB2  sing N N 182 
LEU CB  HB3  sing N N 183 
LEU CG  CD1  sing N N 184 
LEU CG  CD2  sing N N 185 
LEU CG  HG   sing N N 186 
LEU CD1 HD11 sing N N 187 
LEU CD1 HD12 sing N N 188 
LEU CD1 HD13 sing N N 189 
LEU CD2 HD21 sing N N 190 
LEU CD2 HD22 sing N N 191 
LEU CD2 HD23 sing N N 192 
LEU OXT HXT  sing N N 193 
LYS N   CA   sing N N 194 
LYS N   H    sing N N 195 
LYS N   H2   sing N N 196 
LYS CA  C    sing N N 197 
LYS CA  CB   sing N N 198 
LYS CA  HA   sing N N 199 
LYS C   O    doub N N 200 
LYS C   OXT  sing N N 201 
LYS CB  CG   sing N N 202 
LYS CB  HB2  sing N N 203 
LYS CB  HB3  sing N N 204 
LYS CG  CD   sing N N 205 
LYS CG  HG2  sing N N 206 
LYS CG  HG3  sing N N 207 
LYS CD  CE   sing N N 208 
LYS CD  HD2  sing N N 209 
LYS CD  HD3  sing N N 210 
LYS CE  NZ   sing N N 211 
LYS CE  HE2  sing N N 212 
LYS CE  HE3  sing N N 213 
LYS NZ  HZ1  sing N N 214 
LYS NZ  HZ2  sing N N 215 
LYS NZ  HZ3  sing N N 216 
LYS OXT HXT  sing N N 217 
MSE N   CA   sing N N 218 
MSE N   H    sing N N 219 
MSE N   H2   sing N N 220 
MSE CA  C    sing N N 221 
MSE CA  CB   sing N N 222 
MSE CA  HA   sing N N 223 
MSE C   O    doub N N 224 
MSE C   OXT  sing N N 225 
MSE OXT HXT  sing N N 226 
MSE CB  CG   sing N N 227 
MSE CB  HB2  sing N N 228 
MSE CB  HB3  sing N N 229 
MSE CG  SE   sing N N 230 
MSE CG  HG2  sing N N 231 
MSE CG  HG3  sing N N 232 
MSE SE  CE   sing N N 233 
MSE CE  HE1  sing N N 234 
MSE CE  HE2  sing N N 235 
MSE CE  HE3  sing N N 236 
PHE N   CA   sing N N 237 
PHE N   H    sing N N 238 
PHE N   H2   sing N N 239 
PHE CA  C    sing N N 240 
PHE CA  CB   sing N N 241 
PHE CA  HA   sing N N 242 
PHE C   O    doub N N 243 
PHE C   OXT  sing N N 244 
PHE CB  CG   sing N N 245 
PHE CB  HB2  sing N N 246 
PHE CB  HB3  sing N N 247 
PHE CG  CD1  doub Y N 248 
PHE CG  CD2  sing Y N 249 
PHE CD1 CE1  sing Y N 250 
PHE CD1 HD1  sing N N 251 
PHE CD2 CE2  doub Y N 252 
PHE CD2 HD2  sing N N 253 
PHE CE1 CZ   doub Y N 254 
PHE CE1 HE1  sing N N 255 
PHE CE2 CZ   sing Y N 256 
PHE CE2 HE2  sing N N 257 
PHE CZ  HZ   sing N N 258 
PHE OXT HXT  sing N N 259 
PRO N   CA   sing N N 260 
PRO N   CD   sing N N 261 
PRO N   H    sing N N 262 
PRO CA  C    sing N N 263 
PRO CA  CB   sing N N 264 
PRO CA  HA   sing N N 265 
PRO C   O    doub N N 266 
PRO C   OXT  sing N N 267 
PRO CB  CG   sing N N 268 
PRO CB  HB2  sing N N 269 
PRO CB  HB3  sing N N 270 
PRO CG  CD   sing N N 271 
PRO CG  HG2  sing N N 272 
PRO CG  HG3  sing N N 273 
PRO CD  HD2  sing N N 274 
PRO CD  HD3  sing N N 275 
PRO OXT HXT  sing N N 276 
SER N   CA   sing N N 277 
SER N   H    sing N N 278 
SER N   H2   sing N N 279 
SER CA  C    sing N N 280 
SER CA  CB   sing N N 281 
SER CA  HA   sing N N 282 
SER C   O    doub N N 283 
SER C   OXT  sing N N 284 
SER CB  OG   sing N N 285 
SER CB  HB2  sing N N 286 
SER CB  HB3  sing N N 287 
SER OG  HG   sing N N 288 
SER OXT HXT  sing N N 289 
THR N   CA   sing N N 290 
THR N   H    sing N N 291 
THR N   H2   sing N N 292 
THR CA  C    sing N N 293 
THR CA  CB   sing N N 294 
THR CA  HA   sing N N 295 
THR C   O    doub N N 296 
THR C   OXT  sing N N 297 
THR CB  OG1  sing N N 298 
THR CB  CG2  sing N N 299 
THR CB  HB   sing N N 300 
THR OG1 HG1  sing N N 301 
THR CG2 HG21 sing N N 302 
THR CG2 HG22 sing N N 303 
THR CG2 HG23 sing N N 304 
THR OXT HXT  sing N N 305 
TYR N   CA   sing N N 306 
TYR N   H    sing N N 307 
TYR N   H2   sing N N 308 
TYR CA  C    sing N N 309 
TYR CA  CB   sing N N 310 
TYR CA  HA   sing N N 311 
TYR C   O    doub N N 312 
TYR C   OXT  sing N N 313 
TYR CB  CG   sing N N 314 
TYR CB  HB2  sing N N 315 
TYR CB  HB3  sing N N 316 
TYR CG  CD1  doub Y N 317 
TYR CG  CD2  sing Y N 318 
TYR CD1 CE1  sing Y N 319 
TYR CD1 HD1  sing N N 320 
TYR CD2 CE2  doub Y N 321 
TYR CD2 HD2  sing N N 322 
TYR CE1 CZ   doub Y N 323 
TYR CE1 HE1  sing N N 324 
TYR CE2 CZ   sing Y N 325 
TYR CE2 HE2  sing N N 326 
TYR CZ  OH   sing N N 327 
TYR OH  HH   sing N N 328 
TYR OXT HXT  sing N N 329 
VAL N   CA   sing N N 330 
VAL N   H    sing N N 331 
VAL N   H2   sing N N 332 
VAL CA  C    sing N N 333 
VAL CA  CB   sing N N 334 
VAL CA  HA   sing N N 335 
VAL C   O    doub N N 336 
VAL C   OXT  sing N N 337 
VAL CB  CG1  sing N N 338 
VAL CB  CG2  sing N N 339 
VAL CB  HB   sing N N 340 
VAL CG1 HG11 sing N N 341 
VAL CG1 HG12 sing N N 342 
VAL CG1 HG13 sing N N 343 
VAL CG2 HG21 sing N N 344 
VAL CG2 HG22 sing N N 345 
VAL CG2 HG23 sing N N 346 
VAL OXT HXT  sing N N 347 
# 
_atom_sites.entry_id                    5Y18 
_atom_sites.fract_transf_matrix[1][1]   0.01292343 
_atom_sites.fract_transf_matrix[1][2]   0.00141082 
_atom_sites.fract_transf_matrix[1][3]   -0.00617447 
_atom_sites.fract_transf_matrix[2][1]   0.00060376 
_atom_sites.fract_transf_matrix[2][2]   0.00866020 
_atom_sites.fract_transf_matrix[2][3]   0.00324248 
_atom_sites.fract_transf_matrix[3][1]   0.01409096 
_atom_sites.fract_transf_matrix[3][2]   -0.01107723 
_atom_sites.fract_transf_matrix[3][3]   0.02696192 
_atom_sites.fract_transf_vector[1]      0.327838 
_atom_sites.fract_transf_vector[2]      0.152334 
_atom_sites.fract_transf_vector[3]      0.044726 
# 
loop_
_atom_type.symbol 
C  
N  
O  
S  
SE 
# 
loop_
_atom_site.group_PDB 
_atom_site.id 
_atom_site.type_symbol 
_atom_site.label_atom_id 
_atom_site.label_alt_id 
_atom_site.label_comp_id 
_atom_site.label_asym_id 
_atom_site.label_entity_id 
_atom_site.label_seq_id 
_atom_site.pdbx_PDB_ins_code 
_atom_site.Cartn_x 
_atom_site.Cartn_y 
_atom_site.Cartn_z 
_atom_site.occupancy 
_atom_site.B_iso_or_equiv 
_atom_site.pdbx_formal_charge 
_atom_site.auth_seq_id 
_atom_site.auth_comp_id 
_atom_site.auth_asym_id 
_atom_site.auth_atom_id 
_atom_site.pdbx_PDB_model_num 
ATOM   1   N  N   . LYS A 1 7  ? 14.730  14.353  15.447  1.00 78.24  ? 56   LYS A N   1 
ATOM   2   C  CA  . LYS A 1 7  ? 14.321  15.225  14.353  1.00 75.94  ? 56   LYS A CA  1 
ATOM   3   C  C   . LYS A 1 7  ? 13.169  14.603  13.577  1.00 72.39  ? 56   LYS A C   1 
ATOM   4   O  O   . LYS A 1 7  ? 12.135  15.237  13.364  1.00 71.12  ? 56   LYS A O   1 
ATOM   5   C  CB  . LYS A 1 7  ? 15.499  15.504  13.417  1.00 30.00  ? 56   LYS A CB  1 
ATOM   6   N  N   . LYS A 1 8  ? 13.363  13.356  13.160  1.00 71.77  ? 57   LYS A N   1 
ATOM   7   C  CA  . LYS A 1 8  ? 12.368  12.618  12.389  1.00 69.15  ? 57   LYS A CA  1 
ATOM   8   C  C   . LYS A 1 8  ? 11.033  12.494  13.116  1.00 63.20  ? 57   LYS A C   1 
ATOM   9   O  O   . LYS A 1 8  ? 10.975  12.040  14.258  1.00 66.94  ? 57   LYS A O   1 
ATOM   10  C  CB  . LYS A 1 8  ? 12.891  11.218  12.060  1.00 72.22  ? 57   LYS A CB  1 
ATOM   11  C  CG  . LYS A 1 8  ? 13.053  10.921  10.577  1.00 72.56  ? 57   LYS A CG  1 
ATOM   12  C  CD  . LYS A 1 8  ? 13.850  9.637   10.381  1.00 75.36  ? 57   LYS A CD  1 
ATOM   13  C  CE  . LYS A 1 8  ? 14.085  9.329   8.909   1.00 74.91  ? 57   LYS A CE  1 
ATOM   14  N  NZ  . LYS A 1 8  ? 14.256  10.559  8.091   1.00 75.39  ? 57   LYS A NZ  1 
ATOM   15  N  N   . CYS A 1 9  ? 9.961   12.905  12.448  1.00 51.38  ? 58   CYS A N   1 
ATOM   16  C  CA  . CYS A 1 9  ? 8.615   12.598  12.913  1.00 41.59  ? 58   CYS A CA  1 
ATOM   17  C  C   . CYS A 1 9  ? 8.027   11.525  12.004  1.00 36.65  ? 58   CYS A C   1 
ATOM   18  O  O   . CYS A 1 9  ? 7.624   11.810  10.877  1.00 32.04  ? 58   CYS A O   1 
ATOM   19  C  CB  . CYS A 1 9  ? 7.730   13.846  12.921  1.00 40.52  ? 58   CYS A CB  1 
ATOM   20  S  SG  . CYS A 1 9  ? 6.027   13.537  13.456  1.00 44.68  ? 58   CYS A SG  1 
ATOM   21  N  N   . TYR A 1 10 ? 7.997   10.290  12.498  1.00 34.13  ? 59   TYR A N   1 
ATOM   22  C  CA  . TYR A 1 10 ? 7.578   9.150   11.692  1.00 33.34  ? 59   TYR A CA  1 
ATOM   23  C  C   . TYR A 1 10 ? 6.139   9.282   11.205  1.00 31.37  ? 59   TYR A C   1 
ATOM   24  O  O   . TYR A 1 10 ? 5.800   8.799   10.127  1.00 30.34  ? 59   TYR A O   1 
ATOM   25  C  CB  . TYR A 1 10 ? 7.748   7.850   12.481  1.00 35.29  ? 59   TYR A CB  1 
ATOM   26  C  CG  . TYR A 1 10 ? 9.190   7.422   12.654  1.00 39.94  ? 59   TYR A CG  1 
ATOM   27  C  CD1 . TYR A 1 10 ? 9.987   7.141   11.552  1.00 38.08  ? 59   TYR A CD1 1 
ATOM   28  C  CD2 . TYR A 1 10 ? 9.752   7.293   13.919  1.00 40.55  ? 59   TYR A CD2 1 
ATOM   29  C  CE1 . TYR A 1 10 ? 11.305  6.748   11.702  1.00 41.07  ? 59   TYR A CE1 1 
ATOM   30  C  CE2 . TYR A 1 10 ? 11.070  6.900   14.079  1.00 43.60  ? 59   TYR A CE2 1 
ATOM   31  C  CZ  . TYR A 1 10 ? 11.842  6.629   12.967  1.00 47.36  ? 59   TYR A CZ  1 
ATOM   32  O  OH  . TYR A 1 10 ? 13.152  6.237   13.120  1.00 52.05  ? 59   TYR A OH  1 
ATOM   33  N  N   . LYS A 1 11 ? 5.301   9.943   11.998  1.00 31.23  ? 60   LYS A N   1 
ATOM   34  C  CA  . LYS A 1 11 ? 3.907   10.172  11.626  1.00 33.69  ? 60   LYS A CA  1 
ATOM   35  C  C   . LYS A 1 11 ? 3.808   10.895  10.287  1.00 33.41  ? 60   LYS A C   1 
ATOM   36  O  O   . LYS A 1 11 ? 3.092   10.460  9.385   1.00 28.15  ? 60   LYS A O   1 
ATOM   37  C  CB  . LYS A 1 11 ? 3.193   10.971  12.717  1.00 35.17  ? 60   LYS A CB  1 
ATOM   38  C  CG  . LYS A 1 11 ? 1.821   11.491  12.327  1.00 37.82  ? 60   LYS A CG  1 
ATOM   39  C  CD  . LYS A 1 11 ? 0.801   10.370  12.283  1.00 43.11  ? 60   LYS A CD  1 
ATOM   40  C  CE  . LYS A 1 11 ? -0.614  10.900  12.467  1.00 48.08  ? 60   LYS A CE  1 
ATOM   41  N  NZ  . LYS A 1 11 ? -0.988  11.903  11.430  1.00 50.21  ? 60   LYS A NZ  1 
ATOM   42  N  N   . LEU A 1 12 ? 4.547   11.992  10.160  1.00 29.19  ? 61   LEU A N   1 
ATOM   43  C  CA  . LEU A 1 12 ? 4.521   12.799  8.947   1.00 28.79  ? 61   LEU A CA  1 
ATOM   44  C  C   . LEU A 1 12 ? 5.297   12.135  7.814   1.00 29.30  ? 61   LEU A C   1 
ATOM   45  O  O   . LEU A 1 12 ? 4.935   12.265  6.644   1.00 27.98  ? 61   LEU A O   1 
ATOM   46  C  CB  . LEU A 1 12 ? 5.082   14.194  9.227   1.00 29.90  ? 61   LEU A CB  1 
ATOM   47  C  CG  . LEU A 1 12 ? 4.290   15.008  10.251  1.00 34.87  ? 61   LEU A CG  1 
ATOM   48  C  CD1 . LEU A 1 12 ? 5.020   16.293  10.615  1.00 36.65  ? 61   LEU A CD1 1 
ATOM   49  C  CD2 . LEU A 1 12 ? 2.894   15.306  9.729   1.00 33.74  ? 61   LEU A CD2 1 
ATOM   50  N  N   . GLU A 1 13 ? 6.361   11.422  8.165   1.00 29.17  ? 62   GLU A N   1 
ATOM   51  C  CA  . GLU A 1 13 ? 7.178   10.737  7.171   1.00 29.36  ? 62   GLU A CA  1 
ATOM   52  C  C   . GLU A 1 13 ? 6.398   9.607   6.508   1.00 28.27  ? 62   GLU A C   1 
ATOM   53  O  O   . GLU A 1 13 ? 6.472   9.424   5.294   1.00 27.85  ? 62   GLU A O   1 
ATOM   54  C  CB  . GLU A 1 13 ? 8.459   10.193  7.808   1.00 41.00  ? 62   GLU A CB  1 
ATOM   55  C  CG  . GLU A 1 13 ? 9.431   9.561   6.821   1.00 46.59  ? 62   GLU A CG  1 
ATOM   56  C  CD  . GLU A 1 13 ? 10.145  10.583  5.952   1.00 54.31  ? 62   GLU A CD  1 
ATOM   57  O  OE1 . GLU A 1 13 ? 10.029  11.796  6.228   1.00 55.43  ? 62   GLU A OE1 1 
ATOM   58  O  OE2 . GLU A 1 13 ? 10.826  10.171  4.989   1.00 58.71  ? 62   GLU A OE2 1 
ATOM   59  N  N   . ASN A 1 14 ? 5.647   8.857   7.312   1.00 28.18  ? 63   ASN A N   1 
ATOM   60  C  CA  . ASN A 1 14 ? 4.843   7.751   6.802   1.00 34.91  ? 63   ASN A CA  1 
ATOM   61  C  C   . ASN A 1 14 ? 3.716   8.235   5.907   1.00 26.56  ? 63   ASN A C   1 
ATOM   62  O  O   . ASN A 1 14 ? 3.380   7.592   4.914   1.00 26.13  ? 63   ASN A O   1 
ATOM   63  C  CB  . ASN A 1 14 ? 4.264   6.926   7.952   1.00 28.55  ? 63   ASN A CB  1 
ATOM   64  C  CG  . ASN A 1 14 ? 5.334   6.228   8.757   1.00 36.26  ? 63   ASN A CG  1 
ATOM   65  O  OD1 . ASN A 1 14 ? 6.464   6.089   8.302   1.00 30.97  ? 63   ASN A OD1 1 
ATOM   66  N  ND2 . ASN A 1 14 ? 4.985   5.783   9.958   1.00 31.71  ? 63   ASN A ND2 1 
ATOM   67  N  N   . GLU A 1 15 ? 3.129   9.369   6.272   1.00 26.51  ? 64   GLU A N   1 
ATOM   68  C  CA  . GLU A 1 15 ? 2.069   9.963   5.475   1.00 30.56  ? 64   GLU A CA  1 
ATOM   69  C  C   . GLU A 1 15 ? 2.622   10.405  4.127   1.00 28.60  ? 64   GLU A C   1 
ATOM   70  O  O   . GLU A 1 15 ? 1.989   10.200  3.097   1.00 25.95  ? 64   GLU A O   1 
ATOM   71  C  CB  . GLU A 1 15 ? 1.435   11.136  6.222   1.00 26.90  ? 64   GLU A CB  1 
ATOM   72  C  CG  . GLU A 1 15 ? 0.600   10.706  7.423   1.00 35.08  ? 64   GLU A CG  1 
ATOM   73  C  CD  . GLU A 1 15 ? 0.271   11.856  8.353   1.00 38.75  ? 64   GLU A CD  1 
ATOM   74  O  OE1 . GLU A 1 15 ? 0.913   12.920  8.232   1.00 41.78  ? 64   GLU A OE1 1 
ATOM   75  O  OE2 . GLU A 1 15 ? -0.627  11.692  9.205   1.00 38.82  ? 64   GLU A OE2 1 
ATOM   76  N  N   . LYS A 1 16 ? 3.816   10.991  4.142   1.00 26.52  ? 65   LYS A N   1 
ATOM   77  C  CA  . LYS A 1 16 ? 4.478   11.409  2.911   1.00 26.95  ? 65   LYS A CA  1 
ATOM   78  C  C   . LYS A 1 16 ? 4.776   10.214  2.008   1.00 27.97  ? 65   LYS A C   1 
ATOM   79  O  O   . LYS A 1 16 ? 4.437   10.221  0.824   1.00 27.47  ? 65   LYS A O   1 
ATOM   80  C  CB  . LYS A 1 16 ? 5.772   12.163  3.224   1.00 34.27  ? 65   LYS A CB  1 
ATOM   81  C  CG  . LYS A 1 16 ? 6.442   12.781  2.007   1.00 38.34  ? 65   LYS A CG  1 
ATOM   82  C  CD  . LYS A 1 16 ? 7.666   13.597  2.400   1.00 46.11  ? 65   LYS A CD  1 
ATOM   83  C  CE  . LYS A 1 16 ? 8.794   12.710  2.910   1.00 54.35  ? 65   LYS A CE  1 
ATOM   84  N  NZ  . LYS A 1 16 ? 9.310   11.796  1.851   1.00 58.46  ? 65   LYS A NZ  1 
ATOM   85  N  N   . LEU A 1 17 ? 5.404   9.189   2.579   1.00 26.42  ? 66   LEU A N   1 
ATOM   86  C  CA  . LEU A 1 17 ? 5.760   7.987   1.830   1.00 26.39  ? 66   LEU A CA  1 
ATOM   87  C  C   . LEU A 1 17 ? 4.525   7.288   1.270   1.00 25.57  ? 66   LEU A C   1 
ATOM   88  O  O   . LEU A 1 17 ? 4.520   6.852   0.121   1.00 25.48  ? 66   LEU A O   1 
ATOM   89  C  CB  . LEU A 1 17 ? 6.552   7.019   2.713   1.00 27.25  ? 66   LEU A CB  1 
ATOM   90  C  CG  . LEU A 1 17 ? 7.972   7.443   3.100   1.00 34.66  ? 66   LEU A CG  1 
ATOM   91  C  CD1 . LEU A 1 17 ? 8.614   6.405   4.009   1.00 30.27  ? 66   LEU A CD1 1 
ATOM   92  C  CD2 . LEU A 1 17 ? 8.819   7.671   1.859   1.00 29.55  ? 66   LEU A CD2 1 
ATOM   93  N  N   . PHE A 1 18 ? 3.480   7.185   2.086   1.00 25.33  ? 67   PHE A N   1 
ATOM   94  C  CA  . PHE A 1 18 ? 2.243   6.546   1.655   1.00 25.16  ? 67   PHE A CA  1 
ATOM   95  C  C   . PHE A 1 18 ? 1.572   7.356   0.551   1.00 29.09  ? 67   PHE A C   1 
ATOM   96  O  O   . PHE A 1 18 ? 1.052   6.793   -0.413  1.00 25.19  ? 67   PHE A O   1 
ATOM   97  C  CB  . PHE A 1 18 ? 1.289   6.368   2.836   1.00 25.59  ? 67   PHE A CB  1 
ATOM   98  C  CG  . PHE A 1 18 ? 0.041   5.600   2.502   1.00 30.20  ? 67   PHE A CG  1 
ATOM   99  C  CD1 . PHE A 1 18 ? 0.046   4.215   2.479   1.00 30.81  ? 67   PHE A CD1 1 
ATOM   100 C  CD2 . PHE A 1 18 ? -1.145  6.264   2.231   1.00 29.31  ? 67   PHE A CD2 1 
ATOM   101 C  CE1 . PHE A 1 18 ? -1.102  3.506   2.182   1.00 30.08  ? 67   PHE A CE1 1 
ATOM   102 C  CE2 . PHE A 1 18 ? -2.296  5.560   1.935   1.00 31.24  ? 67   PHE A CE2 1 
ATOM   103 C  CZ  . PHE A 1 18 ? -2.276  4.179   1.910   1.00 28.08  ? 67   PHE A CZ  1 
ATOM   104 N  N   . GLU A 1 19 ? 1.588   8.677   0.694   1.00 25.45  ? 68   GLU A N   1 
ATOM   105 C  CA  . GLU A 1 19 ? 0.966   9.555   -0.290  1.00 26.88  ? 68   GLU A CA  1 
ATOM   106 C  C   . GLU A 1 19 ? 1.730   9.533   -1.610  1.00 26.40  ? 68   GLU A C   1 
ATOM   107 O  O   . GLU A 1 19 ? 1.132   9.647   -2.677  1.00 29.14  ? 68   GLU A O   1 
ATOM   108 C  CB  . GLU A 1 19 ? 0.867   10.985  0.247   1.00 27.14  ? 68   GLU A CB  1 
ATOM   109 C  CG  . GLU A 1 19 ? -0.299  11.201  1.200   1.00 30.18  ? 68   GLU A CG  1 
ATOM   110 C  CD  . GLU A 1 19 ? -0.322  12.597  1.788   1.00 28.80  ? 68   GLU A CD  1 
ATOM   111 O  OE1 . GLU A 1 19 ? 0.614   13.378  1.520   1.00 32.83  ? 68   GLU A OE1 1 
ATOM   112 O  OE2 . GLU A 1 19 ? -1.276  12.910  2.526   1.00 29.64  ? 68   GLU A OE2 1 
ATOM   113 N  N   . GLU A 1 20 ? 3.050   9.383   -1.535  1.00 26.20  ? 69   GLU A N   1 
ATOM   114 C  CA  . GLU A 1 20 ? 3.866   9.257   -2.735  1.00 26.72  ? 69   GLU A CA  1 
ATOM   115 C  C   . GLU A 1 20 ? 3.549   7.952   -3.458  1.00 26.15  ? 69   GLU A C   1 
ATOM   116 O  O   . GLU A 1 20 ? 3.455   7.919   -4.684  1.00 26.69  ? 69   GLU A O   1 
ATOM   117 C  CB  . GLU A 1 20 ? 5.355   9.321   -2.392  1.00 31.32  ? 69   GLU A CB  1 
ATOM   118 C  CG  . GLU A 1 20 ? 5.863   10.715  -2.045  1.00 36.94  ? 69   GLU A CG  1 
ATOM   119 N  N   . PHE A 1 21 ? 3.377   6.882   -2.689  1.00 28.34  ? 70   PHE A N   1 
ATOM   120 C  CA  . PHE A 1 21 ? 3.083   5.569   -3.251  1.00 29.24  ? 70   PHE A CA  1 
ATOM   121 C  C   . PHE A 1 21 ? 1.719   5.542   -3.931  1.00 30.58  ? 70   PHE A C   1 
ATOM   122 O  O   . PHE A 1 21 ? 1.531   4.868   -4.945  1.00 28.33  ? 70   PHE A O   1 
ATOM   123 C  CB  . PHE A 1 21 ? 3.146   4.499   -2.161  1.00 25.23  ? 70   PHE A CB  1 
ATOM   124 C  CG  . PHE A 1 21 ? 2.836   3.111   -2.649  1.00 26.70  ? 70   PHE A CG  1 
ATOM   125 C  CD1 . PHE A 1 21 ? 3.698   2.457   -3.515  1.00 27.91  ? 70   PHE A CD1 1 
ATOM   126 C  CD2 . PHE A 1 21 ? 1.688   2.458   -2.233  1.00 29.14  ? 70   PHE A CD2 1 
ATOM   127 C  CE1 . PHE A 1 21 ? 3.416   1.181   -3.963  1.00 28.42  ? 70   PHE A CE1 1 
ATOM   128 C  CE2 . PHE A 1 21 ? 1.400   1.183   -2.675  1.00 26.71  ? 70   PHE A CE2 1 
ATOM   129 C  CZ  . PHE A 1 21 ? 2.264   0.543   -3.541  1.00 29.11  ? 70   PHE A CZ  1 
ATOM   130 N  N   . LEU A 1 22 ? 0.769   6.279   -3.365  1.00 25.68  ? 71   LEU A N   1 
ATOM   131 C  CA  . LEU A 1 22 ? -0.594  6.292   -3.879  1.00 26.54  ? 71   LEU A CA  1 
ATOM   132 C  C   . LEU A 1 22 ? -0.695  7.068   -5.183  1.00 27.55  ? 71   LEU A C   1 
ATOM   133 O  O   . LEU A 1 22 ? -1.564  6.794   -6.008  1.00 28.55  ? 71   LEU A O   1 
ATOM   134 C  CB  . LEU A 1 22 ? -1.549  6.878   -2.839  1.00 27.13  ? 71   LEU A CB  1 
ATOM   135 C  CG  . LEU A 1 22 ? -2.327  5.834   -2.035  1.00 32.70  ? 71   LEU A CG  1 
ATOM   136 C  CD1 . LEU A 1 22 ? -3.321  5.122   -2.936  1.00 31.57  ? 71   LEU A CD1 1 
ATOM   137 C  CD2 . LEU A 1 22 ? -1.381  4.834   -1.398  1.00 32.31  ? 71   LEU A CD2 1 
ATOM   138 N  N   . GLU A 1 23 ? 0.192   8.040   -5.364  1.00 27.76  ? 72   GLU A N   1 
ATOM   139 C  CA  . GLU A 1 23 ? 0.241   8.795   -6.609  1.00 40.33  ? 72   GLU A CA  1 
ATOM   140 C  C   . GLU A 1 23 ? 0.662   7.888   -7.757  1.00 29.17  ? 72   GLU A C   1 
ATOM   141 O  O   . GLU A 1 23 ? 0.124   7.978   -8.860  1.00 32.64  ? 72   GLU A O   1 
ATOM   142 C  CB  . GLU A 1 23 ? 1.196   9.983   -6.493  1.00 44.62  ? 72   GLU A CB  1 
ATOM   143 C  CG  . GLU A 1 23 ? 0.746   11.050  -5.512  1.00 55.19  ? 72   GLU A CG  1 
ATOM   144 C  CD  . GLU A 1 23 ? 1.678   12.246  -5.491  1.00 68.13  ? 72   GLU A CD  1 
ATOM   145 O  OE1 . GLU A 1 23 ? 2.742   12.183  -6.143  1.00 72.69  ? 72   GLU A OE1 1 
ATOM   146 O  OE2 . GLU A 1 23 ? 1.343   13.251  -4.827  1.00 75.93  ? 72   GLU A OE2 1 
ATOM   147 N  N   . LEU A 1 24 ? 1.626   7.013   -7.488  1.00 30.20  ? 73   LEU A N   1 
ATOM   148 C  CA  . LEU A 1 24 ? 2.043   6.013   -8.466  1.00 30.99  ? 73   LEU A CA  1 
ATOM   149 C  C   . LEU A 1 24 ? 0.892   5.061   -8.765  1.00 31.86  ? 73   LEU A C   1 
ATOM   150 O  O   . LEU A 1 24 ? 0.629   4.730   -9.922  1.00 32.44  ? 73   LEU A O   1 
ATOM   151 C  CB  . LEU A 1 24 ? 3.258   5.231   -7.963  1.00 29.39  ? 73   LEU A CB  1 
ATOM   152 C  CG  . LEU A 1 24 ? 4.546   6.025   -7.739  1.00 29.87  ? 73   LEU A CG  1 
ATOM   153 C  CD1 . LEU A 1 24 ? 5.656   5.111   -7.246  1.00 31.54  ? 73   LEU A CD1 1 
ATOM   154 C  CD2 . LEU A 1 24 ? 4.962   6.739   -9.014  1.00 29.37  ? 73   LEU A CD2 1 
ATOM   155 N  N   . CYS A 1 25 ? 0.207   4.628   -7.711  1.00 27.36  ? 74   CYS A N   1 
ATOM   156 C  CA  . CYS A 1 25 ? -0.923  3.714   -7.844  1.00 30.28  ? 74   CYS A CA  1 
ATOM   157 C  C   . CYS A 1 25 ? -2.064  4.327   -8.647  1.00 29.50  ? 74   CYS A C   1 
ATOM   158 O  O   . CYS A 1 25 ? -2.671  3.654   -9.478  1.00 30.47  ? 74   CYS A O   1 
ATOM   159 C  CB  . CYS A 1 25 ? -1.433  3.291   -6.465  1.00 27.61  ? 74   CYS A CB  1 
ATOM   160 S  SG  . CYS A 1 25 ? -0.281  2.264   -5.533  1.00 28.84  ? 74   CYS A SG  1 
ATOM   161 N  N   . LYS A 1 26 ? -2.354  5.598   -8.390  1.00 30.22  ? 75   LYS A N   1 
ATOM   162 C  CA  . LYS A 1 26 ? -3.415  6.301   -9.103  1.00 32.54  ? 75   LYS A CA  1 
ATOM   163 C  C   . LYS A 1 26 ? -3.128  6.348   -10.599 1.00 33.65  ? 75   LYS A C   1 
ATOM   164 O  O   . LYS A 1 26 ? -4.030  6.209   -11.424 1.00 35.62  ? 75   LYS A O   1 
ATOM   165 C  CB  . LYS A 1 26 ? -3.585  7.722   -8.563  1.00 41.25  ? 75   LYS A CB  1 
ATOM   166 C  CG  . LYS A 1 26 ? -4.513  7.835   -7.369  1.00 44.39  ? 75   LYS A CG  1 
ATOM   167 C  CD  . LYS A 1 26 ? -4.448  9.224   -6.755  1.00 47.74  ? 75   LYS A CD  1 
HETATM 168 N  N   . MSE A 1 27 ? -1.859  6.541   -10.938 1.00 32.77  ? 76   MSE A N   1 
HETATM 169 C  CA  . MSE A 1 27 ? -1.441  6.659   -12.328 1.00 34.09  ? 76   MSE A CA  1 
HETATM 170 C  C   . MSE A 1 27 ? -1.427  5.322   -13.064 1.00 33.64  ? 76   MSE A C   1 
HETATM 171 O  O   . MSE A 1 27 ? -1.623  5.273   -14.277 1.00 35.27  ? 76   MSE A O   1 
HETATM 172 C  CB  . MSE A 1 27 ? -0.052  7.300   -12.407 1.00 33.85  ? 76   MSE A CB  1 
HETATM 173 C  CG  . MSE A 1 27 ? -0.050  8.811   -12.274 1.00 42.29  ? 76   MSE A CG  1 
HETATM 174 SE SE  . MSE A 1 27 ? -0.901  9.646   -13.814 1.00 58.10  ? 76   MSE A SE  1 
HETATM 175 C  CE  . MSE A 1 27 ? -0.268  8.414   -15.173 1.00 42.51  ? 76   MSE A CE  1 
ATOM   176 N  N   . GLN A 1 28 ? -1.199  4.238   -12.331 1.00 31.81  ? 77   GLN A N   1 
ATOM   177 C  CA  . GLN A 1 28 ? -0.936  2.948   -12.958 1.00 39.53  ? 77   GLN A CA  1 
ATOM   178 C  C   . GLN A 1 28 ? -2.041  1.915   -12.730 1.00 40.67  ? 77   GLN A C   1 
ATOM   179 O  O   . GLN A 1 28 ? -1.927  0.774   -13.176 1.00 43.93  ? 77   GLN A O   1 
ATOM   180 C  CB  . GLN A 1 28 ? 0.400   2.396   -12.456 1.00 30.08  ? 77   GLN A CB  1 
ATOM   181 C  CG  . GLN A 1 28 ? 1.573   3.337   -12.692 1.00 34.03  ? 77   GLN A CG  1 
ATOM   182 C  CD  . GLN A 1 28 ? 2.858   2.847   -12.054 1.00 33.95  ? 77   GLN A CD  1 
ATOM   183 O  OE1 . GLN A 1 28 ? 3.103   1.645   -11.972 1.00 33.62  ? 77   GLN A OE1 1 
ATOM   184 N  NE2 . GLN A 1 28 ? 3.686   3.782   -11.595 1.00 29.46  ? 77   GLN A NE2 1 
ATOM   185 N  N   . THR A 1 29 ? -3.102  2.309   -12.034 1.00 41.34  ? 78   THR A N   1 
ATOM   186 C  CA  . THR A 1 29 ? -4.220  1.405   -11.776 1.00 40.58  ? 78   THR A CA  1 
ATOM   187 C  C   . THR A 1 29 ? -5.552  2.034   -12.168 1.00 41.98  ? 78   THR A C   1 
ATOM   188 O  O   . THR A 1 29 ? -6.599  1.671   -11.630 1.00 43.30  ? 78   THR A O   1 
ATOM   189 C  CB  . THR A 1 29 ? -4.295  0.986   -10.288 1.00 38.36  ? 78   THR A CB  1 
ATOM   190 O  OG1 . THR A 1 29 ? -4.648  2.119   -9.482  1.00 37.66  ? 78   THR A OG1 1 
ATOM   191 C  CG2 . THR A 1 29 ? -2.965  0.414   -9.813  1.00 36.11  ? 78   THR A CG2 1 
ATOM   192 N  N   . ALA A 1 30 ? -5.512  2.972   -13.109 1.00 42.42  ? 79   ALA A N   1 
ATOM   193 C  CA  . ALA A 1 30 ? -6.699  3.736   -13.484 1.00 43.06  ? 79   ALA A CA  1 
ATOM   194 C  C   . ALA A 1 30 ? -7.764  2.885   -14.176 1.00 45.04  ? 79   ALA A C   1 
ATOM   195 O  O   . ALA A 1 30 ? -8.917  3.301   -14.282 1.00 47.96  ? 79   ALA A O   1 
ATOM   196 C  CB  . ALA A 1 30 ? -6.307  4.902   -14.373 1.00 41.94  ? 79   ALA A CB  1 
ATOM   197 N  N   . ASP A 1 31 ? -7.381  1.701   -14.643 1.00 45.34  ? 80   ASP A N   1 
ATOM   198 C  CA  . ASP A 1 31 ? -8.324  0.813   -15.317 1.00 48.17  ? 80   ASP A CA  1 
ATOM   199 C  C   . ASP A 1 31 ? -9.111  -0.025  -14.311 1.00 44.98  ? 80   ASP A C   1 
ATOM   200 O  O   . ASP A 1 31 ? -10.149 -0.595  -14.644 1.00 44.18  ? 80   ASP A O   1 
ATOM   201 C  CB  . ASP A 1 31 ? -7.595  -0.096  -16.310 1.00 52.60  ? 80   ASP A CB  1 
ATOM   202 C  CG  . ASP A 1 31 ? -6.577  -0.995  -15.641 1.00 56.52  ? 80   ASP A CG  1 
ATOM   203 O  OD1 . ASP A 1 31 ? -5.972  -0.565  -14.637 1.00 57.55  ? 80   ASP A OD1 1 
ATOM   204 O  OD2 . ASP A 1 31 ? -6.384  -2.133  -16.121 1.00 57.86  ? 80   ASP A OD2 1 
ATOM   205 N  N   . HIS A 1 32 ? -8.609  -0.098  -13.081 1.00 41.45  ? 81   HIS A N   1 
ATOM   206 C  CA  . HIS A 1 32 ? -9.327  -0.759  -11.994 1.00 40.07  ? 81   HIS A CA  1 
ATOM   207 C  C   . HIS A 1 32 ? -9.512  0.214   -10.832 1.00 37.17  ? 81   HIS A C   1 
ATOM   208 O  O   . HIS A 1 32 ? -8.738  0.205   -9.873  1.00 35.43  ? 81   HIS A O   1 
ATOM   209 C  CB  . HIS A 1 32 ? -8.590  -2.020  -11.541 1.00 37.13  ? 81   HIS A CB  1 
ATOM   210 C  CG  . HIS A 1 32 ? -8.645  -3.138  -12.536 1.00 42.59  ? 81   HIS A CG  1 
ATOM   211 N  ND1 . HIS A 1 32 ? -7.641  -3.374  -13.449 1.00 43.75  ? 81   HIS A ND1 1 
ATOM   212 C  CD2 . HIS A 1 32 ? -9.592  -4.080  -12.766 1.00 44.84  ? 81   HIS A CD2 1 
ATOM   213 C  CE1 . HIS A 1 32 ? -7.963  -4.415  -14.197 1.00 45.76  ? 81   HIS A CE1 1 
ATOM   214 N  NE2 . HIS A 1 32 ? -9.141  -4.861  -13.801 1.00 47.40  ? 81   HIS A NE2 1 
ATOM   215 N  N   . PRO A 1 33 ? -10.552 1.057   -10.922 1.00 38.56  ? 82   PRO A N   1 
ATOM   216 C  CA  . PRO A 1 33 ? -10.817 2.192   -10.028 1.00 38.30  ? 82   PRO A CA  1 
ATOM   217 C  C   . PRO A 1 33 ? -11.036 1.811   -8.566  1.00 41.82  ? 82   PRO A C   1 
ATOM   218 O  O   . PRO A 1 33 ? -10.969 2.688   -7.709  1.00 36.41  ? 82   PRO A O   1 
ATOM   219 C  CB  . PRO A 1 33 ? -12.098 2.802   -10.609 1.00 43.08  ? 82   PRO A CB  1 
ATOM   220 C  CG  . PRO A 1 33 ? -12.152 2.325   -12.019 1.00 42.31  ? 82   PRO A CG  1 
ATOM   221 C  CD  . PRO A 1 33 ? -11.566 0.954   -11.985 1.00 40.93  ? 82   PRO A CD  1 
ATOM   222 N  N   . GLU A 1 34 ? -11.294 0.539   -8.288  1.00 36.78  ? 83   GLU A N   1 
ATOM   223 C  CA  . GLU A 1 34 ? -11.591 0.107   -6.925  1.00 36.01  ? 83   GLU A CA  1 
ATOM   224 C  C   . GLU A 1 34 ? -10.325 -0.109  -6.101  1.00 33.84  ? 83   GLU A C   1 
ATOM   225 O  O   . GLU A 1 34 ? -10.378 -0.160  -4.873  1.00 33.58  ? 83   GLU A O   1 
ATOM   226 C  CB  . GLU A 1 34 ? -12.420 -1.180  -6.944  1.00 38.80  ? 83   GLU A CB  1 
ATOM   227 C  CG  . GLU A 1 34 ? -11.690 -2.397  -7.501  1.00 38.92  ? 83   GLU A CG  1 
ATOM   228 C  CD  . GLU A 1 34 ? -11.770 -2.499  -9.012  1.00 41.82  ? 83   GLU A CD  1 
ATOM   229 O  OE1 . GLU A 1 34 ? -11.925 -1.457  -9.680  1.00 41.38  ? 83   GLU A OE1 1 
ATOM   230 O  OE2 . GLU A 1 34 ? -11.677 -3.629  -9.534  1.00 46.51  ? 83   GLU A OE2 1 
ATOM   231 N  N   . VAL A 1 35 ? -9.189  -0.229  -6.782  1.00 33.11  ? 84   VAL A N   1 
ATOM   232 C  CA  . VAL A 1 35 ? -7.924  -0.564  -6.132  1.00 31.48  ? 84   VAL A CA  1 
ATOM   233 C  C   . VAL A 1 35 ? -7.447  0.519   -5.159  1.00 33.98  ? 84   VAL A C   1 
ATOM   234 O  O   . VAL A 1 35 ? -7.101  0.223   -4.015  1.00 29.26  ? 84   VAL A O   1 
ATOM   235 C  CB  . VAL A 1 35 ? -6.819  -0.825  -7.177  1.00 31.48  ? 84   VAL A CB  1 
ATOM   236 C  CG1 . VAL A 1 35 ? -5.461  -0.963  -6.503  1.00 30.15  ? 84   VAL A CG1 1 
ATOM   237 C  CG2 . VAL A 1 35 ? -7.148  -2.067  -7.997  1.00 32.98  ? 84   VAL A CG2 1 
ATOM   238 N  N   . VAL A 1 36 ? -7.428  1.767   -5.616  1.00 30.60  ? 85   VAL A N   1 
ATOM   239 C  CA  . VAL A 1 36 ? -6.966  2.878   -4.784  1.00 33.46  ? 85   VAL A CA  1 
ATOM   240 C  C   . VAL A 1 36 ? -7.821  3.099   -3.519  1.00 29.60  ? 85   VAL A C   1 
ATOM   241 O  O   . VAL A 1 36 ? -7.263  3.249   -2.430  1.00 29.77  ? 85   VAL A O   1 
ATOM   242 C  CB  . VAL A 1 36 ? -6.895  4.191   -5.604  1.00 30.63  ? 85   VAL A CB  1 
ATOM   243 C  CG1 . VAL A 1 36 ? -6.805  5.399   -4.688  1.00 30.75  ? 85   VAL A CG1 1 
ATOM   244 C  CG2 . VAL A 1 36 ? -5.716  4.151   -6.560  1.00 30.56  ? 85   VAL A CG2 1 
ATOM   245 N  N   . PRO A 1 37 ? -9.165  3.117   -3.642  1.00 31.12  ? 86   PRO A N   1 
ATOM   246 C  CA  . PRO A 1 37 ? -9.956  3.262   -2.412  1.00 31.35  ? 86   PRO A CA  1 
ATOM   247 C  C   . PRO A 1 37 ? -9.731  2.120   -1.422  1.00 30.41  ? 86   PRO A C   1 
ATOM   248 O  O   . PRO A 1 37 ? -9.741  2.347   -0.212  1.00 29.91  ? 86   PRO A O   1 
ATOM   249 C  CB  . PRO A 1 37 ? -11.400 3.256   -2.920  1.00 33.61  ? 86   PRO A CB  1 
ATOM   250 C  CG  . PRO A 1 37 ? -11.309 3.738   -4.314  1.00 34.53  ? 86   PRO A CG  1 
ATOM   251 C  CD  . PRO A 1 37 ? -10.028 3.161   -4.838  1.00 33.00  ? 86   PRO A CD  1 
ATOM   252 N  N   . PHE A 1 38 ? -9.534  0.911   -1.940  1.00 30.43  ? 87   PHE A N   1 
ATOM   253 C  CA  . PHE A 1 38 ? -9.247  -0.249  -1.106  1.00 29.94  ? 87   PHE A CA  1 
ATOM   254 C  C   . PHE A 1 38 ? -7.993  -0.018  -0.272  1.00 30.87  ? 87   PHE A C   1 
ATOM   255 O  O   . PHE A 1 38 ? -7.955  -0.347  0.913   1.00 32.32  ? 87   PHE A O   1 
ATOM   256 C  CB  . PHE A 1 38 ? -9.085  -1.500  -1.970  1.00 34.19  ? 87   PHE A CB  1 
ATOM   257 C  CG  . PHE A 1 38 ? -8.867  -2.762  -1.181  1.00 33.99  ? 87   PHE A CG  1 
ATOM   258 C  CD1 . PHE A 1 38 ? -9.935  -3.427  -0.604  1.00 35.37  ? 87   PHE A CD1 1 
ATOM   259 C  CD2 . PHE A 1 38 ? -7.595  -3.290  -1.028  1.00 32.90  ? 87   PHE A CD2 1 
ATOM   260 C  CE1 . PHE A 1 38 ? -9.740  -4.591  0.119   1.00 37.08  ? 87   PHE A CE1 1 
ATOM   261 C  CE2 . PHE A 1 38 ? -7.392  -4.455  -0.307  1.00 34.76  ? 87   PHE A CE2 1 
ATOM   262 C  CZ  . PHE A 1 38 ? -8.466  -5.105  0.266   1.00 35.61  ? 87   PHE A CZ  1 
ATOM   263 N  N   . LEU A 1 39 ? -6.972  0.556   -0.902  1.00 30.71  ? 88   LEU A N   1 
ATOM   264 C  CA  . LEU A 1 39 ? -5.718  0.859   -0.220  1.00 28.62  ? 88   LEU A CA  1 
ATOM   265 C  C   . LEU A 1 39 ? -5.908  1.907   0.872   1.00 25.64  ? 88   LEU A C   1 
ATOM   266 O  O   . LEU A 1 39 ? -5.357  1.781   1.965   1.00 24.90  ? 88   LEU A O   1 
ATOM   267 C  CB  . LEU A 1 39 ? -4.664  1.335   -1.222  1.00 28.29  ? 88   LEU A CB  1 
ATOM   268 C  CG  . LEU A 1 39 ? -3.394  0.484   -1.298  1.00 32.57  ? 88   LEU A CG  1 
ATOM   269 C  CD1 . LEU A 1 39 ? -2.419  1.062   -2.310  1.00 34.77  ? 88   LEU A CD1 1 
ATOM   270 C  CD2 . LEU A 1 39 ? -2.745  0.367   0.074   1.00 31.73  ? 88   LEU A CD2 1 
ATOM   271 N  N   . TYR A 1 40 ? -6.682  2.944   0.569   1.00 26.31  ? 89   TYR A N   1 
ATOM   272 C  CA  . TYR A 1 40 ? -6.994  3.969   1.558   1.00 28.73  ? 89   TYR A CA  1 
ATOM   273 C  C   . TYR A 1 40 ? -7.794  3.383   2.712   1.00 29.09  ? 89   TYR A C   1 
ATOM   274 O  O   . TYR A 1 40 ? -7.607  3.768   3.865   1.00 27.52  ? 89   TYR A O   1 
ATOM   275 C  CB  . TYR A 1 40 ? -7.767  5.124   0.921   1.00 27.48  ? 89   TYR A CB  1 
ATOM   276 C  CG  . TYR A 1 40 ? -6.885  6.143   0.240   1.00 27.56  ? 89   TYR A CG  1 
ATOM   277 C  CD1 . TYR A 1 40 ? -6.202  7.102   0.978   1.00 26.45  ? 89   TYR A CD1 1 
ATOM   278 C  CD2 . TYR A 1 40 ? -6.735  6.149   -1.139  1.00 27.82  ? 89   TYR A CD2 1 
ATOM   279 C  CE1 . TYR A 1 40 ? -5.394  8.039   0.360   1.00 30.34  ? 89   TYR A CE1 1 
ATOM   280 C  CE2 . TYR A 1 40 ? -5.931  7.081   -1.764  1.00 31.46  ? 89   TYR A CE2 1 
ATOM   281 C  CZ  . TYR A 1 40 ? -5.264  8.021   -1.012  1.00 29.47  ? 89   TYR A CZ  1 
ATOM   282 O  OH  . TYR A 1 40 ? -4.465  8.945   -1.639  1.00 32.70  ? 89   TYR A OH  1 
ATOM   283 N  N   . ASN A 1 41 ? -8.683  2.451   2.390   1.00 30.79  ? 90   ASN A N   1 
ATOM   284 C  CA  . ASN A 1 41 ? -9.502  1.789   3.397   1.00 34.98  ? 90   ASN A CA  1 
ATOM   285 C  C   . ASN A 1 41 ? -8.646  0.972   4.362   1.00 30.76  ? 90   ASN A C   1 
ATOM   286 O  O   . ASN A 1 41 ? -8.869  0.988   5.574   1.00 28.06  ? 90   ASN A O   1 
ATOM   287 C  CB  . ASN A 1 41 ? -10.545 0.892   2.729   1.00 43.43  ? 90   ASN A CB  1 
ATOM   288 C  CG  . ASN A 1 41 ? -11.905 1.001   3.380   1.00 54.23  ? 90   ASN A CG  1 
ATOM   289 O  OD1 . ASN A 1 41 ? -12.018 1.393   4.540   1.00 58.10  ? 90   ASN A OD1 1 
ATOM   290 N  ND2 . ASN A 1 41 ? -12.950 0.656   2.635   1.00 59.06  ? 90   ASN A ND2 1 
ATOM   291 N  N   . ARG A 1 42 ? -7.668  0.259   3.811   1.00 27.04  ? 91   ARG A N   1 
ATOM   292 C  CA  . ARG A 1 42 ? -6.729  -0.518  4.613   1.00 30.09  ? 91   ARG A CA  1 
ATOM   293 C  C   . ARG A 1 42 ? -5.929  0.380   5.555   1.00 29.09  ? 91   ARG A C   1 
ATOM   294 O  O   . ARG A 1 42 ? -5.742  0.054   6.727   1.00 25.47  ? 91   ARG A O   1 
ATOM   295 C  CB  . ARG A 1 42 ? -5.778  -1.307  3.712   1.00 30.89  ? 91   ARG A CB  1 
ATOM   296 C  CG  . ARG A 1 42 ? -6.355  -2.608  3.179   1.00 36.45  ? 91   ARG A CG  1 
ATOM   297 C  CD  . ARG A 1 42 ? -6.606  -3.595  4.307   1.00 42.78  ? 91   ARG A CD  1 
ATOM   298 N  NE  . ARG A 1 42 ? -6.845  -4.950  3.816   1.00 51.25  ? 91   ARG A NE  1 
ATOM   299 C  CZ  . ARG A 1 42 ? -8.035  -5.541  3.803   1.00 57.53  ? 91   ARG A CZ  1 
ATOM   300 N  NH1 . ARG A 1 42 ? -9.103  -4.897  4.254   1.00 60.09  ? 91   ARG A NH1 1 
ATOM   301 N  NH2 . ARG A 1 42 ? -8.159  -6.779  3.339   1.00 58.89  ? 91   ARG A NH2 1 
ATOM   302 N  N   . GLN A 1 43 ? -5.464  1.511   5.034   1.00 29.44  ? 92   GLN A N   1 
ATOM   303 C  CA  . GLN A 1 43 ? -4.710  2.474   5.826   1.00 28.44  ? 92   GLN A CA  1 
ATOM   304 C  C   . GLN A 1 43 ? -5.600  3.082   6.902   1.00 27.08  ? 92   GLN A C   1 
ATOM   305 O  O   . GLN A 1 43 ? -5.199  3.207   8.058   1.00 29.49  ? 92   GLN A O   1 
ATOM   306 C  CB  . GLN A 1 43 ? -4.130  3.568   4.926   1.00 26.96  ? 92   GLN A CB  1 
ATOM   307 C  CG  . GLN A 1 43 ? -2.937  4.302   5.518   1.00 28.54  ? 92   GLN A CG  1 
ATOM   308 C  CD  . GLN A 1 43 ? -3.330  5.569   6.259   1.00 28.23  ? 92   GLN A CD  1 
ATOM   309 O  OE1 . GLN A 1 43 ? -4.512  5.847   6.458   1.00 28.41  ? 92   GLN A OE1 1 
ATOM   310 N  NE2 . GLN A 1 43 ? -2.332  6.348   6.670   1.00 27.34  ? 92   GLN A NE2 1 
ATOM   311 N  N   . GLN A 1 44 ? -6.813  3.451   6.500   1.00 28.51  ? 93   GLN A N   1 
ATOM   312 C  CA  . GLN A 1 44 ? -7.804  4.041   7.394   1.00 27.70  ? 93   GLN A CA  1 
ATOM   313 C  C   . GLN A 1 44 ? -8.078  3.179   8.627   1.00 29.80  ? 93   GLN A C   1 
ATOM   314 O  O   . GLN A 1 44 ? -8.273  3.694   9.729   1.00 28.28  ? 93   GLN A O   1 
ATOM   315 C  CB  . GLN A 1 44 ? -9.109  4.280   6.628   1.00 32.20  ? 93   GLN A CB  1 
ATOM   316 C  CG  . GLN A 1 44 ? -10.316 4.585   7.494   1.00 37.76  ? 93   GLN A CG  1 
ATOM   317 C  CD  . GLN A 1 44 ? -11.609 4.602   6.697   1.00 45.20  ? 93   GLN A CD  1 
ATOM   318 O  OE1 . GLN A 1 44 ? -11.619 4.950   5.515   1.00 44.94  ? 93   GLN A OE1 1 
ATOM   319 N  NE2 . GLN A 1 44 ? -12.707 4.228   7.343   1.00 45.75  ? 93   GLN A NE2 1 
ATOM   320 N  N   . ARG A 1 45 ? -8.072  1.865   8.434   1.00 27.16  ? 94   ARG A N   1 
ATOM   321 C  CA  . ARG A 1 45 ? -8.504  0.938   9.474   1.00 31.30  ? 94   ARG A CA  1 
ATOM   322 C  C   . ARG A 1 45 ? -7.362  0.377   10.318  1.00 28.14  ? 94   ARG A C   1 
ATOM   323 O  O   . ARG A 1 45 ? -7.593  -0.413  11.232  1.00 28.81  ? 94   ARG A O   1 
ATOM   324 C  CB  . ARG A 1 45 ? -9.293  -0.209  8.840   1.00 36.72  ? 94   ARG A CB  1 
ATOM   325 C  CG  . ARG A 1 45 ? -10.681 0.199   8.385   1.00 43.57  ? 94   ARG A CG  1 
ATOM   326 C  CD  . ARG A 1 45 ? -11.286 -0.812  7.430   1.00 50.43  ? 94   ARG A CD  1 
ATOM   327 N  NE  . ARG A 1 45 ? -12.745 -0.754  7.441   1.00 58.40  ? 94   ARG A NE  1 
ATOM   328 C  CZ  . ARG A 1 45 ? -13.461 0.197   6.850   1.00 59.85  ? 94   ARG A CZ  1 
ATOM   329 N  N   . ALA A 1 46 ? -6.135  0.787   10.021  1.00 26.09  ? 95   ALA A N   1 
ATOM   330 C  CA  . ALA A 1 46 ? -4.985  0.310   10.777  1.00 25.69  ? 95   ALA A CA  1 
ATOM   331 C  C   . ALA A 1 46 ? -4.808  1.099   12.071  1.00 27.52  ? 95   ALA A C   1 
ATOM   332 O  O   . ALA A 1 46 ? -5.232  2.252   12.158  1.00 25.21  ? 95   ALA A O   1 
ATOM   333 C  CB  . ALA A 1 46 ? -3.725  0.393   9.929   1.00 24.49  ? 95   ALA A CB  1 
ATOM   334 N  N   . HIS A 1 47 ? -4.193  0.471   13.072  1.00 26.00  ? 96   HIS A N   1 
ATOM   335 C  CA  . HIS A 1 47 ? -3.798  1.168   14.294  1.00 26.14  ? 96   HIS A CA  1 
ATOM   336 C  C   . HIS A 1 47 ? -2.982  2.409   13.946  1.00 24.22  ? 96   HIS A C   1 
ATOM   337 O  O   . HIS A 1 47 ? -1.977  2.319   13.240  1.00 23.39  ? 96   HIS A O   1 
ATOM   338 C  CB  . HIS A 1 47 ? -2.985  0.249   15.213  1.00 26.65  ? 96   HIS A CB  1 
ATOM   339 C  CG  . HIS A 1 47 ? -3.809  -0.762  15.948  1.00 30.11  ? 96   HIS A CG  1 
ATOM   340 N  ND1 . HIS A 1 47 ? -4.518  -0.458  17.090  1.00 32.34  ? 96   HIS A ND1 1 
ATOM   341 C  CD2 . HIS A 1 47 ? -4.020  -2.080  15.716  1.00 30.10  ? 96   HIS A CD2 1 
ATOM   342 C  CE1 . HIS A 1 47 ? -5.137  -1.540  17.524  1.00 31.84  ? 96   HIS A CE1 1 
ATOM   343 N  NE2 . HIS A 1 47 ? -4.851  -2.539  16.708  1.00 39.45  ? 96   HIS A NE2 1 
ATOM   344 N  N   . SER A 1 48 ? -3.423  3.566   14.431  1.00 24.07  ? 97   SER A N   1 
ATOM   345 C  CA  . SER A 1 48 ? -2.775  4.827   14.083  1.00 28.47  ? 97   SER A CA  1 
ATOM   346 C  C   . SER A 1 48 ? -1.351  4.900   14.633  1.00 26.14  ? 97   SER A C   1 
ATOM   347 O  O   . SER A 1 48 ? -0.492  5.573   14.062  1.00 22.15  ? 97   SER A O   1 
ATOM   348 C  CB  . SER A 1 48 ? -3.594  6.013   14.590  1.00 23.31  ? 97   SER A CB  1 
ATOM   349 O  OG  . SER A 1 48 ? -3.668  6.006   16.002  1.00 29.13  ? 97   SER A OG  1 
ATOM   350 N  N   . LEU A 1 49 ? -1.103  4.204   15.739  1.00 27.82  ? 98   LEU A N   1 
ATOM   351 C  CA  . LEU A 1 49 ? 0.241   4.147   16.304  1.00 27.55  ? 98   LEU A CA  1 
ATOM   352 C  C   . LEU A 1 49 ? 1.176   3.335   15.416  1.00 27.46  ? 98   LEU A C   1 
ATOM   353 O  O   . LEU A 1 49 ? 2.363   3.644   15.311  1.00 22.25  ? 98   LEU A O   1 
ATOM   354 C  CB  . LEU A 1 49 ? 0.215   3.566   17.719  1.00 27.51  ? 98   LEU A CB  1 
ATOM   355 C  CG  . LEU A 1 49 ? -0.092  4.571   18.832  1.00 24.21  ? 98   LEU A CG  1 
ATOM   356 C  CD1 . LEU A 1 49 ? -0.044  3.900   20.192  1.00 25.73  ? 98   LEU A CD1 1 
ATOM   357 C  CD2 . LEU A 1 49 ? 0.881   5.737   18.774  1.00 23.09  ? 98   LEU A CD2 1 
ATOM   358 N  N   . PHE A 1 50 ? 0.646   2.299   14.774  1.00 26.06  ? 99   PHE A N   1 
ATOM   359 C  CA  . PHE A 1 50 ? 1.433   1.558   13.795  1.00 26.77  ? 99   PHE A CA  1 
ATOM   360 C  C   . PHE A 1 50 ? 1.708   2.428   12.577  1.00 26.31  ? 99   PHE A C   1 
ATOM   361 O  O   . PHE A 1 50 ? 2.810   2.413   12.027  1.00 28.91  ? 99   PHE A O   1 
ATOM   362 C  CB  . PHE A 1 50 ? 0.730   0.274   13.357  1.00 25.80  ? 99   PHE A CB  1 
ATOM   363 C  CG  . PHE A 1 50 ? 1.435   -0.434  12.238  1.00 26.93  ? 99   PHE A CG  1 
ATOM   364 C  CD1 . PHE A 1 50 ? 2.619   -1.114  12.470  1.00 25.49  ? 99   PHE A CD1 1 
ATOM   365 C  CD2 . PHE A 1 50 ? 0.929   -0.402  10.950  1.00 24.02  ? 99   PHE A CD2 1 
ATOM   366 C  CE1 . PHE A 1 50 ? 3.276   -1.761  11.443  1.00 28.44  ? 99   PHE A CE1 1 
ATOM   367 C  CE2 . PHE A 1 50 ? 1.581   -1.047  9.919   1.00 24.40  ? 99   PHE A CE2 1 
ATOM   368 C  CZ  . PHE A 1 50 ? 2.753   -1.727  10.164  1.00 25.42  ? 99   PHE A CZ  1 
ATOM   369 N  N   . LEU A 1 51 ? 0.698   3.188   12.164  1.00 22.25  ? 100  LEU A N   1 
ATOM   370 C  CA  . LEU A 1 51 ? 0.831   4.102   11.035  1.00 26.19  ? 100  LEU A CA  1 
ATOM   371 C  C   . LEU A 1 51 ? 1.904   5.158   11.295  1.00 28.19  ? 100  LEU A C   1 
ATOM   372 O  O   . LEU A 1 51 ? 2.473   5.721   10.358  1.00 26.73  ? 100  LEU A O   1 
ATOM   373 C  CB  . LEU A 1 51 ? -0.506  4.785   10.731  1.00 24.70  ? 100  LEU A CB  1 
ATOM   374 C  CG  . LEU A 1 51 ? -1.653  3.905   10.234  1.00 23.66  ? 100  LEU A CG  1 
ATOM   375 C  CD1 . LEU A 1 51 ? -2.915  4.735   10.048  1.00 21.89  ? 100  LEU A CD1 1 
ATOM   376 C  CD2 . LEU A 1 51 ? -1.273  3.200   8.939   1.00 21.49  ? 100  LEU A CD2 1 
ATOM   377 N  N   . ALA A 1 52 ? 2.177   5.418   12.570  1.00 26.56  ? 101  ALA A N   1 
ATOM   378 C  CA  . ALA A 1 52 ? 3.151   6.431   12.960  1.00 27.47  ? 101  ALA A CA  1 
ATOM   379 C  C   . ALA A 1 52 ? 4.450   5.809   13.462  1.00 27.07  ? 101  ALA A C   1 
ATOM   380 O  O   . ALA A 1 52 ? 5.255   6.479   14.106  1.00 28.29  ? 101  ALA A O   1 
ATOM   381 C  CB  . ALA A 1 52 ? 2.558   7.339   14.025  1.00 19.93  ? 101  ALA A CB  1 
ATOM   382 N  N   . SER A 1 53 ? 4.661   4.534   13.149  1.00 25.91  ? 102  SER A N   1 
ATOM   383 C  CA  . SER A 1 53 ? 5.788   3.792   13.709  1.00 25.50  ? 102  SER A CA  1 
ATOM   384 C  C   . SER A 1 53 ? 7.024   3.796   12.814  1.00 27.90  ? 102  SER A C   1 
ATOM   385 O  O   . SER A 1 53 ? 6.938   4.042   11.612  1.00 28.30  ? 102  SER A O   1 
ATOM   386 C  CB  . SER A 1 53 ? 5.376   2.345   13.998  1.00 23.34  ? 102  SER A CB  1 
ATOM   387 O  OG  . SER A 1 53 ? 5.169   1.623   12.796  1.00 24.26  ? 102  SER A OG  1 
ATOM   388 N  N   . ALA A 1 54 ? 8.173   3.514   13.422  1.00 28.56  ? 103  ALA A N   1 
ATOM   389 C  CA  . ALA A 1 54 ? 9.427   3.390   12.696  1.00 27.34  ? 103  ALA A CA  1 
ATOM   390 C  C   . ALA A 1 54 ? 9.420   2.148   11.814  1.00 27.54  ? 103  ALA A C   1 
ATOM   391 O  O   . ALA A 1 54 ? 10.041  2.126   10.752  1.00 27.32  ? 103  ALA A O   1 
ATOM   392 C  CB  . ALA A 1 54 ? 10.595  3.345   13.665  1.00 30.35  ? 103  ALA A CB  1 
ATOM   393 N  N   . GLU A 1 55 ? 8.720   1.114   12.269  1.00 28.45  ? 104  GLU A N   1 
ATOM   394 C  CA  . GLU A 1 55 ? 8.620   -0.131  11.517  1.00 29.44  ? 104  GLU A CA  1 
ATOM   395 C  C   . GLU A 1 55 ? 7.857   0.082   10.215  1.00 27.06  ? 104  GLU A C   1 
ATOM   396 O  O   . GLU A 1 55 ? 8.252   -0.422  9.165   1.00 27.18  ? 104  GLU A O   1 
ATOM   397 C  CB  . GLU A 1 55 ? 7.940   -1.224  12.347  1.00 38.41  ? 104  GLU A CB  1 
ATOM   398 C  CG  . GLU A 1 55 ? 8.385   -1.290  13.801  1.00 43.24  ? 104  GLU A CG  1 
ATOM   399 C  CD  . GLU A 1 55 ? 7.498   -0.478  14.725  1.00 43.95  ? 104  GLU A CD  1 
ATOM   400 O  OE1 . GLU A 1 55 ? 6.321   -0.859  14.895  1.00 45.53  ? 104  GLU A OE1 1 
ATOM   401 O  OE2 . GLU A 1 55 ? 7.976   0.531   15.284  1.00 44.66  ? 104  GLU A OE2 1 
ATOM   402 N  N   . PHE A 1 56 ? 6.760   0.828   10.290  1.00 25.41  ? 105  PHE A N   1 
ATOM   403 C  CA  . PHE A 1 56 ? 5.966   1.126   9.106   1.00 30.68  ? 105  PHE A CA  1 
ATOM   404 C  C   . PHE A 1 56 ? 6.757   2.003   8.143   1.00 28.30  ? 105  PHE A C   1 
ATOM   405 O  O   . PHE A 1 56 ? 6.648   1.859   6.924   1.00 26.42  ? 105  PHE A O   1 
ATOM   406 C  CB  . PHE A 1 56 ? 4.654   1.811   9.487   1.00 28.43  ? 105  PHE A CB  1 
ATOM   407 C  CG  . PHE A 1 56 ? 3.679   1.914   8.350   1.00 29.87  ? 105  PHE A CG  1 
ATOM   408 C  CD1 . PHE A 1 56 ? 3.480   0.841   7.496   1.00 24.42  ? 105  PHE A CD1 1 
ATOM   409 C  CD2 . PHE A 1 56 ? 2.954   3.076   8.138   1.00 29.73  ? 105  PHE A CD2 1 
ATOM   410 C  CE1 . PHE A 1 56 ? 2.586   0.925   6.450   1.00 27.29  ? 105  PHE A CE1 1 
ATOM   411 C  CE2 . PHE A 1 56 ? 2.054   3.166   7.094   1.00 23.90  ? 105  PHE A CE2 1 
ATOM   412 C  CZ  . PHE A 1 56 ? 1.870   2.086   6.248   1.00 27.25  ? 105  PHE A CZ  1 
ATOM   413 N  N   . CYS A 1 57 ? 7.554   2.911   8.701   1.00 28.32  ? 106  CYS A N   1 
ATOM   414 C  CA  . CYS A 1 57 ? 8.432   3.763   7.906   1.00 28.27  ? 106  CYS A CA  1 
ATOM   415 C  C   . CYS A 1 57 ? 9.411   2.925   7.103   1.00 26.91  ? 106  CYS A C   1 
ATOM   416 O  O   . CYS A 1 57 ? 9.608   3.149   5.910   1.00 22.65  ? 106  CYS A O   1 
ATOM   417 C  CB  . CYS A 1 57 ? 9.198   4.739   8.802   1.00 23.41  ? 106  CYS A CB  1 
ATOM   418 S  SG  . CYS A 1 57 ? 10.197  5.946   7.893   1.00 27.01  ? 106  CYS A SG  1 
ATOM   419 N  N   . ASN A 1 58 ? 10.023  1.956   7.773   1.00 24.84  ? 107  ASN A N   1 
ATOM   420 C  CA  . ASN A 1 58 ? 10.965  1.056   7.131   1.00 29.75  ? 107  ASN A CA  1 
ATOM   421 C  C   . ASN A 1 58 ? 10.303  0.254   6.016   1.00 29.06  ? 107  ASN A C   1 
ATOM   422 O  O   . ASN A 1 58 ? 10.889  0.048   4.953   1.00 25.66  ? 107  ASN A O   1 
ATOM   423 C  CB  . ASN A 1 58 ? 11.576  0.112   8.162   1.00 29.35  ? 107  ASN A CB  1 
ATOM   424 C  CG  . ASN A 1 58 ? 12.768  -0.641  7.621   1.00 31.96  ? 107  ASN A CG  1 
ATOM   425 O  OD1 . ASN A 1 58 ? 12.686  -1.835  7.337   1.00 39.50  ? 107  ASN A OD1 1 
ATOM   426 N  ND2 . ASN A 1 58 ? 13.894  0.049   7.497   1.00 33.17  ? 107  ASN A ND2 1 
ATOM   427 N  N   . ILE A 1 59 ? 9.078   -0.194  6.267   1.00 27.28  ? 108  ILE A N   1 
ATOM   428 C  CA  . ILE A 1 59 ? 8.316   -0.953  5.284   1.00 25.09  ? 108  ILE A CA  1 
ATOM   429 C  C   . ILE A 1 59 ? 7.972   -0.089  4.072   1.00 23.24  ? 108  ILE A C   1 
ATOM   430 O  O   . ILE A 1 59 ? 8.156   -0.507  2.928   1.00 23.35  ? 108  ILE A O   1 
ATOM   431 C  CB  . ILE A 1 59 ? 7.018   -1.519  5.895   1.00 25.98  ? 108  ILE A CB  1 
ATOM   432 C  CG1 . ILE A 1 59 ? 7.346   -2.573  6.955   1.00 28.79  ? 108  ILE A CG1 1 
ATOM   433 C  CG2 . ILE A 1 59 ? 6.131   -2.118  4.817   1.00 26.49  ? 108  ILE A CG2 1 
ATOM   434 C  CD1 . ILE A 1 59 ? 6.151   -2.999  7.783   1.00 31.85  ? 108  ILE A CD1 1 
ATOM   435 N  N   . LEU A 1 60 ? 7.480   1.119   4.332   1.00 25.73  ? 109  LEU A N   1 
ATOM   436 C  CA  . LEU A 1 60 ? 7.105   2.042   3.265   1.00 25.32  ? 109  LEU A CA  1 
ATOM   437 C  C   . LEU A 1 60 ? 8.303   2.435   2.407   1.00 26.92  ? 109  LEU A C   1 
ATOM   438 O  O   . LEU A 1 60 ? 8.178   2.598   1.191   1.00 21.16  ? 109  LEU A O   1 
ATOM   439 C  CB  . LEU A 1 60 ? 6.451   3.299   3.843   1.00 24.28  ? 109  LEU A CB  1 
ATOM   440 C  CG  . LEU A 1 60 ? 5.003   3.162   4.306   1.00 25.01  ? 109  LEU A CG  1 
ATOM   441 C  CD1 . LEU A 1 60 ? 4.531   4.455   4.947   1.00 26.21  ? 109  LEU A CD1 1 
ATOM   442 C  CD2 . LEU A 1 60 ? 4.107   2.779   3.136   1.00 24.96  ? 109  LEU A CD2 1 
ATOM   443 N  N   . SER A 1 61 ? 9.460   2.591   3.046   1.00 21.76  ? 110  SER A N   1 
ATOM   444 C  CA  . SER A 1 61 ? 10.686  2.933   2.334   1.00 24.45  ? 110  SER A CA  1 
ATOM   445 C  C   . SER A 1 61 ? 11.026  1.864   1.302   1.00 24.58  ? 110  SER A C   1 
ATOM   446 O  O   . SER A 1 61 ? 11.323  2.176   0.152   1.00 28.59  ? 110  SER A O   1 
ATOM   447 C  CB  . SER A 1 61 ? 11.849  3.114   3.313   1.00 29.36  ? 110  SER A CB  1 
ATOM   448 O  OG  . SER A 1 61 ? 11.555  4.108   4.281   1.00 34.60  ? 110  SER A OG  1 
ATOM   449 N  N   . ARG A 1 62 ? 10.973  0.603   1.719   1.00 23.98  ? 111  ARG A N   1 
ATOM   450 C  CA  . ARG A 1 62 ? 11.238  -0.518  0.820   1.00 27.66  ? 111  ARG A CA  1 
ATOM   451 C  C   . ARG A 1 62 ? 10.217  -0.602  -0.308  1.00 25.71  ? 111  ARG A C   1 
ATOM   452 O  O   . ARG A 1 62 ? 10.582  -0.735  -1.477  1.00 25.50  ? 111  ARG A O   1 
ATOM   453 C  CB  . ARG A 1 62 ? 11.258  -1.835  1.602   1.00 32.69  ? 111  ARG A CB  1 
ATOM   454 C  CG  . ARG A 1 62 ? 11.152  -3.075  0.732   1.00 39.76  ? 111  ARG A CG  1 
ATOM   455 C  CD  . ARG A 1 62 ? 11.508  -4.332  1.512   1.00 46.26  ? 111  ARG A CD  1 
ATOM   456 N  NE  . ARG A 1 62 ? 10.972  -4.314  2.869   1.00 51.28  ? 111  ARG A NE  1 
ATOM   457 C  CZ  . ARG A 1 62 ? 9.766   -4.768  3.199   1.00 53.64  ? 111  ARG A CZ  1 
ATOM   458 N  NH1 . ARG A 1 62 ? 8.964   -5.278  2.270   1.00 55.71  ? 111  ARG A NH1 1 
ATOM   459 N  NH2 . ARG A 1 62 ? 9.357   -4.715  4.461   1.00 52.54  ? 111  ARG A NH2 1 
ATOM   460 N  N   . VAL A 1 63 ? 8.940   -0.522  0.049   1.00 22.85  ? 112  VAL A N   1 
ATOM   461 C  CA  . VAL A 1 63 ? 7.861   -0.623  -0.926  1.00 23.31  ? 112  VAL A CA  1 
ATOM   462 C  C   . VAL A 1 63 ? 7.937   0.486   -1.969  1.00 24.88  ? 112  VAL A C   1 
ATOM   463 O  O   . VAL A 1 63 ? 7.850   0.223   -3.168  1.00 23.91  ? 112  VAL A O   1 
ATOM   464 C  CB  . VAL A 1 63 ? 6.478   -0.582  -0.239  1.00 24.81  ? 112  VAL A CB  1 
ATOM   465 C  CG1 . VAL A 1 63 ? 5.378   -0.360  -1.261  1.00 26.07  ? 112  VAL A CG1 1 
ATOM   466 C  CG2 . VAL A 1 63 ? 6.234   -1.863  0.547   1.00 25.57  ? 112  VAL A CG2 1 
ATOM   467 N  N   . LEU A 1 64 ? 8.112   1.722   -1.512  1.00 21.71  ? 113  LEU A N   1 
ATOM   468 C  CA  . LEU A 1 64 ? 8.198   2.861   -2.416  1.00 22.06  ? 113  LEU A CA  1 
ATOM   469 C  C   . LEU A 1 64 ? 9.457   2.787   -3.271  1.00 22.34  ? 113  LEU A C   1 
ATOM   470 O  O   . LEU A 1 64 ? 9.437   3.155   -4.443  1.00 24.72  ? 113  LEU A O   1 
ATOM   471 C  CB  . LEU A 1 64 ? 8.169   4.173   -1.632  1.00 30.37  ? 113  LEU A CB  1 
ATOM   472 C  CG  . LEU A 1 64 ? 8.117   5.443   -2.481  1.00 34.42  ? 113  LEU A CG  1 
ATOM   473 C  CD1 . LEU A 1 64 ? 6.849   5.476   -3.319  1.00 31.85  ? 113  LEU A CD1 1 
ATOM   474 C  CD2 . LEU A 1 64 ? 8.218   6.683   -1.607  1.00 39.49  ? 113  LEU A CD2 1 
ATOM   475 N  N   . SER A 1 65 ? 10.547  2.306   -2.680  1.00 23.46  ? 114  SER A N   1 
ATOM   476 C  CA  . SER A 1 65 ? 11.799  2.145   -3.410  1.00 23.25  ? 114  SER A CA  1 
ATOM   477 C  C   . SER A 1 65 ? 11.633  1.158   -4.558  1.00 29.08  ? 114  SER A C   1 
ATOM   478 O  O   . SER A 1 65 ? 12.099  1.403   -5.670  1.00 23.88  ? 114  SER A O   1 
ATOM   479 C  CB  . SER A 1 65 ? 12.914  1.679   -2.475  1.00 27.14  ? 114  SER A CB  1 
ATOM   480 O  OG  . SER A 1 65 ? 14.084  1.358   -3.204  1.00 33.35  ? 114  SER A OG  1 
ATOM   481 N  N   . ARG A 1 66 ? 10.960  0.046   -4.281  1.00 23.15  ? 115  ARG A N   1 
ATOM   482 C  CA  . ARG A 1 66 ? 10.705  -0.971  -5.294  1.00 27.69  ? 115  ARG A CA  1 
ATOM   483 C  C   . ARG A 1 66 ? 9.736   -0.461  -6.354  1.00 23.71  ? 115  ARG A C   1 
ATOM   484 O  O   . ARG A 1 66 ? 9.879   -0.764  -7.539  1.00 24.33  ? 115  ARG A O   1 
ATOM   485 C  CB  . ARG A 1 66 ? 10.155  -2.246  -4.654  1.00 24.64  ? 115  ARG A CB  1 
ATOM   486 C  CG  . ARG A 1 66 ? 11.170  -3.015  -3.828  1.00 35.26  ? 115  ARG A CG  1 
ATOM   487 C  CD  . ARG A 1 66 ? 10.556  -4.276  -3.239  1.00 41.36  ? 115  ARG A CD  1 
ATOM   488 N  NE  . ARG A 1 66 ? 11.529  -5.065  -2.488  1.00 48.02  ? 115  ARG A NE  1 
ATOM   489 N  N   . ALA A 1 67 ? 8.753   0.320   -5.918  1.00 23.47  ? 116  ALA A N   1 
ATOM   490 C  CA  . ALA A 1 67 ? 7.754   0.873   -6.823  1.00 24.47  ? 116  ALA A CA  1 
ATOM   491 C  C   . ALA A 1 67 ? 8.387   1.844   -7.815  1.00 25.02  ? 116  ALA A C   1 
ATOM   492 O  O   . ALA A 1 67 ? 7.934   1.963   -8.952  1.00 30.38  ? 116  ALA A O   1 
ATOM   493 C  CB  . ALA A 1 67 ? 6.651   1.561   -6.034  1.00 24.83  ? 116  ALA A CB  1 
ATOM   494 N  N   . ARG A 1 68 ? 9.438   2.531   -7.378  1.00 26.22  ? 117  ARG A N   1 
ATOM   495 C  CA  . ARG A 1 68 ? 10.091  3.536   -8.211  1.00 29.00  ? 117  ARG A CA  1 
ATOM   496 C  C   . ARG A 1 68 ? 11.085  2.926   -9.197  1.00 29.25  ? 117  ARG A C   1 
ATOM   497 O  O   . ARG A 1 68 ? 11.224  3.408   -10.319 1.00 27.63  ? 117  ARG A O   1 
ATOM   498 C  CB  . ARG A 1 68 ? 10.793  4.572   -7.331  1.00 26.26  ? 117  ARG A CB  1 
ATOM   499 C  CG  . ARG A 1 68 ? 9.829   5.503   -6.615  1.00 31.70  ? 117  ARG A CG  1 
ATOM   500 C  CD  . ARG A 1 68 ? 10.548  6.537   -5.758  1.00 33.40  ? 117  ARG A CD  1 
ATOM   501 N  NE  . ARG A 1 68 ? 9.630   7.586   -5.319  1.00 41.06  ? 117  ARG A NE  1 
ATOM   502 C  CZ  . ARG A 1 68 ? 9.810   8.340   -4.240  1.00 47.64  ? 117  ARG A CZ  1 
ATOM   503 N  NH1 . ARG A 1 68 ? 10.878  8.162   -3.475  1.00 48.60  ? 117  ARG A NH1 1 
ATOM   504 N  NH2 . ARG A 1 68 ? 8.915   9.268   -3.921  1.00 51.95  ? 117  ARG A NH2 1 
ATOM   505 N  N   . SER A 1 69 ? 11.763  1.860   -8.783  1.00 25.30  ? 118  SER A N   1 
ATOM   506 C  CA  . SER A 1 69 ? 12.779  1.239   -9.622  1.00 29.13  ? 118  SER A CA  1 
ATOM   507 C  C   . SER A 1 69 ? 12.211  0.109   -10.476 1.00 28.18  ? 118  SER A C   1 
ATOM   508 O  O   . SER A 1 69 ? 12.700  -0.151  -11.574 1.00 30.38  ? 118  SER A O   1 
ATOM   509 C  CB  . SER A 1 69 ? 13.929  0.717   -8.763  1.00 28.80  ? 118  SER A CB  1 
ATOM   510 O  OG  . SER A 1 69 ? 13.462  -0.165  -7.765  1.00 29.79  ? 118  SER A OG  1 
ATOM   511 N  N   . ARG A 1 70 ? 11.184  -0.566  -9.971  1.00 29.17  ? 119  ARG A N   1 
ATOM   512 C  CA  . ARG A 1 70 ? 10.598  -1.693  -10.694 1.00 32.50  ? 119  ARG A CA  1 
ATOM   513 C  C   . ARG A 1 70 ? 9.073   -1.729  -10.594 1.00 31.29  ? 119  ARG A C   1 
ATOM   514 O  O   . ARG A 1 70 ? 8.511   -2.628  -9.970  1.00 30.93  ? 119  ARG A O   1 
ATOM   515 C  CB  . ARG A 1 70 ? 11.185  -3.005  -10.171 1.00 36.49  ? 119  ARG A CB  1 
ATOM   516 C  CG  . ARG A 1 70 ? 11.197  -4.138  -11.180 1.00 47.24  ? 119  ARG A CG  1 
ATOM   517 C  CD  . ARG A 1 70 ? 11.819  -5.387  -10.576 1.00 55.74  ? 119  ARG A CD  1 
ATOM   518 N  NE  . ARG A 1 70 ? 11.737  -6.538  -11.471 1.00 63.58  ? 119  ARG A NE  1 
ATOM   519 C  CZ  . ARG A 1 70 ? 12.118  -7.768  -11.137 1.00 70.14  ? 119  ARG A CZ  1 
ATOM   520 N  NH1 . ARG A 1 70 ? 12.603  -8.008  -9.926  1.00 72.35  ? 119  ARG A NH1 1 
ATOM   521 N  NH2 . ARG A 1 70 ? 12.010  -8.758  -12.013 1.00 73.43  ? 119  ARG A NH2 1 
ATOM   522 N  N   . PRO A 1 71 ? 8.395   -0.754  -11.226 1.00 36.78  ? 120  PRO A N   1 
ATOM   523 C  CA  . PRO A 1 71 ? 6.934   -0.629  -11.133 1.00 35.08  ? 120  PRO A CA  1 
ATOM   524 C  C   . PRO A 1 71 ? 6.161   -1.691  -11.915 1.00 38.98  ? 120  PRO A C   1 
ATOM   525 O  O   . PRO A 1 71 ? 4.930   -1.694  -11.877 1.00 39.91  ? 120  PRO A O   1 
ATOM   526 C  CB  . PRO A 1 71 ? 6.668   0.761   -11.715 1.00 37.16  ? 120  PRO A CB  1 
ATOM   527 C  CG  . PRO A 1 71 ? 7.813   1.008   -12.627 1.00 38.26  ? 120  PRO A CG  1 
ATOM   528 C  CD  . PRO A 1 71 ? 8.995   0.341   -12.007 1.00 38.26  ? 120  PRO A CD  1 
ATOM   529 N  N   . ALA A 1 72 ? 6.867   -2.583  -12.600 1.00 40.34  ? 121  ALA A N   1 
ATOM   530 C  CA  . ALA A 1 72 ? 6.216   -3.661  -13.335 1.00 42.68  ? 121  ALA A CA  1 
ATOM   531 C  C   . ALA A 1 72 ? 5.618   -4.682  -12.373 1.00 43.28  ? 121  ALA A C   1 
ATOM   532 O  O   . ALA A 1 72 ? 4.833   -5.539  -12.775 1.00 46.98  ? 121  ALA A O   1 
ATOM   533 C  CB  . ALA A 1 72 ? 7.197   -4.333  -14.281 1.00 43.87  ? 121  ALA A CB  1 
ATOM   534 N  N   . LYS A 1 73 ? 6.003   -4.584  -11.106 1.00 41.06  ? 122  LYS A N   1 
ATOM   535 C  CA  . LYS A 1 73 ? 5.479   -5.455  -10.064 1.00 40.24  ? 122  LYS A CA  1 
ATOM   536 C  C   . LYS A 1 73 ? 4.704   -4.652  -9.028  1.00 36.68  ? 122  LYS A C   1 
ATOM   537 O  O   . LYS A 1 73 ? 4.738   -4.965  -7.839  1.00 37.80  ? 122  LYS A O   1 
ATOM   538 C  CB  . LYS A 1 73 ? 6.613   -6.224  -9.386  1.00 44.04  ? 122  LYS A CB  1 
ATOM   539 C  CG  . LYS A 1 73 ? 7.355   -7.182  -10.298 1.00 50.78  ? 122  LYS A CG  1 
ATOM   540 C  CD  . LYS A 1 73 ? 8.202   -8.152  -9.493  1.00 56.69  ? 122  LYS A CD  1 
ATOM   541 C  CE  . LYS A 1 73 ? 8.931   -9.132  -10.398 1.00 65.63  ? 122  LYS A CE  1 
ATOM   542 N  NZ  . LYS A 1 73 ? 9.428   -10.317 -9.645  1.00 70.26  ? 122  LYS A NZ  1 
ATOM   543 N  N   . LEU A 1 74 ? 4.009   -3.614  -9.487  1.00 35.77  ? 123  LEU A N   1 
ATOM   544 C  CA  . LEU A 1 74 ? 3.291   -2.709  -8.595  1.00 34.86  ? 123  LEU A CA  1 
ATOM   545 C  C   . LEU A 1 74 ? 2.256   -3.431  -7.741  1.00 33.23  ? 123  LEU A C   1 
ATOM   546 O  O   . LEU A 1 74 ? 2.150   -3.178  -6.541  1.00 33.20  ? 123  LEU A O   1 
ATOM   547 C  CB  . LEU A 1 74 ? 2.608   -1.599  -9.395  1.00 30.03  ? 123  LEU A CB  1 
ATOM   548 C  CG  . LEU A 1 74 ? 1.847   -0.575  -8.549  1.00 31.52  ? 123  LEU A CG  1 
ATOM   549 C  CD1 . LEU A 1 74 ? 2.765   0.052   -7.506  1.00 28.29  ? 123  LEU A CD1 1 
ATOM   550 C  CD2 . LEU A 1 74 ? 1.215   0.494   -9.422  1.00 32.90  ? 123  LEU A CD2 1 
ATOM   551 N  N   . TYR A 1 75 ? 1.498   -4.328  -8.360  1.00 33.04  ? 124  TYR A N   1 
ATOM   552 C  CA  . TYR A 1 75 ? 0.445   -5.046  -7.652  1.00 34.14  ? 124  TYR A CA  1 
ATOM   553 C  C   . TYR A 1 75 ? 1.011   -5.990  -6.596  1.00 33.09  ? 124  TYR A C   1 
ATOM   554 O  O   . TYR A 1 75 ? 0.334   -6.314  -5.621  1.00 33.09  ? 124  TYR A O   1 
ATOM   555 C  CB  . TYR A 1 75 ? -0.434  -5.815  -8.637  1.00 34.06  ? 124  TYR A CB  1 
ATOM   556 C  CG  . TYR A 1 75 ? -1.474  -4.947  -9.305  1.00 34.95  ? 124  TYR A CG  1 
ATOM   557 C  CD1 . TYR A 1 75 ? -2.700  -4.717  -8.700  1.00 35.48  ? 124  TYR A CD1 1 
ATOM   558 C  CD2 . TYR A 1 75 ? -1.227  -4.349  -10.533 1.00 36.10  ? 124  TYR A CD2 1 
ATOM   559 C  CE1 . TYR A 1 75 ? -3.655  -3.922  -9.300  1.00 40.36  ? 124  TYR A CE1 1 
ATOM   560 C  CE2 . TYR A 1 75 ? -2.176  -3.550  -11.141 1.00 42.58  ? 124  TYR A CE2 1 
ATOM   561 C  CZ  . TYR A 1 75 ? -3.389  -3.340  -10.519 1.00 41.41  ? 124  TYR A CZ  1 
ATOM   562 O  OH  . TYR A 1 75 ? -4.341  -2.548  -11.118 1.00 42.99  ? 124  TYR A OH  1 
ATOM   563 N  N   . VAL A 1 76 ? 2.196   -6.493  -6.830  1.00 30.72  ? 125  VAL A N   1 
ATOM   564 C  CA  . VAL A 1 76 ? 2.927   -7.193  -5.815  1.00 30.84  ? 125  VAL A CA  1 
ATOM   565 C  C   . VAL A 1 76 ? 3.106   -6.305  -4.595  1.00 28.54  ? 125  VAL A C   1 
ATOM   566 O  O   . VAL A 1 76 ? 2.878   -6.712  -3.501  1.00 28.41  ? 125  VAL A O   1 
ATOM   567 C  CB  . VAL A 1 76 ? 4.296   -7.663  -6.304  1.00 35.56  ? 125  VAL A CB  1 
ATOM   568 C  CG1 . VAL A 1 76 ? 5.106   -8.298  -5.215  1.00 35.78  ? 125  VAL A CG1 1 
ATOM   569 C  CG2 . VAL A 1 76 ? 4.175   -8.592  -7.475  1.00 39.32  ? 125  VAL A CG2 1 
ATOM   570 N  N   . TYR A 1 77 ? 3.497   -5.073  -4.838  1.00 31.04  ? 126  TYR A N   1 
ATOM   571 C  CA  . TYR A 1 77 ? 3.810   -4.127  -3.786  1.00 30.93  ? 126  TYR A CA  1 
ATOM   572 C  C   . TYR A 1 77 ? 2.570   -3.697  -3.071  1.00 28.84  ? 126  TYR A C   1 
ATOM   573 O  O   . TYR A 1 77 ? 2.527   -3.648  -1.893  1.00 28.84  ? 126  TYR A O   1 
ATOM   574 C  CB  . TYR A 1 77 ? 4.473   -2.892  -4.360  1.00 30.34  ? 126  TYR A CB  1 
ATOM   575 C  CG  . TYR A 1 77 ? 5.645   -3.179  -5.215  1.00 30.83  ? 126  TYR A CG  1 
ATOM   576 C  CD1 . TYR A 1 77 ? 6.474   -4.213  -4.929  1.00 30.06  ? 126  TYR A CD1 1 
ATOM   577 C  CD2 . TYR A 1 77 ? 5.916   -2.421  -6.314  1.00 27.31  ? 126  TYR A CD2 1 
ATOM   578 C  CE1 . TYR A 1 77 ? 7.537   -4.490  -5.711  1.00 31.64  ? 126  TYR A CE1 1 
ATOM   579 C  CE2 . TYR A 1 77 ? 6.983   -2.679  -7.089  1.00 28.87  ? 126  TYR A CE2 1 
ATOM   580 C  CZ  . TYR A 1 77 ? 7.776   -3.717  -6.782  1.00 30.97  ? 126  TYR A CZ  1 
ATOM   581 O  OH  . TYR A 1 77 ? 8.830   -3.984  -7.518  1.00 35.26  ? 126  TYR A OH  1 
ATOM   582 N  N   . ILE A 1 78 ? 1.550   -3.397  -3.835  1.00 28.57  ? 127  ILE A N   1 
ATOM   583 C  CA  . ILE A 1 78 ? 0.259   -3.138  -3.304  1.00 30.18  ? 127  ILE A CA  1 
ATOM   584 C  C   . ILE A 1 78 ? -0.238  -4.244  -2.385  1.00 30.96  ? 127  ILE A C   1 
ATOM   585 O  O   . ILE A 1 78 ? -0.692  -3.978  -1.329  1.00 29.45  ? 127  ILE A O   1 
ATOM   586 C  CB  . ILE A 1 78 ? -0.755  -2.828  -4.389  1.00 28.57  ? 127  ILE A CB  1 
ATOM   587 C  CG1 . ILE A 1 78 ? -0.267  -1.638  -5.204  1.00 28.41  ? 127  ILE A CG1 1 
ATOM   588 C  CG2 . ILE A 1 78 ? -2.094  -2.528  -3.772  1.00 27.38  ? 127  ILE A CG2 1 
ATOM   589 C  CD1 . ILE A 1 78 ? -1.184  -1.131  -6.276  1.00 28.93  ? 127  ILE A CD1 1 
ATOM   590 N  N   . ASN A 1 79 ? -0.121  -5.485  -2.803  1.00 33.18  ? 128  ASN A N   1 
ATOM   591 C  CA  . ASN A 1 79 ? -0.443  -6.592  -1.950  1.00 35.47  ? 128  ASN A CA  1 
ATOM   592 C  C   . ASN A 1 79 ? 0.325   -6.681  -0.669  1.00 30.95  ? 128  ASN A C   1 
ATOM   593 O  O   . ASN A 1 79 ? -0.256  -6.897  0.328   1.00 27.70  ? 128  ASN A O   1 
ATOM   594 C  CB  . ASN A 1 79 ? -0.372  -7.887  -2.699  1.00 42.24  ? 128  ASN A CB  1 
ATOM   595 C  CG  . ASN A 1 79 ? -1.712  -8.351  -3.127  1.00 51.67  ? 128  ASN A CG  1 
ATOM   596 O  OD1 . ASN A 1 79 ? -2.538  -8.709  -2.313  1.00 56.35  ? 128  ASN A OD1 1 
ATOM   597 N  ND2 . ASN A 1 79 ? -1.944  -8.326  -4.390  1.00 56.12  ? 128  ASN A ND2 1 
ATOM   598 N  N   . GLU A 1 80 ? 1.624   -6.506  -0.704  1.00 29.64  ? 129  GLU A N   1 
ATOM   599 C  CA  . GLU A 1 80 ? 2.391   -6.407  0.518   1.00 32.73  ? 129  GLU A CA  1 
ATOM   600 C  C   . GLU A 1 80 ? 1.846   -5.396  1.501   1.00 28.10  ? 129  GLU A C   1 
ATOM   601 O  O   . GLU A 1 80 ? 1.696   -5.680  2.645   1.00 28.67  ? 129  GLU A O   1 
ATOM   602 C  CB  . GLU A 1 80 ? 3.843   -6.073  0.260   1.00 40.37  ? 129  GLU A CB  1 
ATOM   603 C  CG  . GLU A 1 80 ? 4.539   -6.960  -0.727  1.00 52.00  ? 129  GLU A CG  1 
ATOM   604 C  CD  . GLU A 1 80 ? 6.005   -6.643  -0.892  1.00 58.57  ? 129  GLU A CD  1 
ATOM   605 O  OE1 . GLU A 1 80 ? 6.634   -6.040  0.000   1.00 58.87  ? 129  GLU A OE1 1 
ATOM   606 O  OE2 . GLU A 1 80 ? 6.524   -7.009  -1.939  1.00 63.38  ? 129  GLU A OE2 1 
ATOM   607 N  N   . LEU A 1 81 ? 1.586   -4.209  1.010   1.00 24.25  ? 130  LEU A N   1 
ATOM   608 C  CA  . LEU A 1 81 ? 1.205   -3.121  1.837   1.00 24.28  ? 130  LEU A CA  1 
ATOM   609 C  C   . LEU A 1 81 ? -0.162  -3.375  2.432   1.00 26.04  ? 130  LEU A C   1 
ATOM   610 O  O   . LEU A 1 81 ? -0.376  -3.132  3.570   1.00 27.06  ? 130  LEU A O   1 
ATOM   611 C  CB  . LEU A 1 81 ? 1.209   -1.835  1.047   1.00 22.88  ? 130  LEU A CB  1 
ATOM   612 C  CG  . LEU A 1 81 ? 1.087   -0.565  1.847   1.00 28.72  ? 130  LEU A CG  1 
ATOM   613 C  CD1 . LEU A 1 81 ? 2.086   -0.499  2.968   1.00 29.77  ? 130  LEU A CD1 1 
ATOM   614 C  CD2 . LEU A 1 81 ? 1.105   0.682   1.014   1.00 27.27  ? 130  LEU A CD2 1 
ATOM   615 N  N   . CYS A 1 82 ? -1.064  -3.876  1.620   1.00 24.35  ? 131  CYS A N   1 
ATOM   616 C  CA  . CYS A 1 82 ? -2.405  -4.203  2.090   1.00 27.14  ? 131  CYS A CA  1 
ATOM   617 C  C   . CYS A 1 82 ? -2.366  -5.314  3.134   1.00 31.15  ? 131  CYS A C   1 
ATOM   618 O  O   . CYS A 1 82 ? -3.134  -5.297  4.096   1.00 32.73  ? 131  CYS A O   1 
ATOM   619 C  CB  . CYS A 1 82 ? -3.298  -4.613  0.918   1.00 26.87  ? 131  CYS A CB  1 
ATOM   620 S  SG  . CYS A 1 82 ? -3.878  -3.235  -0.096  1.00 34.91  ? 131  CYS A SG  1 
ATOM   621 N  N   . THR A 1 83 ? -1.469  -6.274  2.935   1.00 31.74  ? 132  THR A N   1 
ATOM   622 C  CA  . THR A 1 83 ? -1.317  -7.390  3.863   1.00 34.54  ? 132  THR A CA  1 
ATOM   623 C  C   . THR A 1 83 ? -0.828  -6.909  5.225   1.00 33.09  ? 132  THR A C   1 
ATOM   624 O  O   . THR A 1 83 ? -1.378  -7.282  6.262   1.00 36.78  ? 132  THR A O   1 
ATOM   625 C  CB  . THR A 1 83 ? -0.336  -8.451  3.321   1.00 37.90  ? 132  THR A CB  1 
ATOM   626 O  OG1 . THR A 1 83 ? -0.842  -8.990  2.093   1.00 38.99  ? 132  THR A OG1 1 
ATOM   627 C  CG2 . THR A 1 83 ? -0.161  -9.580  4.327   1.00 39.74  ? 132  THR A CG2 1 
ATOM   628 N  N   . VAL A 1 84 ? 0.208   -6.077  5.211   1.00 29.52  ? 133  VAL A N   1 
ATOM   629 C  CA  . VAL A 1 84 ? 0.767   -5.516  6.436   1.00 30.21  ? 133  VAL A CA  1 
ATOM   630 C  C   . VAL A 1 84 ? -0.268  -4.676  7.181   1.00 28.15  ? 133  VAL A C   1 
ATOM   631 O  O   . VAL A 1 84 ? -0.397  -4.772  8.404   1.00 28.30  ? 133  VAL A O   1 
ATOM   632 C  CB  . VAL A 1 84 ? 2.012   -4.655  6.139   1.00 33.25  ? 133  VAL A CB  1 
ATOM   633 C  CG1 . VAL A 1 84 ? 2.446   -3.888  7.375   1.00 37.68  ? 133  VAL A CG1 1 
ATOM   634 C  CG2 . VAL A 1 84 ? 3.148   -5.526  5.622   1.00 35.80  ? 133  VAL A CG2 1 
ATOM   635 N  N   . LEU A 1 85 ? -1.012  -3.864  6.436   1.00 27.22  ? 134  LEU A N   1 
ATOM   636 C  CA  . LEU A 1 85 ? -2.026  -2.997  7.026   1.00 25.92  ? 134  LEU A CA  1 
ATOM   637 C  C   . LEU A 1 85 ? -3.176  -3.796  7.629   1.00 29.36  ? 134  LEU A C   1 
ATOM   638 O  O   . LEU A 1 85 ? -3.737  -3.409  8.653   1.00 26.77  ? 134  LEU A O   1 
ATOM   639 C  CB  . LEU A 1 85 ? -2.559  -2.012  5.984   1.00 24.23  ? 134  LEU A CB  1 
ATOM   640 C  CG  . LEU A 1 85 ? -1.614  -0.861  5.633   1.00 23.40  ? 134  LEU A CG  1 
ATOM   641 C  CD1 . LEU A 1 85 ? -2.141  -0.053  4.454   1.00 23.88  ? 134  LEU A CD1 1 
ATOM   642 C  CD2 . LEU A 1 85 ? -1.398  0.028   6.849   1.00 23.79  ? 134  LEU A CD2 1 
ATOM   643 N  N   . LYS A 1 86 ? -3.525  -4.910  6.992   1.00 27.15  ? 135  LYS A N   1 
ATOM   644 C  CA  . LYS A 1 86 ? -4.581  -5.774  7.505   1.00 32.25  ? 135  LYS A CA  1 
ATOM   645 C  C   . LYS A 1 86 ? -4.156  -6.424  8.815   1.00 32.06  ? 135  LYS A C   1 
ATOM   646 O  O   . LYS A 1 86 ? -4.969  -6.609  9.721   1.00 31.87  ? 135  LYS A O   1 
ATOM   647 C  CB  . LYS A 1 86 ? -4.950  -6.848  6.482   1.00 36.31  ? 135  LYS A CB  1 
ATOM   648 C  CG  . LYS A 1 86 ? -6.148  -7.695  6.882   1.00 42.40  ? 135  LYS A CG  1 
ATOM   649 C  CD  . LYS A 1 86 ? -6.514  -8.695  5.796   1.00 50.03  ? 135  LYS A CD  1 
ATOM   650 C  CE  . LYS A 1 86 ? -7.668  -9.589  6.230   1.00 57.45  ? 135  LYS A CE  1 
ATOM   651 N  NZ  . LYS A 1 86 ? -7.948  -10.665 5.240   1.00 61.89  ? 135  LYS A NZ  1 
ATOM   652 N  N   . ALA A 1 87 ? -2.872  -6.758  8.909   1.00 29.92  ? 136  ALA A N   1 
ATOM   653 C  CA  . ALA A 1 87 ? -2.324  -7.423  10.086  1.00 31.99  ? 136  ALA A CA  1 
ATOM   654 C  C   . ALA A 1 87 ? -2.265  -6.487  11.290  1.00 31.05  ? 136  ALA A C   1 
ATOM   655 O  O   . ALA A 1 87 ? -2.147  -6.937  12.429  1.00 32.85  ? 136  ALA A O   1 
ATOM   656 C  CB  . ALA A 1 87 ? -0.940  -7.974  9.779   1.00 31.97  ? 136  ALA A CB  1 
ATOM   657 N  N   . HIS A 1 88 ? -2.343  -5.186  11.032  1.00 31.43  ? 137  HIS A N   1 
ATOM   658 C  CA  . HIS A 1 88 ? -2.337  -4.195  12.101  1.00 30.32  ? 137  HIS A CA  1 
ATOM   659 C  C   . HIS A 1 88 ? -3.659  -3.437  12.150  1.00 29.24  ? 137  HIS A C   1 
ATOM   660 O  O   . HIS A 1 88 ? -3.710  -2.280  12.567  1.00 29.08  ? 137  HIS A O   1 
ATOM   661 C  CB  . HIS A 1 88 ? -1.170  -3.220  11.924  1.00 27.96  ? 137  HIS A CB  1 
ATOM   662 C  CG  . HIS A 1 88 ? 0.174   -3.849  12.121  1.00 33.41  ? 137  HIS A CG  1 
ATOM   663 N  ND1 . HIS A 1 88 ? 0.882   -4.433  11.091  1.00 32.28  ? 137  HIS A ND1 1 
ATOM   664 C  CD2 . HIS A 1 88 ? 0.937   -3.996  13.229  1.00 30.48  ? 137  HIS A CD2 1 
ATOM   665 C  CE1 . HIS A 1 88 ? 2.022   -4.906  11.555  1.00 34.60  ? 137  HIS A CE1 1 
ATOM   666 N  NE2 . HIS A 1 88 ? 2.082   -4.652  12.852  1.00 31.32  ? 137  HIS A NE2 1 
ATOM   667 N  N   . SER A 1 89 ? -4.726  -4.102  11.715  1.00 30.18  ? 138  SER A N   1 
ATOM   668 C  CA  . SER A 1 89 ? -6.066  -3.526  11.746  1.00 35.70  ? 138  SER A CA  1 
ATOM   669 C  C   . SER A 1 89 ? -6.501  -3.237  13.178  1.00 36.88  ? 138  SER A C   1 
ATOM   670 O  O   . SER A 1 89 ? -6.288  -4.050  14.079  1.00 38.39  ? 138  SER A O   1 
ATOM   671 C  CB  . SER A 1 89 ? -7.068  -4.462  11.067  1.00 38.32  ? 138  SER A CB  1 
ATOM   672 O  OG  . SER A 1 89 ? -8.401  -4.101  11.377  1.00 42.04  ? 138  SER A OG  1 
ATOM   673 N  N   . ALA A 1 90 ? -7.118  -2.076  13.382  1.00 34.97  ? 139  ALA A N   1 
ATOM   674 C  CA  . ALA A 1 90 ? -7.563  -1.656  14.707  1.00 38.57  ? 139  ALA A CA  1 
ATOM   675 C  C   . ALA A 1 90 ? -8.712  -2.523  15.216  1.00 44.07  ? 139  ALA A C   1 
ATOM   676 O  O   . ALA A 1 90 ? -9.075  -2.464  16.391  1.00 45.71  ? 139  ALA A O   1 
ATOM   677 C  CB  . ALA A 1 90 ? -7.974  -0.192  14.685  1.00 37.86  ? 139  ALA A CB  1 
ATOM   678 N  N   . LYS A 1 91 ? -9.279  -3.330  14.324  1.00 48.85  ? 140  LYS A N   1 
ATOM   679 C  CA  . LYS A 1 91 ? -10.358 -4.239  14.686  1.00 55.62  ? 140  LYS A CA  1 
ATOM   680 C  C   . LYS A 1 91 ? -9.926  -5.697  14.556  1.00 54.85  ? 140  LYS A C   1 
ATOM   681 O  O   . LYS A 1 91 ? -8.852  -6.085  15.019  1.00 52.14  ? 140  LYS A O   1 
ATOM   682 C  CB  . LYS A 1 91 ? -11.586 -3.978  13.816  1.00 61.78  ? 140  LYS A CB  1 
ATOM   683 C  CG  . LYS A 1 91 ? -12.829 -4.728  14.254  1.00 70.73  ? 140  LYS A CG  1 
ATOM   684 C  CD  . LYS A 1 91 ? -14.078 -3.918  13.956  1.00 77.07  ? 140  LYS A CD  1 
ATOM   685 C  CE  . LYS A 1 91 ? -14.094 -2.622  14.755  1.00 78.59  ? 140  LYS A CE  1 
ATOM   686 N  NZ  . LYS A 1 91 ? -15.450 -2.008  14.794  1.00 82.77  ? 140  LYS A NZ  1 
ATOM   687 N  N   . SER B 2 1  ? 2.890   -13.998 -15.108 1.00 47.16  ? 1267 SER B N   1 
ATOM   688 C  CA  . SER B 2 1  ? 3.820   -13.159 -14.359 1.00 47.07  ? 1267 SER B CA  1 
ATOM   689 C  C   . SER B 2 1  ? 3.397   -13.031 -12.899 1.00 44.90  ? 1267 SER B C   1 
ATOM   690 O  O   . SER B 2 1  ? 2.237   -13.263 -12.558 1.00 43.66  ? 1267 SER B O   1 
ATOM   691 C  CB  . SER B 2 1  ? 3.927   -11.773 -14.996 1.00 47.84  ? 1267 SER B CB  1 
ATOM   692 O  OG  . SER B 2 1  ? 2.806   -10.972 -14.669 1.00 47.17  ? 1267 SER B OG  1 
ATOM   693 N  N   . GLU B 2 2  ? 4.343   -12.663 -12.041 1.00 43.00  ? 1268 GLU B N   1 
ATOM   694 C  CA  . GLU B 2 2  ? 4.061   -12.476 -10.623 1.00 41.95  ? 1268 GLU B CA  1 
ATOM   695 C  C   . GLU B 2 2  ? 3.069   -11.339 -10.418 1.00 39.73  ? 1268 GLU B C   1 
ATOM   696 O  O   . GLU B 2 2  ? 2.180   -11.423 -9.571  1.00 38.75  ? 1268 GLU B O   1 
ATOM   697 C  CB  . GLU B 2 2  ? 5.348   -12.193 -9.846  1.00 43.12  ? 1268 GLU B CB  1 
ATOM   698 C  CG  . GLU B 2 2  ? 5.148   -12.077 -8.343  1.00 45.70  ? 1268 GLU B CG  1 
ATOM   699 C  CD  . GLU B 2 2  ? 6.444   -11.832 -7.594  1.00 49.69  ? 1268 GLU B CD  1 
ATOM   700 O  OE1 . GLU B 2 2  ? 7.464   -11.530 -8.249  1.00 53.24  ? 1268 GLU B OE1 1 
ATOM   701 O  OE2 . GLU B 2 2  ? 6.440   -11.936 -6.349  1.00 49.70  ? 1268 GLU B OE2 1 
ATOM   702 N  N   . ASN B 2 3  ? 3.225   -10.281 -11.206 1.00 38.70  ? 1269 ASN B N   1 
ATOM   703 C  CA  . ASN B 2 3  ? 2.355   -9.114  -11.114 1.00 37.26  ? 1269 ASN B CA  1 
ATOM   704 C  C   . ASN B 2 3  ? 0.927   -9.425  -11.546 1.00 38.60  ? 1269 ASN B C   1 
ATOM   705 O  O   . ASN B 2 3  ? -0.031  -8.954  -10.932 1.00 37.58  ? 1269 ASN B O   1 
ATOM   706 C  CB  . ASN B 2 3  ? 2.916   -7.969  -11.959 1.00 36.94  ? 1269 ASN B CB  1 
ATOM   707 C  CG  . ASN B 2 3  ? 2.195   -6.657  -11.716 1.00 35.62  ? 1269 ASN B CG  1 
ATOM   708 O  OD1 . ASN B 2 3  ? 2.243   -6.103  -10.619 1.00 34.40  ? 1269 ASN B OD1 1 
ATOM   709 N  ND2 . ASN B 2 3  ? 1.522   -6.151  -12.744 1.00 34.42  ? 1269 ASN B ND2 1 
ATOM   710 N  N   . ARG B 2 4  ? 0.793   -10.218 -12.606 1.00 40.54  ? 1270 ARG B N   1 
ATOM   711 C  CA  . ARG B 2 4  ? -0.514  -10.625 -13.113 1.00 42.70  ? 1270 ARG B CA  1 
ATOM   712 C  C   . ARG B 2 4  ? -1.324  -11.363 -12.056 1.00 38.96  ? 1270 ARG B C   1 
ATOM   713 O  O   . ARG B 2 4  ? -2.490  -11.047 -11.825 1.00 38.97  ? 1270 ARG B O   1 
ATOM   714 C  CB  . ARG B 2 4  ? -0.355  -11.508 -14.353 1.00 50.70  ? 1270 ARG B CB  1 
ATOM   715 C  CG  . ARG B 2 4  ? -0.406  -10.757 -15.673 1.00 55.16  ? 1270 ARG B CG  1 
ATOM   716 C  CD  . ARG B 2 4  ? -1.752  -10.942 -16.357 1.00 58.50  ? 1270 ARG B CD  1 
ATOM   717 N  NE  . ARG B 2 4  ? -2.022  -12.345 -16.659 1.00 62.05  ? 1270 ARG B NE  1 
ATOM   718 N  N   . ILE B 2 5  ? -0.699  -12.347 -11.418 1.00 37.76  ? 1271 ILE B N   1 
ATOM   719 C  CA  . ILE B 2 5  ? -1.370  -13.138 -10.395 1.00 37.84  ? 1271 ILE B CA  1 
ATOM   720 C  C   . ILE B 2 5  ? -1.668  -12.277 -9.172  1.00 37.72  ? 1271 ILE B C   1 
ATOM   721 O  O   . ILE B 2 5  ? -2.730  -12.403 -8.560  1.00 38.74  ? 1271 ILE B O   1 
ATOM   722 C  CB  . ILE B 2 5  ? -0.527  -14.356 -9.974  1.00 41.23  ? 1271 ILE B CB  1 
ATOM   723 C  CG1 . ILE B 2 5  ? -0.125  -15.173 -11.200 1.00 45.74  ? 1271 ILE B CG1 1 
ATOM   724 C  CG2 . ILE B 2 5  ? -1.304  -15.229 -9.004  1.00 44.81  ? 1271 ILE B CG2 1 
ATOM   725 C  CD1 . ILE B 2 5  ? 0.522   -16.499 -10.865 1.00 48.08  ? 1271 ILE B CD1 1 
ATOM   726 N  N   . ALA B 2 6  ? -0.729  -11.400 -8.825  1.00 33.84  ? 1272 ALA B N   1 
ATOM   727 C  CA  . ALA B 2 6  ? -0.913  -10.474 -7.714  1.00 34.45  ? 1272 ALA B CA  1 
ATOM   728 C  C   . ALA B 2 6  ? -2.108  -9.564  -7.968  1.00 34.71  ? 1272 ALA B C   1 
ATOM   729 O  O   . ALA B 2 6  ? -2.905  -9.302  -7.068  1.00 35.78  ? 1272 ALA B O   1 
ATOM   730 C  CB  . ALA B 2 6  ? 0.347   -9.651  -7.494  1.00 30.61  ? 1272 ALA B CB  1 
ATOM   731 N  N   . LYS B 2 7  ? -2.226  -9.096  -9.205  1.00 34.51  ? 1273 LYS B N   1 
ATOM   732 C  CA  . LYS B 2 7  ? -3.349  -8.260  -9.611  1.00 35.41  ? 1273 LYS B CA  1 
ATOM   733 C  C   . LYS B 2 7  ? -4.664  -9.024  -9.514  1.00 35.80  ? 1273 LYS B C   1 
ATOM   734 O  O   . LYS B 2 7  ? -5.637  -8.529  -8.944  1.00 37.51  ? 1273 LYS B O   1 
ATOM   735 C  CB  . LYS B 2 7  ? -3.147  -7.748  -11.037 1.00 37.65  ? 1273 LYS B CB  1 
ATOM   736 C  CG  . LYS B 2 7  ? -4.297  -6.908  -11.562 1.00 42.01  ? 1273 LYS B CG  1 
ATOM   737 C  CD  . LYS B 2 7  ? -4.268  -6.832  -13.078 1.00 48.70  ? 1273 LYS B CD  1 
ATOM   738 C  CE  . LYS B 2 7  ? -4.253  -5.389  -13.557 1.00 53.68  ? 1273 LYS B CE  1 
ATOM   739 N  NZ  . LYS B 2 7  ? -3.478  -5.225  -14.820 1.00 58.89  ? 1273 LYS B NZ  1 
ATOM   740 N  N   . LYS B 2 8  ? -4.684  -10.230 -10.075 1.00 37.57  ? 1274 LYS B N   1 
ATOM   741 C  CA  . LYS B 2 8  ? -5.864  -11.088 -10.043 1.00 39.57  ? 1274 LYS B CA  1 
ATOM   742 C  C   . LYS B 2 8  ? -6.318  -11.362 -8.615  1.00 39.98  ? 1274 LYS B C   1 
ATOM   743 O  O   . LYS B 2 8  ? -7.508  -11.307 -8.309  1.00 42.41  ? 1274 LYS B O   1 
ATOM   744 C  CB  . LYS B 2 8  ? -5.582  -12.410 -10.765 1.00 42.89  ? 1274 LYS B CB  1 
ATOM   745 C  CG  . LYS B 2 8  ? -6.768  -13.357 -10.829 1.00 47.80  ? 1274 LYS B CG  1 
ATOM   746 C  CD  . LYS B 2 8  ? -6.450  -14.569 -11.691 1.00 53.79  ? 1274 LYS B CD  1 
ATOM   747 C  CE  . LYS B 2 8  ? -7.610  -15.554 -11.725 1.00 61.17  ? 1274 LYS B CE  1 
ATOM   748 N  NZ  . LYS B 2 8  ? -7.781  -16.265 -10.427 1.00 65.94  ? 1274 LYS B NZ  1 
HETATM 749 N  N   . MSE B 2 9  ? -5.356  -11.656 -7.748  1.00 39.21  ? 1275 MSE B N   1 
HETATM 750 C  CA  . MSE B 2 9  ? -5.642  -11.990 -6.359  1.00 40.44  ? 1275 MSE B CA  1 
HETATM 751 C  C   . MSE B 2 9  ? -6.208  -10.796 -5.594  1.00 38.14  ? 1275 MSE B C   1 
HETATM 752 O  O   . MSE B 2 9  ? -7.159  -10.940 -4.826  1.00 40.59  ? 1275 MSE B O   1 
HETATM 753 C  CB  . MSE B 2 9  ? -4.379  -12.504 -5.669  1.00 44.31  ? 1275 MSE B CB  1 
HETATM 754 C  CG  . MSE B 2 9  ? -4.633  -13.253 -4.375  1.00 51.40  ? 1275 MSE B CG  1 
HETATM 755 SE SE  . MSE B 2 9  ? -3.007  -14.053 -3.652  1.00 100.66 ? 1275 MSE B SE  1 
HETATM 756 C  CE  . MSE B 2 9  ? -2.128  -12.427 -3.023  1.00 37.00  ? 1275 MSE B CE  1 
ATOM   757 N  N   . LEU B 2 10 ? -5.625  -9.618  -5.808  1.00 34.23  ? 1276 LEU B N   1 
ATOM   758 C  CA  . LEU B 2 10 ? -6.093  -8.403  -5.150  1.00 35.24  ? 1276 LEU B CA  1 
ATOM   759 C  C   . LEU B 2 10 ? -7.510  -8.040  -5.580  1.00 36.64  ? 1276 LEU B C   1 
ATOM   760 O  O   . LEU B 2 10 ? -8.353  -7.704  -4.748  1.00 38.07  ? 1276 LEU B O   1 
ATOM   761 C  CB  . LEU B 2 10 ? -5.150  -7.236  -5.444  1.00 35.29  ? 1276 LEU B CB  1 
ATOM   762 C  CG  . LEU B 2 10 ? -5.588  -5.878  -4.889  1.00 36.51  ? 1276 LEU B CG  1 
ATOM   763 C  CD1 . LEU B 2 10 ? -5.619  -5.898  -3.370  1.00 37.33  ? 1276 LEU B CD1 1 
ATOM   764 C  CD2 . LEU B 2 10 ? -4.687  -4.761  -5.399  1.00 36.07  ? 1276 LEU B CD2 1 
ATOM   765 N  N   . LEU B 2 11 ? -7.764  -8.115  -6.884  1.00 38.61  ? 1277 LEU B N   1 
ATOM   766 C  CA  . LEU B 2 11 ? -9.066  -7.760  -7.437  1.00 39.44  ? 1277 LEU B CA  1 
ATOM   767 C  C   . LEU B 2 11 ? -10.174 -8.676  -6.926  1.00 45.70  ? 1277 LEU B C   1 
ATOM   768 O  O   . LEU B 2 11 ? -11.293 -8.226  -6.680  1.00 49.75  ? 1277 LEU B O   1 
ATOM   769 C  CB  . LEU B 2 11 ? -9.023  -7.791  -8.967  1.00 37.62  ? 1277 LEU B CB  1 
ATOM   770 C  CG  . LEU B 2 11 ? -8.176  -6.703  -9.630  1.00 36.38  ? 1277 LEU B CG  1 
ATOM   771 C  CD1 . LEU B 2 11 ? -8.151  -6.882  -11.139 1.00 38.21  ? 1277 LEU B CD1 1 
ATOM   772 C  CD2 . LEU B 2 11 ? -8.694  -5.324  -9.257  1.00 34.73  ? 1277 LEU B CD2 1 
ATOM   773 N  N   . GLU B 2 12 ? -9.860  -9.958  -6.767  1.00 45.45  ? 1278 GLU B N   1 
ATOM   774 C  CA  . GLU B 2 12 ? -10.827 -10.917 -6.245  1.00 49.58  ? 1278 GLU B CA  1 
ATOM   775 C  C   . GLU B 2 12 ? -11.150 -10.624 -4.786  1.00 46.77  ? 1278 GLU B C   1 
ATOM   776 O  O   . GLU B 2 12 ? -12.300 -10.733 -4.364  1.00 48.93  ? 1278 GLU B O   1 
ATOM   777 C  CB  . GLU B 2 12 ? -10.309 -12.349 -6.390  1.00 57.21  ? 1278 GLU B CB  1 
ATOM   778 C  CG  . GLU B 2 12 ? -10.234 -12.852 -7.823  1.00 64.00  ? 1278 GLU B CG  1 
ATOM   779 C  CD  . GLU B 2 12 ? -9.758  -14.290 -7.909  1.00 72.48  ? 1278 GLU B CD  1 
ATOM   780 O  OE1 . GLU B 2 12 ? -9.448  -14.880 -6.852  1.00 75.50  ? 1278 GLU B OE1 1 
ATOM   781 O  OE2 . GLU B 2 12 ? -9.695  -14.831 -9.034  1.00 75.46  ? 1278 GLU B OE2 1 
ATOM   782 N  N   . GLU B 2 13 ? -10.128 -10.255 -4.019  1.00 45.16  ? 1279 GLU B N   1 
ATOM   783 C  CA  . GLU B 2 13 ? -10.308 -9.934  -2.607  1.00 49.32  ? 1279 GLU B CA  1 
ATOM   784 C  C   . GLU B 2 13 ? -11.183 -8.698  -2.434  1.00 48.43  ? 1279 GLU B C   1 
ATOM   785 O  O   . GLU B 2 13 ? -12.020 -8.638  -1.533  1.00 52.80  ? 1279 GLU B O   1 
ATOM   786 C  CB  . GLU B 2 13 ? -8.955  -9.720  -1.923  1.00 51.21  ? 1279 GLU B CB  1 
ATOM   787 C  CG  . GLU B 2 13 ? -9.056  -9.450  -0.428  1.00 57.45  ? 1279 GLU B CG  1 
ATOM   788 C  CD  . GLU B 2 13 ? -7.725  -9.075  0.194   1.00 60.90  ? 1279 GLU B CD  1 
ATOM   789 O  OE1 . GLU B 2 13 ? -6.742  -8.898  -0.559  1.00 60.81  ? 1279 GLU B OE1 1 
ATOM   790 O  OE2 . GLU B 2 13 ? -7.662  -8.955  1.436   1.00 64.10  ? 1279 GLU B OE2 1 
ATOM   791 N  N   . ILE B 2 14 ? -10.985 -7.714  -3.304  1.00 43.25  ? 1280 ILE B N   1 
ATOM   792 C  CA  . ILE B 2 14 ? -11.783 -6.493  -3.279  1.00 42.76  ? 1280 ILE B CA  1 
ATOM   793 C  C   . ILE B 2 14 ? -13.236 -6.794  -3.634  1.00 48.78  ? 1280 ILE B C   1 
ATOM   794 O  O   . ILE B 2 14 ? -14.163 -6.307  -2.982  1.00 50.99  ? 1280 ILE B O   1 
ATOM   795 C  CB  . ILE B 2 14 ? -11.226 -5.433  -4.250  1.00 37.97  ? 1280 ILE B CB  1 
ATOM   796 C  CG1 . ILE B 2 14 ? -9.832  -4.986  -3.811  1.00 33.96  ? 1280 ILE B CG1 1 
ATOM   797 C  CG2 . ILE B 2 14 ? -12.154 -4.233  -4.321  1.00 33.76  ? 1280 ILE B CG2 1 
ATOM   798 C  CD1 . ILE B 2 14 ? -9.158  -4.053  -4.794  1.00 35.34  ? 1280 ILE B CD1 1 
ATOM   799 N  N   . LYS B 2 15 ? -13.425 -7.608  -4.668  1.00 50.07  ? 1281 LYS B N   1 
ATOM   800 C  CA  . LYS B 2 15 ? -14.758 -8.011  -5.099  1.00 54.62  ? 1281 LYS B CA  1 
ATOM   801 C  C   . LYS B 2 15 ? -15.466 -8.807  -4.006  1.00 61.85  ? 1281 LYS B C   1 
ATOM   802 O  O   . LYS B 2 15 ? -16.678 -8.696  -3.828  1.00 65.72  ? 1281 LYS B O   1 
ATOM   803 C  CB  . LYS B 2 15 ? -14.680 -8.835  -6.387  1.00 53.98  ? 1281 LYS B CB  1 
ATOM   804 C  CG  . LYS B 2 15 ? -16.033 -9.191  -6.984  1.00 57.58  ? 1281 LYS B CG  1 
ATOM   805 N  N   . ALA B 2 16 ? -14.696 -9.606  -3.275  1.00 63.45  ? 1282 ALA B N   1 
ATOM   806 C  CA  . ALA B 2 16 ? -15.240 -10.409 -2.187  1.00 67.56  ? 1282 ALA B CA  1 
ATOM   807 C  C   . ALA B 2 16 ? -15.576 -9.540  -0.979  1.00 68.96  ? 1282 ALA B C   1 
ATOM   808 O  O   . ALA B 2 16 ? -16.538 -9.808  -0.258  1.00 73.79  ? 1282 ALA B O   1 
ATOM   809 C  CB  . ALA B 2 16 ? -14.262 -11.506 -1.795  1.00 66.76  ? 1282 ALA B CB  1 
ATOM   810 N  N   . ASN B 2 17 ? -14.777 -8.501  -0.762  1.00 64.73  ? 1283 ASN B N   1 
ATOM   811 C  CA  . ASN B 2 17 ? -14.984 -7.593  0.360   1.00 63.62  ? 1283 ASN B CA  1 
ATOM   812 C  C   . ASN B 2 17 ? -16.006 -6.517  0.013   1.00 64.65  ? 1283 ASN B C   1 
ATOM   813 O  O   . ASN B 2 17 ? -17.061 -6.808  -0.550  1.00 67.62  ? 1283 ASN B O   1 
ATOM   814 C  CB  . ASN B 2 17 ? -13.663 -6.957  0.795   1.00 30.00  ? 1283 ASN B CB  1 
HETATM 815 O  O   . HOH C 3 .  ? 2.764   -0.385  -12.729 1.00 43.10  ? 201  HOH A O   1 
HETATM 816 O  O   . HOH C 3 .  ? -10.980 -6.105  3.908   1.00 53.61  ? 202  HOH A O   1 
HETATM 817 O  O   . HOH C 3 .  ? 1.173   14.645  6.515   1.00 39.23  ? 203  HOH A O   1 
HETATM 818 O  O   . HOH C 3 .  ? -3.977  -1.688  -13.712 1.00 43.29  ? 204  HOH A O   1 
HETATM 819 O  O   . HOH C 3 .  ? -9.968  -4.779  9.457   1.00 47.67  ? 205  HOH A O   1 
HETATM 820 O  O   . HOH C 3 .  ? -10.399 6.272   3.584   1.00 41.44  ? 206  HOH A O   1 
HETATM 821 O  O   . HOH C 3 .  ? -6.093  -2.149  8.422   1.00 26.01  ? 207  HOH A O   1 
HETATM 822 O  O   . HOH C 3 .  ? -1.300  10.761  -2.875  1.00 30.76  ? 208  HOH A O   1 
HETATM 823 O  O   . HOH C 3 .  ? -0.911  13.649  5.106   1.00 29.99  ? 209  HOH A O   1 
HETATM 824 O  O   . HOH C 3 .  ? 12.583  6.197   -2.571  1.00 38.06  ? 210  HOH A O   1 
HETATM 825 O  O   . HOH C 3 .  ? 1.093   7.709   9.039   1.00 34.60  ? 211  HOH A O   1 
HETATM 826 O  O   . HOH C 3 .  ? 10.316  5.722   -11.526 1.00 28.12  ? 212  HOH A O   1 
HETATM 827 O  O   . HOH C 3 .  ? 4.343   4.842   16.882  1.00 46.10  ? 213  HOH A O   1 
HETATM 828 O  O   . HOH C 3 .  ? -7.346  2.394   -8.749  1.00 37.43  ? 214  HOH A O   1 
HETATM 829 O  O   . HOH C 3 .  ? -6.828  -3.985  -18.215 1.00 60.75  ? 215  HOH A O   1 
HETATM 830 O  O   . HOH C 3 .  ? 3.508   14.449  5.535   1.00 34.66  ? 216  HOH A O   1 
HETATM 831 O  O   . HOH C 3 .  ? -6.782  6.577   -10.833 1.00 52.33  ? 217  HOH A O   1 
HETATM 832 O  O   . HOH C 3 .  ? -2.033  -9.767  12.992  1.00 47.06  ? 218  HOH A O   1 
HETATM 833 O  O   . HOH C 3 .  ? -2.572  -9.838  6.884   1.00 41.68  ? 219  HOH A O   1 
HETATM 834 O  O   . HOH C 3 .  ? -6.725  6.472   4.461   1.00 39.58  ? 220  HOH A O   1 
HETATM 835 O  O   . HOH C 3 .  ? 9.504   -2.415  -13.819 1.00 41.42  ? 221  HOH A O   1 
HETATM 836 O  O   . HOH C 3 .  ? -3.590  3.273   -15.342 1.00 42.83  ? 222  HOH A O   1 
HETATM 837 O  O   . HOH C 3 .  ? 7.452   4.261   -10.771 1.00 43.22  ? 223  HOH A O   1 
HETATM 838 O  O   . HOH C 3 .  ? -6.109  -5.193  17.436  1.00 52.45  ? 224  HOH A O   1 
HETATM 839 O  O   . HOH C 3 .  ? -1.170  8.766   9.778   1.00 40.34  ? 225  HOH A O   1 
HETATM 840 O  O   . HOH C 3 .  ? -12.922 -0.478  -3.241  1.00 47.70  ? 226  HOH A O   1 
HETATM 841 O  O   . HOH C 3 .  ? 8.331   3.498   16.496  1.00 42.78  ? 227  HOH A O   1 
HETATM 842 O  O   . HOH C 3 .  ? 12.534  5.020   -0.053  1.00 43.28  ? 228  HOH A O   1 
HETATM 843 O  O   . HOH C 3 .  ? -10.468 -0.798  12.391  1.00 54.19  ? 229  HOH A O   1 
HETATM 844 O  O   . HOH C 3 .  ? 10.178  14.507  9.759   1.00 56.08  ? 230  HOH A O   1 
HETATM 845 O  O   . HOH C 3 .  ? 10.804  10.172  -1.066  1.00 39.84  ? 231  HOH A O   1 
HETATM 846 O  O   . HOH C 3 .  ? -5.703  6.987   9.139   1.00 47.69  ? 232  HOH A O   1 
HETATM 847 O  O   . HOH C 3 .  ? -6.105  5.247   11.690  1.00 54.35  ? 233  HOH A O   1 
HETATM 848 O  O   . HOH C 3 .  ? 0.825   6.416   6.425   1.00 37.40  ? 234  HOH A O   1 
HETATM 849 O  O   . HOH C 3 .  ? -3.504  8.799   8.326   1.00 43.07  ? 235  HOH A O   1 
HETATM 850 O  O   . HOH C 3 .  ? 2.805   -9.496  -1.958  1.00 49.93  ? 236  HOH A O   1 
HETATM 851 O  O   . HOH C 3 .  ? -3.362  7.069   -16.390 1.00 43.82  ? 237  HOH A O   1 
HETATM 852 O  O   . HOH C 3 .  ? -8.663  -3.679  7.514   1.00 39.49  ? 238  HOH A O   1 
HETATM 853 O  O   . HOH C 3 .  ? 6.956   9.379   -6.843  1.00 55.70  ? 239  HOH A O   1 
HETATM 854 O  O   . HOH C 3 .  ? 9.459   -4.968  8.201   1.00 42.27  ? 240  HOH A O   1 
HETATM 855 O  O   . HOH C 3 .  ? -4.527  -10.451 9.027   1.00 50.67  ? 241  HOH A O   1 
HETATM 856 O  O   . HOH C 3 .  ? -0.365  -2.934  15.561  1.00 52.11  ? 242  HOH A O   1 
HETATM 857 O  O   . HOH C 3 .  ? -8.570  -2.220  -19.521 1.00 50.35  ? 243  HOH A O   1 
HETATM 858 O  O   . HOH C 3 .  ? -12.845 -4.034  2.866   1.00 55.96  ? 244  HOH A O   1 
HETATM 859 O  O   . HOH C 3 .  ? -0.002  17.228  7.871   1.00 46.65  ? 245  HOH A O   1 
HETATM 860 O  O   . HOH C 3 .  ? 7.960   8.752   -9.683  1.00 45.78  ? 246  HOH A O   1 
HETATM 861 O  O   . HOH D 3 .  ? -7.923  -13.195 -3.293  1.00 43.94  ? 1301 HOH B O   1 
HETATM 862 O  O   . HOH D 3 .  ? 3.150   -13.884 -18.039 1.00 57.11  ? 1302 HOH B O   1 
HETATM 863 O  O   . HOH D 3 .  ? 7.087   -13.080 -13.120 1.00 55.60  ? 1303 HOH B O   1 
HETATM 864 O  O   . HOH D 3 .  ? -17.395 -4.805  -2.915  1.00 59.14  ? 1304 HOH B O   1 
HETATM 865 O  O   . HOH D 3 .  ? -4.371  -8.108  1.427   1.00 54.02  ? 1305 HOH B O   1 
HETATM 866 O  O   . HOH D 3 .  ? 0.745   -2.673  -13.194 1.00 51.81  ? 1306 HOH B O   1 
# 
loop_
_atom_site_anisotrop.id 
_atom_site_anisotrop.type_symbol 
_atom_site_anisotrop.pdbx_label_atom_id 
_atom_site_anisotrop.pdbx_label_alt_id 
_atom_site_anisotrop.pdbx_label_comp_id 
_atom_site_anisotrop.pdbx_label_asym_id 
_atom_site_anisotrop.pdbx_label_seq_id 
_atom_site_anisotrop.pdbx_PDB_ins_code 
_atom_site_anisotrop.U[1][1] 
_atom_site_anisotrop.U[2][2] 
_atom_site_anisotrop.U[3][3] 
_atom_site_anisotrop.U[1][2] 
_atom_site_anisotrop.U[1][3] 
_atom_site_anisotrop.U[2][3] 
_atom_site_anisotrop.pdbx_auth_seq_id 
_atom_site_anisotrop.pdbx_auth_comp_id 
_atom_site_anisotrop.pdbx_auth_asym_id 
_atom_site_anisotrop.pdbx_auth_atom_id 
1   N  N   . LYS A 7  ? 0.8004 1.2124 0.9600 0.0394  -0.0559 -0.2259 56   LYS A N   
2   C  CA  . LYS A 7  ? 0.7766 1.1549 0.9538 -0.0052 -0.0211 -0.2166 56   LYS A CA  
3   C  C   . LYS A 7  ? 0.7685 1.0615 0.9203 0.0067  -0.0180 -0.1713 56   LYS A C   
4   O  O   . LYS A 7  ? 0.7782 1.0060 0.9181 -0.0144 0.0006  -0.1481 56   LYS A O   
6   N  N   . LYS A 8  ? 0.7621 1.0593 0.9057 0.0431  -0.0375 -0.1631 57   LYS A N   
7   C  CA  . LYS A 8  ? 0.7605 0.9865 0.8802 0.0538  -0.0348 -0.1256 57   LYS A CA  
8   C  C   . LYS A 8  ? 0.7230 0.8754 0.8030 0.0564  -0.0337 -0.0955 57   LYS A C   
9   O  O   . LYS A 8  ? 0.7846 0.9274 0.8315 0.0757  -0.0501 -0.0951 57   LYS A O   
10  C  CB  . LYS A 8  ? 0.7988 1.0382 0.9071 0.0962  -0.0584 -0.1264 57   LYS A CB  
11  C  CG  . LYS A 8  ? 0.7937 1.0392 0.9239 0.0892  -0.0471 -0.1241 57   LYS A CG  
12  C  CD  . LYS A 8  ? 0.8206 1.0963 0.9466 0.1349  -0.0727 -0.1377 57   LYS A CD  
13  C  CE  . LYS A 8  ? 0.8019 1.0919 0.9526 0.1261  -0.0601 -0.1404 57   LYS A CE  
14  N  NZ  . LYS A 8  ? 0.7868 1.1044 0.9732 0.0724  -0.0290 -0.1523 57   LYS A NZ  
15  N  N   . CYS A 9  ? 0.5897 0.6926 0.6700 0.0364  -0.0144 -0.0738 58   CYS A N   
16  C  CA  . CYS A 9  ? 0.4955 0.5402 0.5444 0.0387  -0.0115 -0.0510 58   CYS A CA  
17  C  C   . CYS A 9  ? 0.4504 0.4601 0.4821 0.0510  -0.0122 -0.0293 58   CYS A C   
18  O  O   . CYS A 9  ? 0.3891 0.3889 0.4394 0.0396  -0.0005 -0.0206 58   CYS A O   
19  C  CB  . CYS A 9  ? 0.4845 0.5072 0.5480 0.0133  0.0075  -0.0495 58   CYS A CB  
20  S  SG  . CYS A 9  ? 0.5615 0.5364 0.5997 0.0133  0.0138  -0.0343 58   CYS A SG  
21  N  N   . TYR A 10 ? 0.4417 0.4256 0.4292 0.0738  -0.0262 -0.0214 59   TYR A N   
22  C  CA  . TYR A 10 ? 0.4521 0.3993 0.4155 0.0845  -0.0263 -0.0044 59   TYR A CA  
23  C  C   . TYR A 10 ? 0.4379 0.3524 0.4017 0.0627  -0.0069 0.0100  59   TYR A C   
24  O  O   . TYR A 10 ? 0.4271 0.3306 0.3952 0.0620  -0.0014 0.0199  59   TYR A O   
25  C  CB  . TYR A 10 ? 0.5140 0.4169 0.4098 0.1111  -0.0439 0.0014  59   TYR A CB  
26  C  CG  . TYR A 10 ? 0.5618 0.4997 0.4559 0.1474  -0.0705 -0.0152 59   TYR A CG  
27  C  CD1 . TYR A 10 ? 0.5136 0.4900 0.4431 0.1615  -0.0754 -0.0248 59   TYR A CD1 
28  C  CD2 . TYR A 10 ? 0.5818 0.5198 0.4392 0.1691  -0.0921 -0.0254 59   TYR A CD2 
29  C  CE1 . TYR A 10 ? 0.5335 0.5572 0.4696 0.1984  -0.1010 -0.0489 59   TYR A CE1 
30  C  CE2 . TYR A 10 ? 0.6051 0.5868 0.4646 0.2098  -0.1215 -0.0470 59   TYR A CE2 
31  C  CZ  . TYR A 10 ? 0.6226 0.6516 0.5254 0.2252  -0.1258 -0.0609 59   TYR A CZ  
32  O  OH  . TYR A 10 ? 0.6594 0.7464 0.5720 0.2691  -0.1563 -0.0908 59   TYR A OH  
33  N  N   . LYS A 11 ? 0.4390 0.3460 0.4015 0.0463  0.0026  0.0068  60   LYS A N   
34  C  CA  . LYS A 11 ? 0.4717 0.3653 0.4432 0.0296  0.0186  0.0107  60   LYS A CA  
35  C  C   . LYS A 11 ? 0.4481 0.3585 0.4627 0.0273  0.0227  0.0136  60   LYS A C   
36  O  O   . LYS A 11 ? 0.3840 0.2857 0.3999 0.0260  0.0276  0.0212  60   LYS A O   
37  C  CB  . LYS A 11 ? 0.4882 0.3857 0.4624 0.0154  0.0268  -0.0019 60   LYS A CB  
38  C  CG  . LYS A 11 ? 0.5112 0.4149 0.5106 0.0044  0.0399  -0.0083 60   LYS A CG  
39  C  CD  . LYS A 11 ? 0.5943 0.4810 0.5628 -0.0068 0.0506  -0.0077 60   LYS A CD  
40  C  CE  . LYS A 11 ? 0.6410 0.5521 0.6336 -0.0202 0.0640  -0.0285 60   LYS A CE  
41  N  NZ  . LYS A 11 ? 0.6425 0.5786 0.6866 -0.0051 0.0582  -0.0321 60   LYS A NZ  
42  N  N   . LEU A 12 ? 0.3791 0.3089 0.4209 0.0243  0.0214  0.0062  61   LEU A N   
43  C  CA  . LEU A 12 ? 0.3675 0.2948 0.4315 0.0189  0.0260  0.0099  61   LEU A CA  
44  C  C   . LEU A 12 ? 0.3710 0.3063 0.4361 0.0219  0.0235  0.0167  61   LEU A C   
45  O  O   . LEU A 12 ? 0.3572 0.2802 0.4257 0.0188  0.0269  0.0256  61   LEU A O   
46  C  CB  . LEU A 12 ? 0.3764 0.3064 0.4533 0.0067  0.0303  -0.0023 61   LEU A CB  
47  C  CG  . LEU A 12 ? 0.4421 0.3622 0.5207 0.0043  0.0340  -0.0119 61   LEU A CG  
48  C  CD1 . LEU A 12 ? 0.4637 0.3812 0.5476 -0.0106 0.0400  -0.0260 61   LEU A CD1 
49  C  CD2 . LEU A 12 ? 0.4335 0.3322 0.5161 0.0127  0.0351  -0.0078 61   LEU A CD2 
50  N  N   . GLU A 13 ? 0.3633 0.3214 0.4238 0.0308  0.0156  0.0097  62   GLU A N   
51  C  CA  . GLU A 13 ? 0.3583 0.3332 0.4241 0.0366  0.0129  0.0094  62   GLU A CA  
52  C  C   . GLU A 13 ? 0.3600 0.3075 0.4068 0.0451  0.0131  0.0254  62   GLU A C   
53  O  O   . GLU A 13 ? 0.3514 0.3007 0.4059 0.0407  0.0175  0.0303  62   GLU A O   
54  C  CB  . GLU A 13 ? 0.4928 0.5052 0.5596 0.0537  -0.0007 -0.0085 62   GLU A CB  
55  C  CG  . GLU A 13 ? 0.5483 0.5925 0.6292 0.0621  -0.0040 -0.0185 62   GLU A CG  
56  C  CD  . GLU A 13 ? 0.6239 0.7036 0.7361 0.0334  0.0105  -0.0344 62   GLU A CD  
57  O  OE1 . GLU A 13 ? 0.6384 0.7123 0.7554 0.0096  0.0212  -0.0380 62   GLU A OE1 
58  O  OE2 . GLU A 13 ? 0.6659 0.7736 0.7913 0.0320  0.0134  -0.0448 62   GLU A OE2 
59  N  N   . ASN A 14 ? 0.3782 0.2979 0.3944 0.0521  0.0111  0.0315  63   ASN A N   
60  C  CA  . ASN A 14 ? 0.4821 0.3718 0.4725 0.0529  0.0159  0.0426  63   ASN A CA  
61  C  C   . ASN A 14 ? 0.3695 0.2607 0.3789 0.0383  0.0262  0.0477  63   ASN A C   
62  O  O   . ASN A 14 ? 0.3674 0.2529 0.3727 0.0363  0.0302  0.0539  63   ASN A O   
63  C  CB  . ASN A 14 ? 0.4313 0.2819 0.3718 0.0537  0.0166  0.0443  63   ASN A CB  
64  C  CG  . ASN A 14 ? 0.5465 0.3808 0.4506 0.0774  0.0003  0.0415  63   ASN A CG  
65  O  OD1 . ASN A 14 ? 0.4652 0.3251 0.3862 0.0966  -0.0118 0.0353  63   ASN A OD1 
66  N  ND2 . ASN A 14 ? 0.5208 0.3132 0.3708 0.0770  -0.0011 0.0429  63   ASN A ND2 
67  N  N   . GLU A 15 ? 0.3599 0.2592 0.3879 0.0314  0.0286  0.0429  64   GLU A N   
68  C  CA  . GLU A 15 ? 0.4047 0.3073 0.4492 0.0277  0.0317  0.0437  64   GLU A CA  
69  C  C   . GLU A 15 ? 0.3771 0.2786 0.4310 0.0277  0.0292  0.0518  64   GLU A C   
70  O  O   . GLU A 15 ? 0.3441 0.2444 0.3976 0.0283  0.0290  0.0572  64   GLU A O   
71  C  CB  . GLU A 15 ? 0.3522 0.2587 0.4112 0.0279  0.0315  0.0331  64   GLU A CB  
72  C  CG  . GLU A 15 ? 0.4573 0.3694 0.5063 0.0213  0.0383  0.0210  64   GLU A CG  
73  C  CD  . GLU A 15 ? 0.4961 0.4154 0.5606 0.0218  0.0385  0.0070  64   GLU A CD  
74  O  OE1 . GLU A 15 ? 0.5335 0.4449 0.6092 0.0266  0.0334  0.0086  64   GLU A OE1 
75  O  OE2 . GLU A 15 ? 0.4941 0.4252 0.5558 0.0136  0.0463  -0.0085 64   GLU A OE2 
76  N  N   . LYS A 16 ? 0.3480 0.2526 0.4068 0.0236  0.0285  0.0494  65   LYS A N   
77  C  CA  . LYS A 16 ? 0.3552 0.2553 0.4134 0.0142  0.0312  0.0535  65   LYS A CA  
78  C  C   . LYS A 16 ? 0.3655 0.2764 0.4207 0.0156  0.0324  0.0579  65   LYS A C   
79  O  O   . LYS A 16 ? 0.3649 0.2656 0.4131 0.0107  0.0341  0.0660  65   LYS A O   
80  C  CB  . LYS A 16 ? 0.4420 0.3539 0.5062 0.0009  0.0357  0.0411  65   LYS A CB  
81  C  CG  . LYS A 16 ? 0.5010 0.4012 0.5547 -0.0202 0.0447  0.0408  65   LYS A CG  
82  C  CD  . LYS A 16 ? 0.5920 0.5093 0.6505 -0.0426 0.0546  0.0208  65   LYS A CD  
83  C  CE  . LYS A 16 ? 0.6657 0.6476 0.7519 -0.0361 0.0514  0.0001  65   LYS A CE  
84  N  NZ  . LYS A 16 ? 0.7078 0.7138 0.7999 -0.0359 0.0535  -0.0031 65   LYS A NZ  
85  N  N   . LEU A 17 ? 0.3409 0.2676 0.3954 0.0251  0.0298  0.0517  66   LEU A N   
86  C  CA  . LEU A 17 ? 0.3411 0.2725 0.3890 0.0308  0.0304  0.0527  66   LEU A CA  
87  C  C   . LEU A 17 ? 0.3425 0.2536 0.3756 0.0294  0.0342  0.0636  66   LEU A C   
88  O  O   . LEU A 17 ? 0.3412 0.2540 0.3728 0.0244  0.0381  0.0672  66   LEU A O   
89  C  CB  . LEU A 17 ? 0.3535 0.2909 0.3911 0.0510  0.0218  0.0432  66   LEU A CB  
90  C  CG  . LEU A 17 ? 0.4262 0.4055 0.4852 0.0566  0.0155  0.0231  66   LEU A CG  
91  C  CD1 . LEU A 17 ? 0.3768 0.3566 0.4168 0.0881  -0.0006 0.0136  66   LEU A CD1 
92  C  CD2 . LEU A 17 ? 0.3426 0.3558 0.4245 0.0425  0.0235  0.0113  66   LEU A CD2 
93  N  N   . PHE A 18 ? 0.3473 0.2452 0.3700 0.0300  0.0350  0.0647  67   PHE A N   
94  C  CA  . PHE A 18 ? 0.3509 0.2424 0.3627 0.0229  0.0415  0.0664  67   PHE A CA  
95  C  C   . PHE A 18 ? 0.3903 0.2956 0.4192 0.0195  0.0391  0.0693  67   PHE A C   
96  O  O   . PHE A 18 ? 0.3405 0.2514 0.3653 0.0147  0.0421  0.0706  67   PHE A O   
97  C  CB  . PHE A 18 ? 0.3637 0.2471 0.3616 0.0177  0.0466  0.0589  67   PHE A CB  
98  C  CG  . PHE A 18 ? 0.4252 0.3112 0.4108 0.0030  0.0581  0.0518  67   PHE A CG  
99  C  CD1 . PHE A 18 ? 0.4571 0.3111 0.4023 -0.0064 0.0687  0.0524  67   PHE A CD1 
100 C  CD2 . PHE A 18 ? 0.3939 0.3142 0.4053 -0.0008 0.0581  0.0402  67   PHE A CD2 
101 C  CE1 . PHE A 18 ? 0.4513 0.3097 0.3821 -0.0283 0.0841  0.0408  67   PHE A CE1 
102 C  CE2 . PHE A 18 ? 0.4139 0.3533 0.4199 -0.0174 0.0698  0.0252  67   PHE A CE2 
103 C  CZ  . PHE A 18 ? 0.3974 0.3067 0.3630 -0.0357 0.0854  0.0251  67   PHE A CZ  
104 N  N   . GLU A 19 ? 0.3403 0.2452 0.3814 0.0234  0.0325  0.0696  68   GLU A N   
105 C  CA  . GLU A 19 ? 0.3596 0.2603 0.4015 0.0275  0.0250  0.0735  68   GLU A CA  
106 C  C   . GLU A 19 ? 0.3618 0.2510 0.3903 0.0193  0.0262  0.0836  68   GLU A C   
107 O  O   . GLU A 19 ? 0.4015 0.2865 0.4191 0.0216  0.0205  0.0885  68   GLU A O   
108 C  CB  . GLU A 19 ? 0.3680 0.2515 0.4117 0.0355  0.0176  0.0714  68   GLU A CB  
109 C  CG  . GLU A 19 ? 0.3952 0.2969 0.4546 0.0465  0.0143  0.0569  68   GLU A CG  
110 C  CD  . GLU A 19 ? 0.3847 0.2647 0.4447 0.0566  0.0076  0.0526  68   GLU A CD  
111 O  OE1 . GLU A 19 ? 0.4535 0.2980 0.4959 0.0504  0.0081  0.0618  68   GLU A OE1 
112 O  OE2 . GLU A 19 ? 0.3840 0.2824 0.4599 0.0676  0.0042  0.0365  68   GLU A OE2 
113 N  N   . GLU A 20 ? 0.3588 0.2485 0.3880 0.0096  0.0331  0.0827  69   GLU A N   
114 C  CA  . GLU A 20 ? 0.3694 0.2575 0.3884 -0.0041 0.0389  0.0855  69   GLU A CA  
115 C  C   . GLU A 20 ? 0.3578 0.2599 0.3760 -0.0036 0.0422  0.0863  69   GLU A C   
116 O  O   . GLU A 20 ? 0.3706 0.2682 0.3754 -0.0124 0.0436  0.0916  69   GLU A O   
117 C  CB  . GLU A 20 ? 0.4184 0.3236 0.4481 -0.0142 0.0465  0.0735  69   GLU A CB  
118 C  CG  . GLU A 20 ? 0.4975 0.3861 0.5201 -0.0275 0.0495  0.0695  69   GLU A CG  
119 N  N   . PHE A 21 ? 0.3807 0.2915 0.4043 0.0048  0.0442  0.0810  70   PHE A N   
120 C  CA  . PHE A 21 ? 0.3947 0.3073 0.4089 0.0028  0.0503  0.0798  70   PHE A CA  
121 C  C   . PHE A 21 ? 0.4114 0.3297 0.4209 -0.0022 0.0495  0.0819  70   PHE A C   
122 O  O   . PHE A 21 ? 0.3836 0.3075 0.3854 -0.0102 0.0544  0.0816  70   PHE A O   
123 C  CB  . PHE A 21 ? 0.3530 0.2515 0.3542 0.0116  0.0533  0.0743  70   PHE A CB  
124 C  CG  . PHE A 21 ? 0.3845 0.2673 0.3627 0.0072  0.0624  0.0720  70   PHE A CG  
125 C  CD1 . PHE A 21 ? 0.3998 0.2843 0.3762 0.0095  0.0655  0.0687  70   PHE A CD1 
126 C  CD2 . PHE A 21 ? 0.4279 0.2948 0.3843 -0.0030 0.0710  0.0687  70   PHE A CD2 
127 C  CE1 . PHE A 21 ? 0.4223 0.2845 0.3730 0.0053  0.0751  0.0654  70   PHE A CE1 
128 C  CE2 . PHE A 21 ? 0.4150 0.2585 0.3414 -0.0129 0.0834  0.0645  70   PHE A CE2 
129 C  CZ  . PHE A 21 ? 0.4490 0.2859 0.3712 -0.0070 0.0846  0.0645  70   PHE A CZ  
130 N  N   . LEU A 22 ? 0.3451 0.2688 0.3619 0.0042  0.0424  0.0795  71   LEU A N   
131 C  CA  . LEU A 22 ? 0.3476 0.2935 0.3674 0.0050  0.0380  0.0725  71   LEU A CA  
132 C  C   . LEU A 22 ? 0.3645 0.3071 0.3751 0.0105  0.0255  0.0810  71   LEU A C   
133 O  O   . LEU A 22 ? 0.3705 0.3356 0.3787 0.0113  0.0207  0.0752  71   LEU A O   
134 C  CB  . LEU A 22 ? 0.3446 0.3066 0.3795 0.0139  0.0328  0.0602  71   LEU A CB  
135 C  CG  . LEU A 22 ? 0.4100 0.3890 0.4437 -0.0008 0.0480  0.0427  71   LEU A CG  
136 C  CD1 . LEU A 22 ? 0.3839 0.3971 0.4185 -0.0122 0.0531  0.0284  71   LEU A CD1 
137 C  CD2 . LEU A 22 ? 0.4260 0.3674 0.4344 -0.0108 0.0612  0.0500  71   LEU A CD2 
138 N  N   . GLU A 23 ? 0.3817 0.2932 0.3798 0.0117  0.0209  0.0929  72   GLU A N   
139 C  CA  . GLU A 23 ? 0.5595 0.4455 0.5275 0.0120  0.0112  0.1038  72   GLU A CA  
140 C  C   . GLU A 23 ? 0.4189 0.3135 0.3762 -0.0058 0.0211  0.1061  72   GLU A C   
141 O  O   . GLU A 23 ? 0.4710 0.3632 0.4060 -0.0044 0.0122  0.1101  72   GLU A O   
142 C  CB  . GLU A 23 ? 0.6369 0.4768 0.5817 0.0059  0.0117  0.1130  72   GLU A CB  
143 C  CG  . GLU A 23 ? 0.7763 0.5971 0.7234 0.0242  0.0008  0.1110  72   GLU A CG  
144 C  CD  . GLU A 23 ? 0.9699 0.7353 0.8832 0.0116  0.0049  0.1183  72   GLU A CD  
145 O  OE1 . GLU A 23 ? 1.0385 0.7907 0.9326 -0.0158 0.0192  0.1212  72   GLU A OE1 
146 O  OE2 . GLU A 23 ? 1.0815 0.8174 0.9862 0.0261  -0.0039 0.1174  72   GLU A OE2 
147 N  N   . LEU A 24 ? 0.4236 0.3288 0.3950 -0.0192 0.0375  0.1014  73   LEU A N   
148 C  CA  . LEU A 24 ? 0.4315 0.3485 0.3977 -0.0340 0.0488  0.0985  73   LEU A CA  
149 C  C   . LEU A 24 ? 0.4335 0.3739 0.4032 -0.0325 0.0490  0.0918  73   LEU A C   
150 O  O   . LEU A 24 ? 0.4426 0.3913 0.3985 -0.0417 0.0497  0.0919  73   LEU A O   
151 C  CB  . LEU A 24 ? 0.4031 0.3284 0.3854 -0.0381 0.0621  0.0891  73   LEU A CB  
152 C  CG  . LEU A 24 ? 0.4088 0.3311 0.3949 -0.0455 0.0658  0.0855  73   LEU A CG  
153 C  CD1 . LEU A 24 ? 0.4150 0.3608 0.4228 -0.0397 0.0731  0.0688  73   LEU A CD1 
154 C  CD2 . LEU A 24 ? 0.4162 0.3245 0.3752 -0.0689 0.0710  0.0894  73   LEU A CD2 
155 N  N   . CYS A 25 ? 0.3678 0.3195 0.3522 -0.0256 0.0507  0.0830  74   CYS A N   
156 C  CA  . CYS A 25 ? 0.3957 0.3731 0.3817 -0.0329 0.0566  0.0696  74   CYS A CA  
157 C  C   . CYS A 25 ? 0.3754 0.3832 0.3623 -0.0254 0.0405  0.0646  74   CYS A C   
158 O  O   . CYS A 25 ? 0.3798 0.4148 0.3631 -0.0360 0.0441  0.0544  74   CYS A O   
159 C  CB  . CYS A 25 ? 0.3596 0.3375 0.3519 -0.0337 0.0646  0.0583  74   CYS A CB  
160 S  SG  . CYS A 25 ? 0.3964 0.3295 0.3700 -0.0362 0.0792  0.0616  74   CYS A SG  
161 N  N   . LYS A 26 ? 0.3854 0.3881 0.3746 -0.0044 0.0211  0.0693  75   LYS A N   
162 C  CA  . LYS A 26 ? 0.4086 0.4347 0.3929 0.0154  -0.0021 0.0631  75   LYS A CA  
163 C  C   . LYS A 26 ? 0.4392 0.4493 0.3900 0.0107  -0.0091 0.0754  75   LYS A C   
164 O  O   . LYS A 26 ? 0.4542 0.4990 0.4001 0.0181  -0.0221 0.0646  75   LYS A O   
165 C  CB  . LYS A 26 ? 0.5284 0.5302 0.5088 0.0439  -0.0232 0.0683  75   LYS A CB  
166 C  CG  . LYS A 26 ? 0.5426 0.5849 0.5590 0.0565  -0.0254 0.0453  75   LYS A CG  
167 C  CD  . LYS A 26 ? 0.5988 0.6058 0.6091 0.0833  -0.0428 0.0515  75   LYS A CD  
168 N  N   . MSE A 27 ? 0.4518 0.4146 0.3789 -0.0036 0.0004  0.0942  76   MSE A N   
169 C  CA  . MSE A 27 ? 0.4898 0.4291 0.3764 -0.0151 -0.0020 0.1059  76   MSE A CA  
170 C  C   . MSE A 27 ? 0.4699 0.4433 0.3649 -0.0376 0.0149  0.0958  76   MSE A C   
171 O  O   . MSE A 27 ? 0.4998 0.4745 0.3658 -0.0438 0.0088  0.0984  76   MSE A O   
172 C  CB  . MSE A 27 ? 0.5136 0.3992 0.3737 -0.0317 0.0086  0.1211  76   MSE A CB  
173 C  CG  . MSE A 27 ? 0.6531 0.4805 0.4733 -0.0166 -0.0087 0.1348  76   MSE A CG  
174 SE SE  . MSE A 27 ? 0.8956 0.6759 0.6362 0.0015  -0.0399 0.1486  76   MSE A SE  
175 C  CE  . MSE A 27 ? 0.6924 0.4991 0.4238 -0.0397 -0.0166 0.1462  76   MSE A CE  
176 N  N   . GLN A 28 ? 0.4299 0.4228 0.3558 -0.0494 0.0358  0.0843  77   GLN A N   
177 C  CA  . GLN A 28 ? 0.5229 0.5299 0.4489 -0.0716 0.0555  0.0753  77   GLN A CA  
178 C  C   . GLN A 28 ? 0.5197 0.5650 0.4605 -0.0789 0.0641  0.0544  77   GLN A C   
179 O  O   . GLN A 28 ? 0.5614 0.6109 0.4968 -0.0989 0.0827  0.0446  77   GLN A O   
180 C  CB  . GLN A 28 ? 0.4083 0.3922 0.3425 -0.0797 0.0742  0.0762  77   GLN A CB  
181 C  CG  . GLN A 28 ? 0.4700 0.4295 0.3934 -0.0824 0.0724  0.0873  77   GLN A CG  
182 C  CD  . GLN A 28 ? 0.4640 0.4199 0.4059 -0.0837 0.0865  0.0793  77   GLN A CD  
183 O  OE1 . GLN A 28 ? 0.4551 0.4171 0.4052 -0.0842 0.0984  0.0676  77   GLN A OE1 
184 N  NE2 . GLN A 28 ? 0.4097 0.3547 0.3549 -0.0824 0.0841  0.0826  77   GLN A NE2 
185 N  N   . THR A 29 ? 0.7277 0.4907 0.3523 -0.2437 -0.0083 -0.0500 78   THR A N   
186 C  CA  . THR A 29 ? 0.6975 0.4861 0.3583 -0.2314 -0.0200 -0.0355 78   THR A CA  
187 C  C   . THR A 29 ? 0.7219 0.5083 0.3648 -0.2271 -0.0467 -0.0088 78   THR A C   
188 O  O   . THR A 29 ? 0.7175 0.5331 0.3947 -0.2088 -0.0581 0.0063  78   THR A O   
189 C  CB  . THR A 29 ? 0.6428 0.4578 0.3568 -0.1982 -0.0149 -0.0310 78   THR A CB  
190 O  OG1 . THR A 29 ? 0.6332 0.4489 0.3487 -0.1727 -0.0233 -0.0138 78   THR A OG1 
191 C  CG2 . THR A 29 ? 0.6073 0.4240 0.3409 -0.1964 0.0065  -0.0571 78   THR A CG2 
192 N  N   . ALA A 30 ? 0.7575 0.5094 0.3450 -0.2450 -0.0576 -0.0044 79   ALA A N   
193 C  CA  . ALA A 30 ? 0.7755 0.5191 0.3417 -0.2360 -0.0879 0.0202  79   ALA A CA  
194 C  C   . ALA A 30 ? 0.7894 0.5564 0.3655 -0.2481 -0.1030 0.0277  79   ALA A C   
195 O  O   . ALA A 30 ? 0.8221 0.6001 0.3999 -0.2334 -0.1298 0.0468  79   ALA A O   
196 C  CB  . ALA A 30 ? 0.8038 0.4926 0.2971 -0.2560 -0.0981 0.0229  79   ALA A CB  
197 N  N   . ASP A 31 ? 0.7877 0.5637 0.3713 -0.2740 -0.0867 0.0109  80   ASP A N   
198 C  CA  . ASP A 31 ? 0.8144 0.6111 0.4045 -0.2904 -0.0984 0.0158  80   ASP A CA  
199 C  C   . ASP A 31 ? 0.7385 0.5818 0.3889 -0.2685 -0.0978 0.0222  80   ASP A C   
200 O  O   . ASP A 31 ? 0.7160 0.5853 0.3774 -0.2763 -0.1112 0.0305  80   ASP A O   
201 C  CB  . ASP A 31 ? 0.8836 0.6649 0.4501 -0.3302 -0.0811 -0.0068 80   ASP A CB  
202 C  CG  . ASP A 31 ? 0.9174 0.7090 0.5214 -0.3229 -0.0512 -0.0292 80   ASP A CG  
203 O  OD1 . ASP A 31 ? 0.9243 0.7156 0.5465 -0.3011 -0.0426 -0.0333 80   ASP A OD1 
204 O  OD2 . ASP A 31 ? 0.9257 0.7280 0.5446 -0.3304 -0.0359 -0.0406 80   ASP A OD2 
205 N  N   . HIS A 32 ? 0.6788 0.5321 0.3642 -0.2443 -0.0822 0.0177  81   HIS A N   
206 C  CA  . HIS A 32 ? 0.6315 0.5241 0.3669 -0.2250 -0.0814 0.0249  81   HIS A CA  
207 C  C   . HIS A 32 ? 0.5828 0.4890 0.3403 -0.1891 -0.0850 0.0359  81   HIS A C   
208 O  O   . HIS A 32 ? 0.5568 0.4583 0.3312 -0.1745 -0.0688 0.0291  81   HIS A O   
209 C  CB  . HIS A 32 ? 0.5888 0.4778 0.3441 -0.2325 -0.0597 0.0081  81   HIS A CB  
210 C  CG  . HIS A 32 ? 0.6654 0.5464 0.4064 -0.2650 -0.0568 -0.0028 81   HIS A CG  
211 N  ND1 . HIS A 32 ? 0.6995 0.5507 0.4120 -0.2878 -0.0448 -0.0239 81   HIS A ND1 
212 C  CD2 . HIS A 32 ? 0.6845 0.5848 0.4344 -0.2805 -0.0635 0.0024  81   HIS A CD2 
213 C  CE1 . HIS A 32 ? 0.7281 0.5777 0.4328 -0.3141 -0.0443 -0.0310 81   HIS A CE1 
214 N  NE2 . HIS A 32 ? 0.7328 0.6101 0.4583 -0.3108 -0.0561 -0.0144 81   HIS A NE2 
215 N  N   . PRO A 33 ? 0.5947 0.5181 0.3525 -0.1738 -0.1079 0.0516  82   PRO A N   
216 C  CA  . PRO A 33 ? 0.5839 0.5156 0.3558 -0.1389 -0.1155 0.0608  82   PRO A CA  
217 C  C   . PRO A 33 ? 0.5994 0.5688 0.4207 -0.1183 -0.1027 0.0607  82   PRO A C   
218 O  O   . PRO A 33 ? 0.5266 0.4980 0.3585 -0.0914 -0.1022 0.0641  82   PRO A O   
219 C  CB  . PRO A 33 ? 0.6390 0.5903 0.4076 -0.1295 -0.1465 0.0740  82   PRO A CB  
220 C  CG  . PRO A 33 ? 0.6474 0.5804 0.3799 -0.1635 -0.1555 0.0729  82   PRO A CG  
221 C  CD  . PRO A 33 ? 0.6251 0.5612 0.3687 -0.1892 -0.1305 0.0596  82   PRO A CD  
222 N  N   . GLU A 34 ? 0.5193 0.5134 0.3648 -0.1330 -0.0929 0.0570  83   GLU A N   
223 C  CA  . GLU A 34 ? 0.4858 0.5124 0.3700 -0.1198 -0.0823 0.0582  83   GLU A CA  
224 C  C   . GLU A 34 ? 0.4680 0.4655 0.3521 -0.1144 -0.0618 0.0498  83   GLU A C   
225 O  O   . GLU A 34 ? 0.4510 0.4656 0.3591 -0.0998 -0.0537 0.0520  83   GLU A O   
226 C  CB  . GLU A 34 ? 0.5047 0.5631 0.4065 -0.1420 -0.0817 0.0586  83   GLU A CB  
227 C  CG  . GLU A 34 ? 0.5240 0.5483 0.4063 -0.1701 -0.0705 0.0488  83   GLU A CG  
228 C  CD  . GLU A 34 ? 0.5758 0.5846 0.4287 -0.1932 -0.0805 0.0460  83   GLU A CD  
229 O  OE1 . GLU A 34 ? 0.5774 0.5819 0.4130 -0.1860 -0.0948 0.0510  83   GLU A OE1 
230 O  OE2 . GLU A 34 ? 0.6426 0.6392 0.4854 -0.2197 -0.0750 0.0387  83   GLU A OE2 
231 N  N   . VAL A 35 ? 0.4816 0.4384 0.3383 -0.1271 -0.0538 0.0386  84   VAL A N   
232 C  CA  . VAL A 35 ? 0.4679 0.4013 0.3271 -0.1230 -0.0362 0.0264  84   VAL A CA  
233 C  C   . VAL A 35 ? 0.4984 0.4296 0.3632 -0.0971 -0.0313 0.0287  84   VAL A C   
234 O  O   . VAL A 35 ? 0.4301 0.3667 0.3148 -0.0852 -0.0220 0.0275  84   VAL A O   
235 C  CB  . VAL A 35 ? 0.4884 0.3877 0.3200 -0.1428 -0.0283 0.0085  84   VAL A CB  
236 C  CG1 . VAL A 35 ? 0.4748 0.3574 0.3133 -0.1333 -0.0123 -0.0076 84   VAL A CG1 
237 C  CG2 . VAL A 35 ? 0.5093 0.4070 0.3368 -0.1685 -0.0297 0.0028  84   VAL A CG2 
238 N  N   . VAL A 36 ? 0.4673 0.3858 0.3096 -0.0901 -0.0388 0.0323  85   VAL A N   
239 C  CA  . VAL A 36 ? 0.5069 0.4170 0.3475 -0.0678 -0.0344 0.0337  85   VAL A CA  
240 C  C   . VAL A 36 ? 0.4349 0.3801 0.3096 -0.0438 -0.0365 0.0443  85   VAL A C   
241 O  O   . VAL A 36 ? 0.4330 0.3785 0.3196 -0.0309 -0.0249 0.0417  85   VAL A O   
242 C  CB  . VAL A 36 ? 0.4946 0.3745 0.2948 -0.0674 -0.0455 0.0370  85   VAL A CB  
243 C  CG1 . VAL A 36 ? 0.4985 0.3721 0.2979 -0.0413 -0.0453 0.0419  85   VAL A CG1 
244 C  CG2 . VAL A 36 ? 0.5183 0.3620 0.2808 -0.0933 -0.0359 0.0219  85   VAL A CG2 
245 N  N   . PRO A 37 ? 0.4376 0.4164 0.3287 -0.0390 -0.0510 0.0542  86   PRO A N   
246 C  CA  . PRO A 37 ? 0.4151 0.4349 0.3412 -0.0196 -0.0495 0.0592  86   PRO A CA  
247 C  C   . PRO A 37 ? 0.3921 0.4248 0.3385 -0.0289 -0.0342 0.0569  86   PRO A C   
248 O  O   . PRO A 37 ? 0.3754 0.4229 0.3384 -0.0152 -0.0260 0.0580  86   PRO A O   
249 C  CB  . PRO A 37 ? 0.4247 0.4853 0.3671 -0.0188 -0.0675 0.0652  86   PRO A CB  
250 C  CG  . PRO A 37 ? 0.4584 0.4874 0.3662 -0.0257 -0.0834 0.0670  86   PRO A CG  
251 C  CD  . PRO A 37 ? 0.4633 0.4483 0.3424 -0.0490 -0.0699 0.0594  86   PRO A CD  
252 N  N   . PHE A 38 ? 0.3978 0.4202 0.3383 -0.0524 -0.0319 0.0535  87   PHE A N   
253 C  CA  . PHE A 38 ? 0.3895 0.4091 0.3391 -0.0625 -0.0214 0.0518  87   PHE A CA  
254 C  C   . PHE A 38 ? 0.4118 0.4041 0.3572 -0.0495 -0.0104 0.0460  87   PHE A C   
255 O  O   . PHE A 38 ? 0.4244 0.4228 0.3806 -0.0450 -0.0043 0.0489  87   PHE A O   
256 C  CB  . PHE A 38 ? 0.4540 0.4539 0.3910 -0.0880 -0.0225 0.0466  87   PHE A CB  
257 C  CG  . PHE A 38 ? 0.4552 0.4419 0.3942 -0.0987 -0.0164 0.0458  87   PHE A CG  
258 C  CD1 . PHE A 38 ? 0.4606 0.4743 0.4090 -0.1122 -0.0177 0.0540  87   PHE A CD1 
259 C  CD2 . PHE A 38 ? 0.4583 0.4043 0.3875 -0.0962 -0.0109 0.0353  87   PHE A CD2 
260 C  CE1 . PHE A 38 ? 0.4931 0.4832 0.4325 -0.1253 -0.0143 0.0550  87   PHE A CE1 
261 C  CE2 . PHE A 38 ? 0.4903 0.4145 0.4159 -0.1036 -0.0100 0.0354  87   PHE A CE2 
262 C  CZ  . PHE A 38 ? 0.4952 0.4361 0.4216 -0.1193 -0.0122 0.0468  87   PHE A CZ  
263 N  N   . LEU A 39 ? 0.4253 0.3888 0.3526 -0.0460 -0.0081 0.0370  88   LEU A N   
264 C  CA  . LEU A 39 ? 0.4068 0.3497 0.3308 -0.0347 0.0021  0.0284  88   LEU A CA  
265 C  C   . LEU A 39 ? 0.3613 0.3189 0.2939 -0.0140 0.0052  0.0354  88   LEU A C   
266 O  O   . LEU A 39 ? 0.3503 0.3055 0.2902 -0.0059 0.0125  0.0340  88   LEU A O   
267 C  CB  . LEU A 39 ? 0.4192 0.3354 0.3202 -0.0407 0.0054  0.0144  88   LEU A CB  
268 C  CG  . LEU A 39 ? 0.4795 0.3769 0.3811 -0.0471 0.0134  -0.0042 88   LEU A CG  
269 C  CD1 . LEU A 39 ? 0.5206 0.4010 0.3995 -0.0575 0.0195  -0.0216 88   LEU A CD1 
270 C  CD2 . LEU A 39 ? 0.4635 0.3617 0.3805 -0.0306 0.0187  -0.0059 88   LEU A CD2 
271 N  N   . TYR A 40 ? 0.3665 0.3367 0.2964 -0.0047 -0.0019 0.0419  89   TYR A N   
272 C  CA  . TYR A 40 ? 0.3894 0.3741 0.3281 0.0164  0.0003  0.0466  89   TYR A CA  
273 C  C   . TYR A 40 ? 0.3729 0.3937 0.3389 0.0179  0.0042  0.0523  89   TYR A C   
274 O  O   . TYR A 40 ? 0.3483 0.3759 0.3215 0.0293  0.0124  0.0525  89   TYR A O   
275 C  CB  . TYR A 40 ? 0.3754 0.3632 0.3056 0.0290  -0.0124 0.0511  89   TYR A CB  
276 C  CG  . TYR A 40 ? 0.4033 0.3471 0.2966 0.0305  -0.0138 0.0467  89   TYR A CG  
277 C  CD1 . TYR A 40 ? 0.3993 0.3250 0.2809 0.0438  -0.0054 0.0435  89   TYR A CD1 
278 C  CD2 . TYR A 40 ? 0.4246 0.3432 0.2894 0.0145  -0.0227 0.0453  89   TYR A CD2 
279 C  CE1 . TYR A 40 ? 0.4763 0.3590 0.3176 0.0397  -0.0057 0.0388  89   TYR A CE1 
280 C  CE2 . TYR A 40 ? 0.4990 0.3742 0.3220 0.0094  -0.0230 0.0407  89   TYR A CE2 
281 C  CZ  . TYR A 40 ? 0.4841 0.3411 0.2947 0.0214  -0.0144 0.0375  89   TYR A CZ  
282 O  OH  . TYR A 40 ? 0.5562 0.3675 0.3189 0.0112  -0.0138 0.0325  89   TYR A OH  
283 N  N   . ASN A 41 ? 0.3828 0.4267 0.3603 0.0028  -0.0012 0.0560  90   ASN A N   
284 C  CA  . ASN A 41 ? 0.4178 0.4963 0.4150 -0.0043 0.0032  0.0603  90   ASN A CA  
285 C  C   . ASN A 41 ? 0.3752 0.4292 0.3644 -0.0121 0.0122  0.0604  90   ASN A C   
286 O  O   . ASN A 41 ? 0.3333 0.4032 0.3295 -0.0105 0.0192  0.0632  90   ASN A O   
287 C  CB  . ASN A 41 ? 0.5136 0.6179 0.5187 -0.0250 -0.0042 0.0628  90   ASN A CB  
288 C  CG  . ASN A 41 ? 0.6216 0.7855 0.6534 -0.0255 -0.0036 0.0639  90   ASN A CG  
289 O  OD1 . ASN A 41 ? 0.6606 0.8434 0.7034 -0.0165 0.0055  0.0628  90   ASN A OD1 
290 N  ND2 . ASN A 41 ? 0.6674 0.8660 0.7107 -0.0376 -0.0128 0.0637  90   ASN A ND2 
291 N  N   . ARG A 42 ? 0.3464 0.3613 0.3197 -0.0203 0.0107  0.0558  91   ARG A N   
292 C  CA  . ARG A 42 ? 0.3979 0.3830 0.3625 -0.0228 0.0140  0.0540  91   ARG A CA  
293 C  C   . ARG A 42 ? 0.3867 0.3669 0.3516 -0.0039 0.0209  0.0516  91   ARG A C   
294 O  O   . ARG A 42 ? 0.3430 0.3190 0.3059 -0.0041 0.0236  0.0556  91   ARG A O   
295 C  CB  . ARG A 42 ? 0.4241 0.3724 0.3771 -0.0293 0.0100  0.0439  91   ARG A CB  
296 C  CG  . ARG A 42 ? 0.4995 0.4392 0.4462 -0.0513 0.0036  0.0462  91   ARG A CG  
297 C  CD  . ARG A 42 ? 0.5863 0.5139 0.5252 -0.0617 0.0019  0.0545  91   ARG A CD  
298 N  NE  . ARG A 42 ? 0.7073 0.6089 0.6312 -0.0832 -0.0050 0.0544  91   ARG A NE  
299 C  CZ  . ARG A 42 ? 0.7829 0.7016 0.7017 -0.1070 -0.0062 0.0632  91   ARG A CZ  
300 N  NH1 . ARG A 42 ? 0.7938 0.7625 0.7267 -0.1107 -0.0009 0.0704  91   ARG A NH1 
301 N  NH2 . ARG A 42 ? 0.8169 0.7040 0.7165 -0.1279 -0.0125 0.0623  91   ARG A NH2 
302 N  N   . GLN A 43 ? 0.3932 0.3704 0.3552 0.0092  0.0232  0.0455  92   GLN A N   
303 C  CA  . GLN A 43 ? 0.3832 0.3552 0.3422 0.0249  0.0305  0.0420  92   GLN A CA  
304 C  C   . GLN A 43 ? 0.3526 0.3539 0.3222 0.0328  0.0353  0.0498  92   GLN A C   
305 O  O   . GLN A 43 ? 0.3839 0.3842 0.3525 0.0374  0.0414  0.0506  92   GLN A O   
306 C  CB  . GLN A 43 ? 0.3737 0.3315 0.3192 0.0317  0.0317  0.0338  92   GLN A CB  
307 C  CG  . GLN A 43 ? 0.4018 0.3448 0.3378 0.0410  0.0399  0.0252  92   GLN A CG  
308 C  CD  . GLN A 43 ? 0.3958 0.3479 0.3292 0.0553  0.0449  0.0300  92   GLN A CD  
309 O  OE1 . GLN A 43 ? 0.3871 0.3612 0.3313 0.0614  0.0420  0.0383  92   GLN A OE1 
310 N  NE2 . GLN A 43 ? 0.3936 0.3310 0.3139 0.0608  0.0524  0.0223  92   GLN A NE2 
311 N  N   . GLN A 44 ? 0.3574 0.3878 0.3383 0.0343  0.0316  0.0535  93   GLN A N   
312 C  CA  . GLN A 44 ? 0.3288 0.3972 0.3262 0.0428  0.0363  0.0560  93   GLN A CA  
313 C  C   . GLN A 44 ? 0.3490 0.4326 0.3507 0.0283  0.0432  0.0602  93   GLN A C   
314 O  O   . GLN A 44 ? 0.3221 0.4237 0.3287 0.0341  0.0521  0.0594  93   GLN A O   
315 C  CB  . GLN A 44 ? 0.3685 0.4720 0.3828 0.0452  0.0277  0.0564  93   GLN A CB  
316 C  CG  . GLN A 44 ? 0.4124 0.5697 0.4525 0.0503  0.0323  0.0542  93   GLN A CG  
317 C  CD  . GLN A 44 ? 0.4853 0.6851 0.5471 0.0512  0.0213  0.0521  93   GLN A CD  
318 O  OE1 . GLN A 44 ? 0.4894 0.6736 0.5443 0.0587  0.0079  0.0530  93   GLN A OE1 
319 N  NE2 . GLN A 44 ? 0.4651 0.7210 0.5521 0.0416  0.0265  0.0481  93   GLN A NE2 
320 N  N   . ARG A 45 ? 0.3223 0.3931 0.3166 0.0073  0.0388  0.0645  94   ARG A N   
321 C  CA  . ARG A 45 ? 0.3739 0.4527 0.3628 -0.0130 0.0425  0.0704  94   ARG A CA  
322 C  C   . ARG A 45 ? 0.3557 0.3912 0.3223 -0.0157 0.0418  0.0735  94   ARG A C   
323 O  O   . ARG A 45 ? 0.3712 0.4003 0.3232 -0.0342 0.0423  0.0803  94   ARG A O   
324 C  CB  . ARG A 45 ? 0.4409 0.5265 0.4281 -0.0375 0.0364  0.0739  94   ARG A CB  
325 C  CG  . ARG A 45 ? 0.4999 0.6433 0.5124 -0.0396 0.0370  0.0706  94   ARG A CG  
326 C  CD  . ARG A 45 ? 0.5866 0.7332 0.5963 -0.0621 0.0292  0.0726  94   ARG A CD  
327 N  NE  . ARG A 45 ? 0.6582 0.8696 0.6911 -0.0735 0.0313  0.0689  94   ARG A NE  
328 C  CZ  . ARG A 45 ? 0.6523 0.9082 0.7135 -0.0544 0.0267  0.0621  94   ARG A CZ  
329 N  N   . ALA A 46 ? 0.3410 0.3471 0.3030 0.0013  0.0394  0.0678  95   ALA A N   
330 C  CA  . ALA A 46 ? 0.3535 0.3233 0.2993 0.0033  0.0356  0.0680  95   ALA A CA  
331 C  C   . ALA A 46 ? 0.3739 0.3548 0.3169 0.0104  0.0443  0.0696  95   ALA A C   
332 O  O   . ALA A 46 ? 0.3312 0.3408 0.2862 0.0210  0.0541  0.0663  95   ALA A O   
333 C  CB  . ALA A 46 ? 0.3470 0.2904 0.2929 0.0166  0.0305  0.0568  95   ALA A CB  
334 N  N   . HIS A 47 ? 0.3697 0.3242 0.2940 0.0049  0.0390  0.0744  96   HIS A N   
335 C  CA  . HIS A 47 ? 0.3724 0.3313 0.2896 0.0107  0.0459  0.0750  96   HIS A CA  
336 C  C   . HIS A 47 ? 0.3425 0.3069 0.2708 0.0327  0.0523  0.0638  96   HIS A C   
337 O  O   . HIS A 47 ? 0.3378 0.2827 0.2680 0.0421  0.0459  0.0552  96   HIS A O   
338 C  CB  . HIS A 47 ? 0.4004 0.3199 0.2924 0.0045  0.0330  0.0812  96   HIS A CB  
339 C  CG  . HIS A 47 ? 0.4561 0.3643 0.3236 -0.0225 0.0288  0.0944  96   HIS A CG  
340 N  ND1 . HIS A 47 ? 0.4812 0.4108 0.3366 -0.0389 0.0400  0.1004  96   HIS A ND1 
341 C  CD2 . HIS A 47 ? 0.4740 0.3484 0.3214 -0.0393 0.0150  0.1017  96   HIS A CD2 
342 C  CE1 . HIS A 47 ? 0.4906 0.4014 0.3178 -0.0676 0.0341  0.1112  96   HIS A CE1 
343 N  NE2 . HIS A 47 ? 0.6016 0.4757 0.4217 -0.0681 0.0181  0.1131  96   HIS A NE2 
344 N  N   . SER A 48 ? 0.3301 0.3206 0.2640 0.0391  0.0654  0.0618  97   SER A N   
345 C  CA  . SER A 48 ? 0.3849 0.3751 0.3219 0.0566  0.0719  0.0518  97   SER A CA  
346 C  C   . SER A 48 ? 0.3666 0.3349 0.2916 0.0617  0.0696  0.0464  97   SER A C   
347 O  O   . SER A 48 ? 0.3189 0.2794 0.2431 0.0708  0.0717  0.0356  97   SER A O   
348 C  CB  . SER A 48 ? 0.3086 0.3260 0.2512 0.0638  0.0851  0.0500  97   SER A CB  
349 O  OG  . SER A 48 ? 0.3823 0.4080 0.3164 0.0563  0.0921  0.0533  97   SER A OG  
350 N  N   . LEU A 49 ? 0.3949 0.3538 0.3083 0.0537  0.0642  0.0531  98   LEU A N   
351 C  CA  . LEU A 49 ? 0.4005 0.3417 0.3046 0.0596  0.0576  0.0477  98   LEU A CA  
352 C  C   . LEU A 49 ? 0.4034 0.3253 0.3145 0.0657  0.0432  0.0388  98   LEU A C   
353 O  O   . LEU A 49 ? 0.3369 0.2568 0.2517 0.0753  0.0412  0.0253  98   LEU A O   
354 C  CB  . LEU A 49 ? 0.4100 0.3408 0.2947 0.0488  0.0516  0.0589  98   LEU A CB  
355 C  CG  . LEU A 49 ? 0.3649 0.3144 0.2405 0.0452  0.0670  0.0604  98   LEU A CG  
356 C  CD1 . LEU A 49 ? 0.3980 0.3324 0.2473 0.0299  0.0593  0.0718  98   LEU A CD1 
357 C  CD2 . LEU A 49 ? 0.3482 0.3022 0.2268 0.0591  0.0749  0.0473  98   LEU A CD2 
358 N  N   . PHE A 50 ? 0.3886 0.2993 0.3024 0.0591  0.0341  0.0439  99   PHE A N   
359 C  CA  . PHE A 50 ? 0.4000 0.2943 0.3229 0.0655  0.0223  0.0320  99   PHE A CA  
360 C  C   . PHE A 50 ? 0.3848 0.2947 0.3202 0.0704  0.0333  0.0174  99   PHE A C   
361 O  O   . PHE A 50 ? 0.4158 0.3238 0.3589 0.0773  0.0307  -0.0003 99   PHE A O   
362 C  CB  . PHE A 50 ? 0.3956 0.2705 0.3141 0.0549  0.0111  0.0406  99   PHE A CB  
363 C  CG  . PHE A 50 ? 0.4113 0.2712 0.3406 0.0615  0.0013  0.0256  99   PHE A CG  
364 C  CD1 . PHE A 50 ? 0.3995 0.2383 0.3307 0.0745  -0.0146 0.0139  99   PHE A CD1 
365 C  CD2 . PHE A 50 ? 0.3687 0.2372 0.3069 0.0556  0.0075  0.0212  99   PHE A CD2 
366 C  CE1 . PHE A 50 ? 0.4353 0.2648 0.3802 0.0821  -0.0224 -0.0045 99   PHE A CE1 
367 C  CE2 . PHE A 50 ? 0.3746 0.2309 0.3216 0.0594  0.0006  0.0049  99   PHE A CE2 
368 C  CZ  . PHE A 50 ? 0.3918 0.2302 0.3438 0.0728  -0.0132 -0.0092 99   PHE A CZ  
369 N  N   . LEU A 51 ? 0.3282 0.2534 0.2639 0.0660  0.0447  0.0237  100  LEU A N   
370 C  CA  . LEU A 51 ? 0.3756 0.3067 0.3128 0.0680  0.0530  0.0134  100  LEU A CA  
371 C  C   . LEU A 51 ? 0.4027 0.3355 0.3328 0.0738  0.0615  0.0005  100  LEU A C   
372 O  O   . LEU A 51 ? 0.3868 0.3170 0.3119 0.0715  0.0665  -0.0129 100  LEU A O   
373 C  CB  . LEU A 51 ? 0.3523 0.2970 0.2892 0.0665  0.0592  0.0236  100  LEU A CB  
374 C  CG  . LEU A 51 ? 0.3343 0.2856 0.2791 0.0574  0.0526  0.0334  100  LEU A CG  
375 C  CD1 . LEU A 51 ? 0.3027 0.2763 0.2525 0.0603  0.0574  0.0397  100  LEU A CD1 
376 C  CD2 . LEU A 51 ? 0.3110 0.2483 0.2571 0.0517  0.0455  0.0253  100  LEU A CD2 
377 N  N   . ALA A 52 ? 0.3824 0.3188 0.3081 0.0776  0.0635  0.0042  101  ALA A N   
378 C  CA  . ALA A 52 ? 0.3957 0.3353 0.3125 0.0807  0.0721  -0.0076 101  ALA A CA  
379 C  C   . ALA A 52 ? 0.3879 0.3289 0.3116 0.0846  0.0630  -0.0196 101  ALA A C   
380 O  O   . ALA A 52 ? 0.4030 0.3514 0.3207 0.0859  0.0680  -0.0279 101  ALA A O   
381 C  CB  . ALA A 52 ? 0.3022 0.2471 0.2079 0.0823  0.0819  0.0023  101  ALA A CB  
382 N  N   . SER A 53 ? 0.3714 0.3051 0.3080 0.0873  0.0480  -0.0220 102  SER A N   
383 C  CA  . SER A 53 ? 0.3636 0.2963 0.3092 0.0965  0.0333  -0.0330 102  SER A CA  
384 C  C   . SER A 53 ? 0.3835 0.3312 0.3456 0.1003  0.0335  -0.0621 102  SER A C   
385 O  O   . SER A 53 ? 0.3865 0.3382 0.3505 0.0926  0.0429  -0.0720 102  SER A O   
386 C  CB  . SER A 53 ? 0.3440 0.2529 0.2899 0.0993  0.0134  -0.0206 102  SER A CB  
387 O  OG  . SER A 53 ? 0.3548 0.2558 0.3110 0.0979  0.0095  -0.0272 102  SER A OG  
388 N  N   . ALA A 54 ? 0.3435 0.4284 0.3135 0.0162  0.0123  -0.0078 103  ALA A N   
389 C  CA  . ALA A 54 ? 0.3099 0.4477 0.2810 0.0378  0.0015  -0.0145 103  ALA A CA  
390 C  C   . ALA A 54 ? 0.3449 0.4259 0.2757 0.0657  -0.0024 0.0026  103  ALA A C   
391 O  O   . ALA A 54 ? 0.3292 0.4346 0.2741 0.0709  -0.0086 -0.0008 103  ALA A O   
392 C  CB  . ALA A 54 ? 0.3262 0.5481 0.2788 0.0671  -0.0067 -0.0302 103  ALA A CB  
393 N  N   . GLU A 55 ? 0.4040 0.4010 0.2760 0.0782  0.0068  0.0182  104  GLU A N   
394 C  CA  . GLU A 55 ? 0.4615 0.3803 0.2769 0.0973  0.0136  0.0316  104  GLU A CA  
395 C  C   . GLU A 55 ? 0.4204 0.3269 0.2806 0.0582  0.0166  0.0295  104  GLU A C   
396 O  O   . GLU A 55 ? 0.4290 0.3243 0.2793 0.0694  0.0140  0.0325  104  GLU A O   
397 C  CB  . GLU A 55 ? 0.6419 0.4510 0.3664 0.1052  0.0355  0.0438  104  GLU A CB  
398 C  CG  . GLU A 55 ? 0.7178 0.5321 0.3930 0.1406  0.0341  0.0478  104  GLU A CG  
399 C  CD  . GLU A 55 ? 0.7076 0.5394 0.4227 0.0963  0.0404  0.0387  104  GLU A CD  
400 O  OE1 . GLU A 55 ? 0.7617 0.5163 0.4518 0.0588  0.0634  0.0388  104  GLU A OE1 
401 O  OE2 . GLU A 55 ? 0.6675 0.5934 0.4360 0.0949  0.0262  0.0268  104  GLU A OE2 
402 N  N   . PHE A 56 ? 0.3811 0.2967 0.2875 0.0182  0.0214  0.0229  105  PHE A N   
403 C  CA  . PHE A 56 ? 0.4318 0.3553 0.3787 -0.0086 0.0210  0.0188  105  PHE A CA  
404 C  C   . PHE A 56 ? 0.3705 0.3452 0.3594 -0.0025 0.0070  0.0180  105  PHE A C   
405 O  O   . PHE A 56 ? 0.3446 0.3173 0.3419 -0.0067 0.0037  0.0197  105  PHE A O   
406 C  CB  . PHE A 56 ? 0.3856 0.3256 0.3689 -0.0381 0.0271  0.0090  105  PHE A CB  
407 C  CG  . PHE A 56 ? 0.3870 0.3482 0.3998 -0.0555 0.0261  0.0012  105  PHE A CG  
408 C  CD1 . PHE A 56 ? 0.3364 0.2708 0.3205 -0.0657 0.0331  -0.0020 105  PHE A CD1 
409 C  CD2 . PHE A 56 ? 0.3531 0.3620 0.4145 -0.0570 0.0198  -0.0047 105  PHE A CD2 
410 C  CE1 . PHE A 56 ? 0.3494 0.3254 0.3619 -0.0818 0.0308  -0.0145 105  PHE A CE1 
411 C  CE2 . PHE A 56 ? 0.2596 0.3057 0.3427 -0.0602 0.0153  -0.0133 105  PHE A CE2 
412 C  CZ  . PHE A 56 ? 0.3105 0.3508 0.3741 -0.0751 0.0191  -0.0201 105  PHE A CZ  
413 N  N   . CYS A 57 ? 0.3494 0.3687 0.3580 0.0016  0.0032  0.0117  106  CYS A N   
414 C  CA  . CYS A 57 ? 0.3270 0.3866 0.3604 -0.0033 -0.0001 0.0041  106  CYS A CA  
415 C  C   . CYS A 57 ? 0.3123 0.3837 0.3263 0.0178  -0.0076 0.0044  106  CYS A C   
416 O  O   . CYS A 57 ? 0.2539 0.3274 0.2793 0.0095  -0.0088 0.0041  106  CYS A O   
417 C  CB  . CYS A 57 ? 0.2443 0.3542 0.2909 -0.0137 0.0057  -0.0131 106  CYS A CB  
418 S  SG  . CYS A 57 ? 0.2735 0.4178 0.3351 -0.0411 0.0174  -0.0327 106  CYS A SG  
419 N  N   . ASN A 58 ? 0.2974 0.3727 0.2737 0.0511  -0.0116 0.0057  107  ASN A N   
420 C  CA  . ASN A 58 ? 0.3659 0.4507 0.3136 0.0847  -0.0179 0.0056  107  ASN A CA  
421 C  C   . ASN A 58 ? 0.3870 0.4014 0.3157 0.0786  -0.0129 0.0184  107  ASN A C   
422 O  O   . ASN A 58 ? 0.3379 0.3669 0.2701 0.0843  -0.0167 0.0153  107  ASN A O   
423 C  CB  . ASN A 58 ? 0.3809 0.4644 0.2698 0.1377  -0.0209 0.0090  107  ASN A CB  
424 C  CG  . ASN A 58 ? 0.4123 0.5305 0.2715 0.1873  -0.0291 0.0038  107  ASN A CG  
425 O  OD1 . ASN A 58 ? 0.5568 0.5935 0.3504 0.2221  -0.0225 0.0195  107  ASN A OD1 
426 N  ND2 . ASN A 58 ? 0.3732 0.6130 0.2740 0.1892  -0.0392 -0.0229 107  ASN A ND2 
427 N  N   . ILE A 59 ? 0.3936 0.3405 0.3022 0.0612  -0.0018 0.0273  108  ILE A N   
428 C  CA  . ILE A 59 ? 0.3901 0.2829 0.2803 0.0432  0.0081  0.0304  108  ILE A CA  
429 C  C   . ILE A 59 ? 0.3336 0.2693 0.2803 0.0172  -0.0008 0.0261  108  ILE A C   
430 O  O   . ILE A 59 ? 0.3388 0.2683 0.2800 0.0157  -0.0015 0.0259  108  ILE A O   
431 C  CB  . ILE A 59 ? 0.4323 0.2640 0.2909 0.0169  0.0278  0.0289  108  ILE A CB  
432 C  CG1 . ILE A 59 ? 0.5240 0.2756 0.2944 0.0460  0.0446  0.0370  108  ILE A CG1 
433 C  CG2 . ILE A 59 ? 0.4494 0.2556 0.3015 -0.0167 0.0406  0.0200  108  ILE A CG2 
434 C  CD1 . ILE A 59 ? 0.5972 0.2847 0.3281 0.0119  0.0703  0.0315  108  ILE A CD1 
435 N  N   . LEU A 60 ? 0.3389 0.3098 0.3289 0.0015  -0.0054 0.0237  109  LEU A N   
436 C  CA  . LEU A 60 ? 0.3148 0.3099 0.3375 -0.0106 -0.0112 0.0237  109  LEU A CA  
437 C  C   . LEU A 60 ? 0.3281 0.3415 0.3532 -0.0052 -0.0152 0.0227  109  LEU A C   
438 O  O   . LEU A 60 ? 0.2547 0.2672 0.2821 -0.0102 -0.0180 0.0253  109  LEU A O   
439 C  CB  . LEU A 60 ? 0.2883 0.2975 0.3365 -0.0165 -0.0099 0.0229  109  LEU A CB  
440 C  CG  . LEU A 60 ? 0.2929 0.3066 0.3509 -0.0250 -0.0071 0.0182  109  LEU A CG  
441 C  CD1 . LEU A 60 ? 0.2976 0.3226 0.3756 -0.0208 -0.0048 0.0174  109  LEU A CD1 
442 C  CD2 . LEU A 60 ? 0.2837 0.3180 0.3466 -0.0302 -0.0113 0.0132  109  LEU A CD2 
443 N  N   . SER A 61 ? 0.2544 0.2950 0.2772 0.0032  -0.0144 0.0145  110  SER A N   
444 C  CA  . SER A 61 ? 0.2756 0.3521 0.3014 0.0005  -0.0136 0.0030  110  SER A CA  
445 C  C   . SER A 61 ? 0.2857 0.3533 0.2949 0.0143  -0.0186 0.0057  110  SER A C   
446 O  O   . SER A 61 ? 0.3338 0.4059 0.3468 0.0017  -0.0174 0.0031  110  SER A O   
447 C  CB  . SER A 61 ? 0.3157 0.4552 0.3447 0.0083  -0.0123 -0.0166 110  SER A CB  
448 O  OG  . SER A 61 ? 0.3757 0.5218 0.4173 -0.0105 -0.0037 -0.0225 110  SER A OG  
449 N  N   . ARG A 62 ? 0.2970 0.3381 0.2760 0.0401  -0.0197 0.0112  111  ARG A N   
450 C  CA  . ARG A 62 ? 0.3627 0.3760 0.3122 0.0548  -0.0181 0.0135  111  ARG A CA  
451 C  C   . ARG A 62 ? 0.3466 0.3282 0.3020 0.0263  -0.0154 0.0189  111  ARG A C   
452 O  O   . ARG A 62 ? 0.3413 0.3303 0.2976 0.0215  -0.0167 0.0161  111  ARG A O   
453 C  CB  . ARG A 62 ? 0.4651 0.4222 0.3547 0.0899  -0.0100 0.0202  111  ARG A CB  
454 C  CG  . ARG A 62 ? 0.5935 0.4834 0.4339 0.0969  0.0026  0.0236  111  ARG A CG  
455 C  CD  . ARG A 62 ? 0.7302 0.5440 0.4835 0.1456  0.0171  0.0309  111  ARG A CD  
456 N  NE  . ARG A 62 ? 0.8137 0.5936 0.5411 0.1494  0.0235  0.0380  111  ARG A NE  
457 C  CZ  . ARG A 62 ? 0.8829 0.5804 0.5747 0.1151  0.0458  0.0410  111  ARG A CZ  
458 N  NH1 . ARG A 62 ? 0.9279 0.5801 0.6086 0.0727  0.0636  0.0338  111  ARG A NH1 
459 N  NH2 . ARG A 62 ? 0.8867 0.5565 0.5533 0.1180  0.0524  0.0458  111  ARG A NH2 
460 N  N   . VAL A 63 ? 0.3161 0.2760 0.2762 0.0077  -0.0117 0.0227  112  VAL A N   
461 C  CA  . VAL A 63 ? 0.3197 0.2786 0.2875 -0.0165 -0.0106 0.0205  112  VAL A CA  
462 C  C   . VAL A 63 ? 0.3184 0.3136 0.3133 -0.0201 -0.0217 0.0236  112  VAL A C   
463 O  O   . VAL A 63 ? 0.3059 0.3068 0.2959 -0.0271 -0.0237 0.0219  112  VAL A O   
464 C  CB  . VAL A 63 ? 0.3357 0.2959 0.3110 -0.0347 -0.0050 0.0152  112  VAL A CB  
465 C  CG1 . VAL A 63 ? 0.3304 0.3339 0.3264 -0.0529 -0.0098 0.0062  112  VAL A CG1 
466 C  CG2 . VAL A 63 ? 0.3826 0.2813 0.3077 -0.0428 0.0163  0.0094  112  VAL A CG2 
467 N  N   . LEU A 64 ? 0.2682 0.2766 0.2799 -0.0161 -0.0245 0.0277  113  LEU A N   
468 C  CA  . LEU A 64 ? 0.2724 0.2829 0.2829 -0.0174 -0.0260 0.0329  113  LEU A CA  
469 C  C   . LEU A 64 ? 0.2793 0.2914 0.2781 -0.0232 -0.0223 0.0277  113  LEU A C   
470 O  O   . LEU A 64 ? 0.3175 0.3206 0.3012 -0.0271 -0.0222 0.0318  113  LEU A O   
471 C  CB  . LEU A 64 ? 0.3813 0.3799 0.3929 -0.0162 -0.0187 0.0355  113  LEU A CB  
472 C  CG  . LEU A 64 ? 0.4538 0.4185 0.4356 -0.0130 -0.0104 0.0438  113  LEU A CG  
473 C  CD1 . LEU A 64 ? 0.4216 0.3936 0.3952 0.0103  -0.0229 0.0547  113  LEU A CD1 
474 C  CD2 . LEU A 64 ? 0.5344 0.4651 0.5011 -0.0171 0.0073  0.0429  113  LEU A CD2 
475 N  N   . SER A 65 ? 0.2862 0.3172 0.2879 -0.0200 -0.0193 0.0166  114  SER A N   
476 C  CA  . SER A 65 ? 0.2775 0.3326 0.2732 -0.0239 -0.0155 0.0036  114  SER A CA  
477 C  C   . SER A 65 ? 0.3597 0.4015 0.3437 -0.0205 -0.0198 0.0071  114  SER A C   
478 O  O   . SER A 65 ? 0.2949 0.3411 0.2713 -0.0326 -0.0168 0.0030  114  SER A O   
479 C  CB  . SER A 65 ? 0.3091 0.4118 0.3102 -0.0067 -0.0155 -0.0132 114  SER A CB  
480 O  OG  . SER A 65 ? 0.3743 0.5196 0.3732 -0.0042 -0.0134 -0.0312 114  SER A OG  
481 N  N   . ARG A 66 ? 0.2957 0.3140 0.2701 -0.0098 -0.0216 0.0121  115  ARG A N   
482 C  CA  . ARG A 66 ? 0.3661 0.3644 0.3219 -0.0146 -0.0188 0.0106  115  ARG A CA  
483 C  C   . ARG A 66 ? 0.3104 0.3173 0.2730 -0.0341 -0.0241 0.0151  115  ARG A C   
484 O  O   . ARG A 66 ? 0.3203 0.3308 0.2733 -0.0427 -0.0238 0.0118  115  ARG A O   
485 C  CB  . ARG A 66 ? 0.3530 0.3049 0.2782 -0.0086 -0.0078 0.0099  115  ARG A CB  
486 C  CG  . ARG A 66 ? 0.5062 0.4351 0.3986 0.0282  -0.0013 0.0086  115  ARG A CG  
487 C  CD  . ARG A 66 ? 0.6311 0.4766 0.4639 0.0332  0.0193  0.0106  115  ARG A CD  
488 N  NE  . ARG A 66 ? 0.7460 0.5539 0.5245 0.0857  0.0265  0.0138  115  ARG A NE  
489 N  N   . ALA A 67 ? 0.2998 0.3162 0.2759 -0.0348 -0.0296 0.0217  116  ALA A N   
490 C  CA  . ALA A 67 ? 0.3048 0.3440 0.2809 -0.0363 -0.0380 0.0256  116  ALA A CA  
491 C  C   . ALA A 67 ? 0.3223 0.3496 0.2788 -0.0315 -0.0388 0.0347  116  ALA A C   
492 O  O   . ALA A 67 ? 0.3912 0.4316 0.3316 -0.0283 -0.0450 0.0378  116  ALA A O   
493 C  CB  . ALA A 67 ? 0.2989 0.3557 0.2888 -0.0257 -0.0432 0.0292  116  ALA A CB  
494 N  N   . ARG A 68 ? 0.3470 0.3514 0.2977 -0.0343 -0.0291 0.0350  117  ARG A N   
495 C  CA  . ARG A 68 ? 0.4035 0.3784 0.3200 -0.0415 -0.0185 0.0387  117  ARG A CA  
496 C  C   . ARG A 68 ? 0.4051 0.3909 0.3155 -0.0579 -0.0140 0.0270  117  ARG A C   
497 O  O   . ARG A 68 ? 0.4039 0.3667 0.2791 -0.0645 -0.0084 0.0316  117  ARG A O   
498 C  CB  . ARG A 68 ? 0.3802 0.3306 0.2872 -0.0528 -0.0006 0.0333  117  ARG A CB  
499 C  CG  . ARG A 68 ? 0.4635 0.3823 0.3586 -0.0353 0.0009  0.0471  117  ARG A CG  
500 C  CD  . ARG A 68 ? 0.5013 0.3883 0.3795 -0.0556 0.0259  0.0370  117  ARG A CD  
501 N  NE  . ARG A 68 ? 0.6269 0.4597 0.4737 -0.0352 0.0336  0.0525  117  ARG A NE  
502 C  CZ  . ARG A 68 ? 0.7198 0.5290 0.5612 -0.0476 0.0522  0.0447  117  ARG A CZ  
503 N  NH1 . ARG A 68 ? 0.7084 0.5599 0.5781 -0.0817 0.0625  0.0192  117  ARG A NH1 
504 N  NH2 . ARG A 68 ? 0.8056 0.5573 0.6110 -0.0218 0.0606  0.0600  117  ARG A NH2 
505 N  N   . SER A 69 ? 0.3366 0.3526 0.2723 -0.0588 -0.0152 0.0126  118  SER A N   
506 C  CA  . SER A 69 ? 0.3806 0.4143 0.3119 -0.0678 -0.0101 -0.0020 118  SER A CA  
507 C  C   . SER A 69 ? 0.3709 0.4020 0.2977 -0.0654 -0.0167 0.0001  118  SER A C   
508 O  O   . SER A 69 ? 0.4016 0.4371 0.3158 -0.0761 -0.0129 -0.0069 118  SER A O   
509 C  CB  . SER A 69 ? 0.3570 0.4308 0.3067 -0.0574 -0.0064 -0.0217 118  SER A CB  
510 O  OG  . SER A 69 ? 0.3698 0.4359 0.3264 -0.0318 -0.0133 -0.0157 118  SER A OG  
511 N  N   . ARG A 70 ? 0.3835 0.4079 0.3166 -0.0585 -0.0219 0.0048  119  ARG A N   
512 C  CA  . ARG A 70 ? 0.4307 0.4516 0.3527 -0.0686 -0.0192 -0.0019 119  ARG A CA  
513 C  C   . ARG A 70 ? 0.4078 0.4461 0.3350 -0.0773 -0.0246 -0.0013 119  ARG A C   
514 O  O   . ARG A 70 ? 0.4095 0.4339 0.3318 -0.0867 -0.0143 -0.0110 119  ARG A O   
515 C  CB  . ARG A 70 ? 0.4969 0.4867 0.4027 -0.0584 -0.0057 -0.0120 119  ARG A CB  
516 C  CG  . ARG A 70 ? 0.6490 0.6180 0.5277 -0.0720 0.0072  -0.0239 119  ARG A CG  
517 C  CD  . ARG A 70 ? 0.7890 0.7005 0.6286 -0.0484 0.0262  -0.0302 119  ARG A CD  
518 N  NE  . ARG A 70 ? 0.9160 0.7846 0.7150 -0.0641 0.0472  -0.0433 119  ARG A NE  
519 C  CZ  . ARG A 70 ? 1.0460 0.8345 0.7845 -0.0428 0.0730  -0.0486 119  ARG A CZ  
520 N  NH1 . ARG A 70 ? 1.0954 0.8463 0.8071 0.0025  0.0764  -0.0396 119  ARG A NH1 
521 N  NH2 . ARG A 70 ? 1.1189 0.8579 0.8132 -0.0632 0.0979  -0.0627 119  ARG A NH2 
522 N  N   . PRO A 71 ? 0.5425 0.5565 0.2984 -0.2768 0.0156  -0.0509 120  PRO A N   
523 C  CA  . PRO A 71 ? 0.5357 0.5172 0.2800 -0.2636 -0.0010 -0.0462 120  PRO A CA  
524 C  C   . PRO A 71 ? 0.5748 0.5735 0.3326 -0.2656 0.0110  -0.0701 120  PRO A C   
525 O  O   . PRO A 71 ? 0.5895 0.5829 0.3439 -0.2583 -0.0017 -0.0698 120  PRO A O   
526 C  CB  . PRO A 71 ? 0.5924 0.5457 0.2736 -0.2793 -0.0224 -0.0266 120  PRO A CB  
527 C  CG  . PRO A 71 ? 0.6049 0.5805 0.2684 -0.3082 -0.0091 -0.0285 120  PRO A CG  
528 C  CD  . PRO A 71 ? 0.5782 0.5923 0.2833 -0.3109 0.0086  -0.0416 120  PRO A CD  
529 N  N   . ALA A 72 ? 0.5796 0.6023 0.3507 -0.2770 0.0372  -0.0928 121  ALA A N   
530 C  CA  . ALA A 72 ? 0.6051 0.6351 0.3814 -0.2870 0.0551  -0.1220 121  ALA A CA  
531 C  C   . ALA A 72 ? 0.6094 0.6133 0.4219 -0.2662 0.0698  -0.1312 121  ALA A C   
532 O  O   . ALA A 72 ? 0.6575 0.6575 0.4700 -0.2802 0.0842  -0.1562 121  ALA A O   
533 C  CB  . ALA A 72 ? 0.6140 0.6648 0.3883 -0.3023 0.0851  -0.1460 121  ALA A CB  
534 N  N   . LYS A 73 ? 0.5786 0.5650 0.4164 -0.2379 0.0677  -0.1117 122  LYS A N   
535 C  CA  . LYS A 73 ? 0.5693 0.5246 0.4350 -0.2164 0.0814  -0.1134 122  LYS A CA  
536 C  C   . LYS A 73 ? 0.5265 0.4730 0.3940 -0.2029 0.0535  -0.0901 122  LYS A C   
537 O  O   . LYS A 73 ? 0.5404 0.4664 0.4292 -0.1791 0.0587  -0.0789 122  LYS A O   
538 C  CB  . LYS A 73 ? 0.6123 0.5567 0.5046 -0.1867 0.1079  -0.1095 122  LYS A CB  
539 C  CG  . LYS A 73 ? 0.6976 0.6423 0.5895 -0.1891 0.1439  -0.1341 122  LYS A CG  
540 C  CD  . LYS A 73 ? 0.7705 0.6952 0.6883 -0.1455 0.1745  -0.1274 122  LYS A CD  
541 C  CE  . LYS A 73 ? 0.8878 0.8043 0.8015 -0.1393 0.2161  -0.1530 122  LYS A CE  
542 N  NZ  . LYS A 73 ? 0.9567 0.8279 0.8851 -0.0888 0.2538  -0.1473 122  LYS A NZ  
543 N  N   . LEU A 74 ? 0.5190 0.4799 0.3600 -0.2143 0.0254  -0.0817 123  LEU A N   
544 C  CA  . LEU A 74 ? 0.5133 0.4625 0.3488 -0.1968 0.0008  -0.0598 123  LEU A CA  
545 C  C   . LEU A 74 ? 0.4856 0.4290 0.3479 -0.1852 0.0083  -0.0659 123  LEU A C   
546 O  O   . LEU A 74 ? 0.4882 0.4125 0.3607 -0.1640 0.0031  -0.0504 123  LEU A O   
547 C  CB  . LEU A 74 ? 0.4607 0.4228 0.2573 -0.2029 -0.0255 -0.0495 123  LEU A CB  
548 C  CG  . LEU A 74 ? 0.4909 0.4329 0.2739 -0.1772 -0.0475 -0.0267 123  LEU A CG  
549 C  CD1 . LEU A 74 ? 0.4659 0.3669 0.2421 -0.1679 -0.0486 -0.0102 123  LEU A CD1 
550 C  CD2 . LEU A 74 ? 0.5214 0.4698 0.2589 -0.1728 -0.0700 -0.0120 123  LEU A CD2 
551 N  N   . TYR A 75 ? 0.4749 0.4360 0.3443 -0.2049 0.0223  -0.0906 124  TYR A N   
552 C  CA  . TYR A 75 ? 0.4824 0.4423 0.3726 -0.2054 0.0331  -0.1001 124  TYR A CA  
553 C  C   . TYR A 75 ? 0.4794 0.3892 0.3887 -0.1906 0.0612  -0.0980 124  TYR A C   
554 O  O   . TYR A 75 ? 0.4796 0.3761 0.4017 -0.1832 0.0673  -0.0941 124  TYR A O   
555 C  CB  . TYR A 75 ? 0.4709 0.4657 0.3578 -0.2423 0.0447  -0.1321 124  TYR A CB  
556 C  CG  . TYR A 75 ? 0.4629 0.5271 0.3378 -0.2477 0.0132  -0.1290 124  TYR A CG  
557 C  CD1 . TYR A 75 ? 0.4511 0.5553 0.3417 -0.2388 0.0006  -0.1244 124  TYR A CD1 
558 C  CD2 . TYR A 75 ? 0.4766 0.5710 0.3240 -0.2551 -0.0025 -0.1264 124  TYR A CD2 
559 C  CE1 . TYR A 75 ? 0.4911 0.6702 0.3723 -0.2329 -0.0282 -0.1178 124  TYR A CE1 
560 C  CE2 . TYR A 75 ? 0.5422 0.7010 0.3747 -0.2501 -0.0313 -0.1169 124  TYR A CE2 
561 C  CZ  . TYR A 75 ? 0.5061 0.7115 0.3557 -0.2377 -0.0456 -0.1133 124  TYR A CZ  
562 O  OH  . TYR A 75 ? 0.5054 0.7864 0.3417 -0.2225 -0.0743 -0.1005 124  TYR A OH  
563 N  N   . VAL A 76 ? 0.4570 0.3436 0.3663 -0.1833 0.0793  -0.0984 125  VAL A N   
564 C  CA  . VAL A 76 ? 0.4676 0.3128 0.3913 -0.1563 0.1028  -0.0876 125  VAL A CA  
565 C  C   . VAL A 76 ? 0.4341 0.2858 0.3645 -0.1298 0.0790  -0.0574 125  VAL A C   
566 O  O   . VAL A 76 ? 0.4381 0.2644 0.3770 -0.1118 0.0882  -0.0458 125  VAL A O   
567 C  CB  . VAL A 76 ? 0.5295 0.3672 0.4543 -0.1446 0.1251  -0.0916 125  VAL A CB  
568 C  CG1 . VAL A 76 ? 0.5387 0.3439 0.4771 -0.1047 0.1466  -0.0732 125  VAL A CG1 
569 C  CG2 . VAL A 76 ? 0.5873 0.4088 0.4979 -0.1724 0.1537  -0.1260 125  VAL A CG2 
570 N  N   . TYR A 77 ? 0.4602 0.3401 0.3790 -0.1316 0.0508  -0.0458 126  TYR A N   
571 C  CA  . TYR A 77 ? 0.4598 0.3412 0.3743 -0.1152 0.0297  -0.0222 126  TYR A CA  
572 C  C   . TYR A 77 ? 0.4378 0.3093 0.3488 -0.1098 0.0171  -0.0174 126  TYR A C   
573 O  O   . TYR A 77 ? 0.4406 0.3000 0.3553 -0.0924 0.0151  -0.0035 126  TYR A O   
574 C  CB  . TYR A 77 ? 0.4548 0.3534 0.3447 -0.1285 0.0086  -0.0154 126  TYR A CB  
575 C  CG  . TYR A 77 ? 0.4516 0.3752 0.3447 -0.1395 0.0210  -0.0235 126  TYR A CG  
576 C  CD1 . TYR A 77 ? 0.4295 0.3633 0.3495 -0.1213 0.0459  -0.0257 126  TYR A CD1 
577 C  CD2 . TYR A 77 ? 0.4118 0.3482 0.2774 -0.1646 0.0105  -0.0273 126  TYR A CD2 
578 C  CE1 . TYR A 77 ? 0.4375 0.4023 0.3626 -0.1261 0.0602  -0.0343 126  TYR A CE1 
579 C  CE2 . TYR A 77 ? 0.4206 0.3870 0.2893 -0.1768 0.0242  -0.0365 126  TYR A CE2 
580 C  CZ  . TYR A 77 ? 0.4300 0.4150 0.3315 -0.1567 0.0492  -0.0414 126  TYR A CZ  
581 O  OH  . TYR A 77 ? 0.4700 0.4927 0.3769 -0.1636 0.0657  -0.0516 126  TYR A OH  
582 N  N   . ILE A 78 ? 0.4316 0.3184 0.3354 -0.1234 0.0087  -0.0288 127  ILE A N   
583 C  CA  . ILE A 78 ? 0.4483 0.3443 0.3539 -0.1149 -0.0017 -0.0262 127  ILE A CA  
584 C  C   . ILE A 78 ? 0.4544 0.3389 0.3831 -0.1132 0.0215  -0.0318 127  ILE A C   
585 O  O   . ILE A 78 ? 0.4355 0.3162 0.3671 -0.0980 0.0177  -0.0217 127  ILE A O   
586 C  CB  . ILE A 78 ? 0.4164 0.3542 0.3149 -0.1278 -0.0136 -0.0380 127  ILE A CB  
587 C  CG1 . ILE A 78 ? 0.4262 0.3632 0.2899 -0.1259 -0.0358 -0.0264 127  ILE A CG1 
588 C  CG2 . ILE A 78 ? 0.3884 0.3553 0.2967 -0.1143 -0.0216 -0.0362 127  ILE A CG2 
589 C  CD1 . ILE A 78 ? 0.4213 0.4060 0.2718 -0.1315 -0.0504 -0.0317 127  ILE A CD1 
590 N  N   . ASN A 79 ? 0.4840 0.3545 0.4220 -0.1297 0.0490  -0.0483 128  ASN A N   
591 C  CA  . ASN A 79 ? 0.5205 0.3592 0.4679 -0.1318 0.0783  -0.0525 128  ASN A CA  
592 C  C   . ASN A 79 ? 0.4745 0.2792 0.4221 -0.1007 0.0835  -0.0271 128  ASN A C   
593 O  O   . ASN A 79 ? 0.4383 0.2265 0.3875 -0.0941 0.0933  -0.0193 128  ASN A O   
594 C  CB  . ASN A 79 ? 0.6172 0.4267 0.5609 -0.1561 0.1124  -0.0764 128  ASN A CB  
595 C  CG  . ASN A 79 ? 0.7276 0.5641 0.6715 -0.1974 0.1222  -0.1057 128  ASN A CG  
596 O  OD1 . ASN A 79 ? 0.7745 0.6527 0.7139 -0.2219 0.1129  -0.1251 128  ASN A OD1 
597 N  ND2 . ASN A 79 ? 0.7881 0.6088 0.7352 -0.2090 0.1414  -0.1093 128  ASN A ND2 
598 N  N   . GLU A 80 ? 0.4591 0.2631 0.4042 -0.0836 0.0772  -0.0144 129  GLU A N   
599 C  CA  . GLU A 80 ? 0.5009 0.2966 0.4460 -0.0541 0.0760  0.0109  129  GLU A CA  
600 C  C   . GLU A 80 ? 0.4406 0.2490 0.3781 -0.0483 0.0528  0.0229  129  GLU A C   
601 O  O   . GLU A 80 ? 0.4534 0.2469 0.3889 -0.0335 0.0602  0.0365  129  GLU A O   
602 C  CB  . GLU A 80 ? 0.5883 0.4107 0.5349 -0.0435 0.0673  0.0192  129  GLU A CB  
603 C  CG  . GLU A 80 ? 0.7362 0.5493 0.6902 -0.0389 0.0939  0.0094  129  GLU A CG  
604 C  CD  . GLU A 80 ? 0.8014 0.6617 0.7622 -0.0270 0.0850  0.0186  129  GLU A CD  
605 O  OE1 . GLU A 80 ? 0.7937 0.6887 0.7542 -0.0175 0.0649  0.0370  129  GLU A OE1 
606 O  OE2 . GLU A 80 ? 0.8579 0.7271 0.8231 -0.0307 0.0997  0.0052  129  GLU A OE2 
607 N  N   . LEU A 81 ? 0.3886 0.2174 0.3152 -0.0584 0.0273  0.0185  130  LEU A N   
608 C  CA  . LEU A 81 ? 0.3945 0.2237 0.3046 -0.0503 0.0078  0.0274  130  LEU A CA  
609 C  C   . LEU A 81 ? 0.4143 0.2429 0.3322 -0.0466 0.0159  0.0231  130  LEU A C   
610 O  O   . LEU A 81 ? 0.4325 0.2535 0.3423 -0.0336 0.0147  0.0330  130  LEU A O   
611 C  CB  . LEU A 81 ? 0.3834 0.2162 0.2698 -0.0586 -0.0147 0.0243  130  LEU A CB  
612 C  CG  . LEU A 81 ? 0.4750 0.2872 0.3290 -0.0498 -0.0310 0.0334  130  LEU A CG  
613 C  CD1 . LEU A 81 ? 0.4911 0.3026 0.3376 -0.0500 -0.0308 0.0438  130  LEU A CD1 
614 C  CD2 . LEU A 81 ? 0.4745 0.2689 0.2928 -0.0574 -0.0470 0.0332  130  LEU A CD2 
615 N  N   . CYS A 82 ? 0.3825 0.2276 0.3149 -0.0620 0.0250  0.0063  131  CYS A N   
616 C  CA  . CYS A 82 ? 0.4079 0.2711 0.3522 -0.0662 0.0351  -0.0016 131  CYS A CA  
617 C  C   . CYS A 82 ? 0.4681 0.2996 0.4160 -0.0666 0.0625  0.0047  131  CYS A C   
618 O  O   . CYS A 82 ? 0.4860 0.3234 0.4342 -0.0622 0.0684  0.0083  131  CYS A O   
619 C  CB  . CYS A 82 ? 0.3864 0.2897 0.3448 -0.0918 0.0394  -0.0244 131  CYS A CB  
620 S  SG  . CYS A 82 ? 0.4737 0.4287 0.4238 -0.0814 0.0063  -0.0258 131  CYS A SG  
621 N  N   . THR A 83 ? 0.4883 0.2834 0.4342 -0.0686 0.0817  0.0078  132  THR A N   
622 C  CA  . THR A 83 ? 0.5415 0.2907 0.4802 -0.0620 0.1114  0.0197  132  THR A CA  
623 C  C   . THR A 83 ? 0.5278 0.2745 0.4547 -0.0335 0.1003  0.0463  132  THR A C   
624 O  O   . THR A 83 ? 0.5827 0.3138 0.5008 -0.0308 0.1145  0.0554  132  THR A O   
625 C  CB  . THR A 83 ? 0.6005 0.3053 0.5341 -0.0575 0.1357  0.0210  132  THR A CB  
626 O  OG1 . THR A 83 ? 0.6144 0.3155 0.5514 -0.0908 0.1509  -0.0083 132  THR A OG1 
627 C  CG2 . THR A 83 ? 0.6505 0.2939 0.5658 -0.0411 0.1688  0.0403  132  THR A CG2 
628 N  N   . VAL A 84 ? 0.4778 0.2435 0.4005 -0.0178 0.0761  0.0567  133  VAL A N   
629 C  CA  . VAL A 84 ? 0.4885 0.2633 0.3958 0.0019  0.0627  0.0774  133  VAL A CA  
630 C  C   . VAL A 84 ? 0.4627 0.2470 0.3598 -0.0013 0.0526  0.0728  133  VAL A C   
631 O  O   . VAL A 84 ? 0.4712 0.2501 0.3540 0.0090  0.0580  0.0861  133  VAL A O   
632 C  CB  . VAL A 84 ? 0.5192 0.3228 0.4215 0.0055  0.0386  0.0820  133  VAL A CB  
633 C  CG1 . VAL A 84 ? 0.5767 0.3981 0.4570 0.0136  0.0225  0.0956  133  VAL A CG1 
634 C  CG2 . VAL A 84 ? 0.5457 0.3541 0.4605 0.0178  0.0508  0.0899  133  VAL A CG2 
635 N  N   . LEU A 85 ? 0.4440 0.2444 0.3458 -0.0116 0.0395  0.0553  134  LEU A N   
636 C  CA  . LEU A 85 ? 0.4270 0.2386 0.3194 -0.0058 0.0320  0.0500  134  LEU A CA  
637 C  C   . LEU A 85 ? 0.4635 0.2837 0.3685 -0.0110 0.0551  0.0462  134  LEU A C   
638 O  O   . LEU A 85 ? 0.4327 0.2584 0.3262 -0.0017 0.0573  0.0490  134  LEU A O   
639 C  CB  . LEU A 85 ? 0.4001 0.2281 0.2923 -0.0060 0.0147  0.0367  134  LEU A CB  
640 C  CG  . LEU A 85 ? 0.4062 0.2137 0.2693 -0.0034 -0.0067 0.0408  134  LEU A CG  
641 C  CD1 . LEU A 85 ? 0.4124 0.2259 0.2688 -0.0008 -0.0201 0.0329  134  LEU A CD1 
642 C  CD2 . LEU A 85 ? 0.4305 0.2148 0.2587 0.0065  -0.0124 0.0468  134  LEU A CD2 
643 N  N   . LYS A 86 ? 0.4295 0.2485 0.3535 -0.0307 0.0754  0.0373  135  LYS A N   
644 C  CA  . LYS A 86 ? 0.4903 0.3138 0.4211 -0.0477 0.1027  0.0312  135  LYS A CA  
645 C  C   . LYS A 86 ? 0.5096 0.2908 0.4177 -0.0380 0.1212  0.0537  135  LYS A C   
646 O  O   . LYS A 86 ? 0.5070 0.2948 0.4090 -0.0434 0.1365  0.0551  135  LYS A O   
647 C  CB  . LYS A 86 ? 0.5381 0.3582 0.4834 -0.0807 0.1243  0.0128  135  LYS A CB  
648 C  CG  . LYS A 86 ? 0.6100 0.4410 0.5598 -0.1121 0.1550  0.0003  135  LYS A CG  
649 C  CD  . LYS A 86 ? 0.7059 0.5324 0.6624 -0.1552 0.1777  -0.0247 135  LYS A CD  
650 C  CE  . LYS A 86 ? 0.7982 0.6323 0.7523 -0.1986 0.2132  -0.0398 135  LYS A CE  
651 N  NZ  . LYS A 86 ? 0.8628 0.6776 0.8110 -0.2490 0.2404  -0.0678 135  LYS A NZ  
652 N  N   . ALA A 87 ? 0.4988 0.2446 0.3934 -0.0215 0.1197  0.0729  136  ALA A N   
653 C  CA  . ALA A 87 ? 0.5454 0.2558 0.4144 -0.0042 0.1352  0.1006  136  ALA A CA  
654 C  C   . ALA A 87 ? 0.5311 0.2668 0.3817 0.0115  0.1169  0.1120  136  ALA A C   
655 O  O   . ALA A 87 ? 0.5678 0.2867 0.3935 0.0222  0.1295  0.1335  136  ALA A O   
656 C  CB  . ALA A 87 ? 0.5551 0.2407 0.4191 0.0173  0.1364  0.1189  136  ALA A CB  
657 N  N   . HIS A 88 ? 0.5234 0.2924 0.3785 0.0125  0.0896  0.0976  137  HIS A N   
658 C  CA  . HIS A 88 ? 0.5131 0.2962 0.3427 0.0225  0.0754  0.1011  137  HIS A CA  
659 C  C   . HIS A 88 ? 0.4910 0.2942 0.3259 0.0193  0.0760  0.0803  137  HIS A C   
660 O  O   . HIS A 88 ? 0.4947 0.3018 0.3083 0.0288  0.0617  0.0735  137  HIS A O   
661 C  CB  . HIS A 88 ? 0.4852 0.2770 0.3002 0.0276  0.0476  0.1025  137  HIS A CB  
662 C  CG  . HIS A 88 ? 0.5536 0.3517 0.3644 0.0370  0.0451  0.1249  137  HIS A CG  
663 N  ND1 . HIS A 88 ? 0.5321 0.3293 0.3652 0.0390  0.0466  0.1277  137  HIS A ND1 
664 C  CD2 . HIS A 88 ? 0.5187 0.3338 0.3055 0.0491  0.0416  0.1466  137  HIS A CD2 
665 C  CE1 . HIS A 88 ? 0.5577 0.3731 0.3840 0.0567  0.0449  0.1508  137  HIS A CE1 
666 N  NE2 . HIS A 88 ? 0.5202 0.3510 0.3187 0.0630  0.0401  0.1640  137  HIS A NE2 
667 N  N   . SER A 89 ? 0.4895 0.3073 0.3501 0.0055  0.0950  0.0690  138  SER A N   
668 C  CA  . SER A 89 ? 0.5408 0.4005 0.4149 0.0064  0.0980  0.0503  138  SER A CA  
669 C  C   . SER A 89 ? 0.5627 0.4263 0.4122 0.0157  0.1085  0.0548  138  SER A C   
670 O  O   . SER A 89 ? 0.5947 0.4374 0.4265 0.0082  0.1263  0.0709  138  SER A O   
671 C  CB  . SER A 89 ? 0.5524 0.4441 0.4595 -0.0200 0.1186  0.0360  138  SER A CB  
672 O  OG  . SER A 89 ? 0.5743 0.5261 0.4969 -0.0193 0.1268  0.0210  138  SER A OG  
673 N  N   . ALA A 90 ? 0.5333 0.4191 0.3761 0.0352  0.0999  0.0416  139  ALA A N   
674 C  CA  . ALA A 90 ? 0.5866 0.4766 0.4023 0.0459  0.1112  0.0409  139  ALA A CA  
675 C  C   . ALA A 90 ? 0.6355 0.5679 0.4710 0.0299  0.1410  0.0369  139  ALA A C   
676 O  O   . ALA A 90 ? 0.6621 0.5999 0.4746 0.0323  0.1565  0.0388  139  ALA A O   
677 C  CB  . ALA A 90 ? 0.5823 0.4747 0.3817 0.0755  0.0998  0.0254  139  ALA A CB  
678 N  N   . LYS A 91 ? 0.6725 0.6367 0.5467 0.0077  0.1510  0.0292  140  LYS A N   
679 C  CA  . LYS A 91 ? 0.7385 0.7448 0.6302 -0.0211 0.1827  0.0221  140  LYS A CA  
680 C  C   . LYS A 91 ? 0.7479 0.7041 0.6321 -0.0573 0.2041  0.0349  140  LYS A C   
681 O  O   . LYS A 91 ? 0.7475 0.6352 0.5984 -0.0504 0.2034  0.0591  140  LYS A O   
682 C  CB  . LYS A 91 ? 0.7700 0.8686 0.7089 -0.0241 0.1826  -0.0029 140  LYS A CB  
683 C  CG  . LYS A 91 ? 0.8537 1.0207 0.8130 -0.0582 0.2159  -0.0161 140  LYS A CG  
684 C  CD  . LYS A 91 ? 0.8818 1.1656 0.8811 -0.0364 0.2113  -0.0378 140  LYS A CD  
685 C  CE  . LYS A 91 ? 0.9107 1.1881 0.8872 0.0191  0.2015  -0.0349 140  LYS A CE  
686 N  NZ  . LYS A 91 ? 0.9127 1.3078 0.9242 0.0455  0.2091  -0.0536 140  LYS A NZ  
687 N  N   . SER B 1  ? 0.7132 0.5472 0.5315 -0.0892 0.0203  -0.2667 1267 SER B N   
688 C  CA  . SER B 1  ? 0.6965 0.5689 0.5229 -0.0863 0.0385  -0.2610 1267 SER B CA  
689 C  C   . SER B 1  ? 0.6694 0.5241 0.5127 -0.0884 0.0408  -0.2468 1267 SER B C   
690 O  O   . SER B 1  ? 0.6619 0.4828 0.5140 -0.0994 0.0339  -0.2298 1267 SER B O   
691 C  CB  . SER B 1  ? 0.6977 0.6057 0.5144 -0.1038 0.0514  -0.2506 1267 SER B CB  
692 O  OG  . SER B 1  ? 0.6927 0.5881 0.5114 -0.1234 0.0474  -0.2287 1267 SER B OG  
693 N  N   . GLU B 2  ? 0.6335 0.5142 0.4861 -0.0735 0.0492  -0.2495 1268 GLU B N   
694 C  CA  . GLU B 2  ? 0.6212 0.4885 0.4841 -0.0630 0.0489  -0.2292 1268 GLU B CA  
695 C  C   . GLU B 2  ? 0.5900 0.4626 0.4569 -0.0849 0.0505  -0.2022 1268 GLU B C   
696 O  O   . GLU B 2  ? 0.5840 0.4323 0.4560 -0.0825 0.0491  -0.1777 1268 GLU B O   
697 C  CB  . GLU B 2  ? 0.6221 0.5219 0.4943 -0.0379 0.0517  -0.2445 1268 GLU B CB  
698 C  CG  . GLU B 2  ? 0.6604 0.5429 0.5331 -0.0154 0.0477  -0.2254 1268 GLU B CG  
699 C  CD  . GLU B 2  ? 0.6967 0.6111 0.5801 0.0150  0.0434  -0.2478 1268 GLU B CD  
700 O  OE1 . GLU B 2  ? 0.7202 0.6794 0.6232 0.0105  0.0451  -0.2658 1268 GLU B OE1 
701 O  OE2 . GLU B 2  ? 0.7065 0.6016 0.5804 0.0454  0.0368  -0.2383 1268 GLU B OE2 
702 N  N   . ASN B 3  ? 0.5685 0.4715 0.4305 -0.1047 0.0551  -0.2058 1269 ASN B N   
703 C  CA  . ASN B 3  ? 0.5499 0.4561 0.4099 -0.1233 0.0536  -0.1836 1269 ASN B CA  
704 C  C   . ASN B 3  ? 0.5775 0.4547 0.4343 -0.1377 0.0446  -0.1705 1269 ASN B C   
705 O  O   . ASN B 3  ? 0.5640 0.4351 0.4289 -0.1421 0.0410  -0.1488 1269 ASN B O   
706 C  CB  . ASN B 3  ? 0.5393 0.4750 0.3894 -0.1407 0.0615  -0.1897 1269 ASN B CB  
707 C  CG  . ASN B 3  ? 0.5242 0.4598 0.3694 -0.1552 0.0570  -0.1687 1269 ASN B CG  
708 O  OD1 . ASN B 3  ? 0.5016 0.4441 0.3613 -0.1453 0.0530  -0.1590 1269 ASN B OD1 
709 N  ND2 . ASN B 3  ? 0.5182 0.4460 0.3433 -0.1697 0.0544  -0.1584 1269 ASN B ND2 
710 N  N   . ARG B 4  ? 0.6100 0.4725 0.4577 -0.1428 0.0394  -0.1870 1270 ARG B N   
711 C  CA  . ARG B 4  ? 0.6439 0.4809 0.4977 -0.1551 0.0258  -0.1826 1270 ARG B CA  
712 C  C   . ARG B 4  ? 0.5941 0.4061 0.4801 -0.1520 0.0249  -0.1645 1270 ARG B C   
713 O  O   . ARG B 4  ? 0.5890 0.3981 0.4937 -0.1640 0.0208  -0.1476 1270 ARG B O   
714 C  CB  . ARG B 4  ? 0.7514 0.5790 0.5958 -0.1479 0.0147  -0.2030 1270 ARG B CB  
715 C  CG  . ARG B 4  ? 0.8123 0.6556 0.6280 -0.1495 0.0102  -0.2059 1270 ARG B CG  
716 C  CD  . ARG B 4  ? 0.8588 0.6830 0.6811 -0.1537 -0.0129 -0.2066 1270 ARG B CD  
717 N  NE  . ARG B 4  ? 0.9071 0.7036 0.7471 -0.1467 -0.0301 -0.2251 1270 ARG B NE  
718 N  N   . ILE B 5  ? 0.5831 0.3770 0.4746 -0.1342 0.0303  -0.1672 1271 ILE B N   
719 C  CA  . ILE B 5  ? 0.5870 0.3487 0.5022 -0.1292 0.0353  -0.1457 1271 ILE B CA  
720 C  C   . ILE B 5  ? 0.5797 0.3567 0.4969 -0.1218 0.0471  -0.1170 1271 ILE B C   
721 O  O   . ILE B 5  ? 0.5892 0.3540 0.5288 -0.1278 0.0537  -0.0926 1271 ILE B O   
722 C  CB  . ILE B 5  ? 0.6430 0.3732 0.5506 -0.1060 0.0375  -0.1548 1271 ILE B CB  
723 C  CG1 . ILE B 5  ? 0.7066 0.4241 0.6072 -0.1074 0.0231  -0.1876 1271 ILE B CG1 
724 C  CG2 . ILE B 5  ? 0.6966 0.3820 0.6240 -0.1032 0.0463  -0.1277 1271 ILE B CG2 
725 C  CD1 . ILE B 5  ? 0.7521 0.4289 0.6460 -0.0843 0.0202  -0.1983 1271 ILE B CD1 
726 N  N   . ALA B 6  ? 0.5275 0.3333 0.4249 -0.1079 0.0496  -0.1219 1272 ALA B N   
727 C  CA  . ALA B 6  ? 0.5310 0.3525 0.4254 -0.0956 0.0550  -0.1007 1272 ALA B CA  
728 C  C   . ALA B 6  ? 0.5262 0.3621 0.4307 -0.1165 0.0512  -0.0861 1272 ALA B C   
729 O  O   . ALA B 6  ? 0.5369 0.3730 0.4497 -0.1096 0.0574  -0.0621 1272 ALA B O   
730 C  CB  . ALA B 6  ? 0.4772 0.3284 0.3575 -0.0807 0.0523  -0.1163 1272 ALA B CB  
731 N  N   . LYS B 7  ? 0.5213 0.3688 0.4209 -0.1382 0.0411  -0.1015 1273 LYS B N   
732 C  CA  . LYS B 7  ? 0.5278 0.3855 0.4320 -0.1552 0.0323  -0.0932 1273 LYS B CA  
733 C  C   . LYS B 7  ? 0.5257 0.3694 0.4653 -0.1651 0.0320  -0.0821 1273 LYS B C   
734 O  O   . LYS B 7  ? 0.5377 0.3934 0.4941 -0.1659 0.0338  -0.0638 1273 LYS B O   
735 C  CB  . LYS B 7  ? 0.5622 0.4253 0.4430 -0.1713 0.0214  -0.1130 1273 LYS B CB  
736 C  CG  . LYS B 7  ? 0.6173 0.4847 0.4942 -0.1841 0.0075  -0.1085 1273 LYS B CG  
737 C  CD  . LYS B 7  ? 0.7091 0.5757 0.5656 -0.1839 -0.0036 -0.1217 1273 LYS B CD  
738 C  CE  . LYS B 7  ? 0.7798 0.6554 0.6043 -0.1824 -0.0077 -0.1138 1273 LYS B CE  
739 N  NZ  . LYS B 7  ? 0.8587 0.7303 0.6484 -0.1815 -0.0040 -0.1238 1273 LYS B NZ  
740 N  N   . LYS B 8  ? 0.5508 0.3705 0.5060 -0.1722 0.0295  -0.0949 1274 LYS B N   
741 C  CA  . LYS B 8  ? 0.5661 0.3696 0.5679 -0.1859 0.0289  -0.0876 1274 LYS B CA  
742 C  C   . LYS B 8  ? 0.5656 0.3637 0.5898 -0.1764 0.0516  -0.0548 1274 LYS B C   
743 O  O   . LYS B 8  ? 0.5796 0.3882 0.6435 -0.1876 0.0570  -0.0390 1274 LYS B O   
744 C  CB  . LYS B 8  ? 0.6156 0.3860 0.6279 -0.1909 0.0206  -0.1088 1274 LYS B CB  
745 C  CG  . LYS B 8  ? 0.6649 0.4146 0.7366 -0.2094 0.0168  -0.1057 1274 LYS B CG  
746 C  CD  . LYS B 8  ? 0.7498 0.4673 0.8266 -0.2089 -0.0011 -0.1304 1274 LYS B CD  
747 C  CE  . LYS B 8  ? 0.8294 0.5303 0.9644 -0.2226 -0.0105 -0.1218 1274 LYS B CE  
748 N  NZ  . LYS B 8  ? 0.8898 0.5623 1.0534 -0.2253 0.0193  -0.0903 1274 LYS B NZ  
749 N  N   . MSE B 9  ? 0.5698 0.3530 0.5671 -0.1525 0.0654  -0.0456 1275 MSE B N   
750 C  CA  . MSE B 9  ? 0.5885 0.3576 0.5906 -0.1350 0.0892  -0.0130 1275 MSE B CA  
751 C  C   . MSE B 9  ? 0.5495 0.3532 0.5462 -0.1248 0.0955  0.0068  1275 MSE B C   
752 O  O   . MSE B 9  ? 0.5720 0.3773 0.5929 -0.1236 0.1146  0.0344  1275 MSE B O   
753 C  CB  . MSE B 9  ? 0.6592 0.4023 0.6221 -0.1037 0.0960  -0.0138 1275 MSE B CB  
754 C  CG  . MSE B 9  ? 0.7624 0.4701 0.7206 -0.0825 0.1215  0.0195  1275 MSE B CG  
755 SE SE  . MSE B 9  ? 1.4189 1.0847 1.3211 -0.0366 0.1217  0.0104  1275 MSE B SE  
756 C  CE  . MSE B 9  ? 0.6076 0.3255 0.4727 -0.0044 0.1095  -0.0011 1275 MSE B CE  
757 N  N   . LEU B 10 ? 0.5010 0.3318 0.4677 -0.1172 0.0803  -0.0072 1276 LEU B N   
758 C  CA  . LEU B 10 ? 0.5072 0.3676 0.4643 -0.1047 0.0795  0.0065  1276 LEU B CA  
759 C  C   . LEU B 10 ? 0.5056 0.3879 0.4987 -0.1266 0.0754  0.0118  1276 LEU B C   
760 O  O   . LEU B 10 ? 0.5135 0.4136 0.5195 -0.1159 0.0875  0.0337  1276 LEU B O   
761 C  CB  . LEU B 10 ? 0.5132 0.3910 0.4366 -0.0978 0.0610  -0.0126 1276 LEU B CB  
762 C  CG  . LEU B 10 ? 0.5245 0.4274 0.4353 -0.0849 0.0526  -0.0036 1276 LEU B CG  
763 C  CD1 . LEU B 10 ? 0.5397 0.4417 0.4371 -0.0476 0.0665  0.0183  1276 LEU B CD1 
764 C  CD2 . LEU B 10 ? 0.5240 0.4365 0.4099 -0.0875 0.0333  -0.0236 1276 LEU B CD2 
765 N  N   . LEU B 11 ? 0.5254 0.4082 0.5334 -0.1532 0.0575  -0.0106 1277 LEU B N   
766 C  CA  . LEU B 11 ? 0.5170 0.4218 0.5598 -0.1713 0.0461  -0.0141 1277 LEU B CA  
767 C  C   . LEU B 11 ? 0.5751 0.4819 0.6796 -0.1815 0.0655  0.0041  1277 LEU B C   
768 O  O   . LEU B 11 ? 0.6047 0.5429 0.7428 -0.1846 0.0673  0.0128  1277 LEU B O   
769 C  CB  . LEU B 11 ? 0.4980 0.3952 0.5361 -0.1911 0.0206  -0.0452 1277 LEU B CB  
770 C  CG  . LEU B 11 ? 0.5010 0.3995 0.4819 -0.1863 0.0047  -0.0599 1277 LEU B CG  
771 C  CD1 . LEU B 11 ? 0.5327 0.4184 0.5006 -0.2008 -0.0156 -0.0875 1277 LEU B CD1 
772 C  CD2 . LEU B 11 ? 0.4778 0.3990 0.4426 -0.1769 -0.0040 -0.0507 1277 LEU B CD2 
773 N  N   . GLU B 12 ? 0.5772 0.4505 0.6990 -0.1868 0.0806  0.0097  1278 GLU B N   
774 C  CA  . GLU B 12 ? 0.6111 0.4778 0.7951 -0.2002 0.1045  0.0311  1278 GLU B CA  
775 C  C   . GLU B 12 ? 0.5731 0.4534 0.7503 -0.1771 0.1373  0.0693  1278 GLU B C   
776 O  O   . GLU B 12 ? 0.5747 0.4787 0.8058 -0.1869 0.1566  0.0882  1278 GLU B O   
777 C  CB  . GLU B 12 ? 0.7213 0.5366 0.9158 -0.2086 0.1118  0.0293  1278 GLU B CB  
778 C  CG  . GLU B 12 ? 0.8061 0.6071 1.0185 -0.2306 0.0804  -0.0088 1278 GLU B CG  
779 C  CD  . GLU B 12 ? 0.9284 0.6796 1.1458 -0.2319 0.0819  -0.0105 1278 GLU B CD  
780 O  OE1 . GLU B 12 ? 0.9803 0.6991 1.1893 -0.2203 0.1120  0.0180  1278 GLU B OE1 
781 O  OE2 . GLU B 12 ? 0.9681 0.7092 1.1900 -0.2398 0.0519  -0.0396 1278 GLU B OE2 
782 N  N   . GLU B 13 ? 0.5784 0.4463 0.6909 -0.1439 0.1432  0.0787  1279 GLU B N   
783 C  CA  . GLU B 13 ? 0.6358 0.5124 0.7258 -0.1116 0.1707  0.1122  1279 GLU B CA  
784 C  C   . GLU B 13 ? 0.6039 0.5332 0.7029 -0.1053 0.1640  0.1142  1279 GLU B C   
785 O  O   . GLU B 13 ? 0.6464 0.5967 0.7633 -0.0930 0.1914  0.1423  1279 GLU B O   
786 C  CB  . GLU B 13 ? 0.6916 0.5449 0.7094 -0.0727 0.1677  0.1116  1279 GLU B CB  
787 C  CG  . GLU B 13 ? 0.7819 0.6367 0.7641 -0.0299 0.1929  0.1437  1279 GLU B CG  
788 C  CD  . GLU B 13 ? 0.8539 0.6919 0.7683 0.0125  0.1797  0.1339  1279 GLU B CD  
789 O  OE1 . GLU B 13 ? 0.8579 0.6920 0.7606 0.0043  0.1525  0.1022  1279 GLU B OE1 
790 O  OE2 . GLU B 13 ? 0.9102 0.7408 0.7843 0.0558  0.1964  0.1566  1279 GLU B OE2 
791 N  N   . ILE B 14 ? 0.5372 0.4858 0.6203 -0.1121 0.1289  0.0849  1280 ILE B N   
792 C  CA  . ILE B 14 ? 0.5154 0.5077 0.6017 -0.1051 0.1151  0.0818  1280 ILE B CA  
793 C  C   . ILE B 14 ? 0.5559 0.5802 0.7173 -0.1308 0.1216  0.0833  1280 ILE B C   
794 O  O   . ILE B 14 ? 0.5638 0.6272 0.7463 -0.1180 0.1343  0.0983  1280 ILE B O   
795 C  CB  . ILE B 14 ? 0.4665 0.4604 0.5157 -0.1095 0.0761  0.0512  1280 ILE B CB  
796 C  CG1 . ILE B 14 ? 0.4430 0.4159 0.4316 -0.0850 0.0700  0.0481  1280 ILE B CG1 
797 C  CG2 . ILE B 14 ? 0.3998 0.4310 0.4518 -0.1028 0.0580  0.0462  1280 ILE B CG2 
798 C  CD1 . ILE B 14 ? 0.4726 0.4408 0.4293 -0.0947 0.0391  0.0217  1280 ILE B CD1 
799 N  N   . LYS B 15 ? 0.5625 0.5726 0.7674 -0.1645 0.1114  0.0648  1281 LYS B N   
800 C  CA  . LYS B 15 ? 0.5820 0.6218 0.8714 -0.1916 0.1126  0.0590  1281 LYS B CA  
801 C  C   . LYS B 15 ? 0.6524 0.7017 0.9958 -0.1936 0.1597  0.0960  1281 LYS B C   
802 O  O   . LYS B 15 ? 0.6636 0.7597 1.0738 -0.2029 0.1712  0.1017  1281 LYS B O   
803 C  CB  . LYS B 15 ? 0.5719 0.5858 0.8931 -0.2228 0.0890  0.0287  1281 LYS B CB  
804 C  CG  . LYS B 15 ? 0.5755 0.6215 0.9906 -0.2504 0.0792  0.0121  1281 LYS B CG  
805 N  N   . ALA B 16 ? 0.6975 0.7022 1.0109 -0.1830 0.1882  0.1214  1282 ALA B N   
806 C  CA  . ALA B 16 ? 0.7411 0.7412 1.0846 -0.1796 0.2354  0.1609  1282 ALA B CA  
807 C  C   . ALA B 16 ? 0.7558 0.7925 1.0719 -0.1431 0.2633  0.1912  1282 ALA B C   
808 O  O   . ALA B 16 ? 0.7975 0.8598 1.1465 -0.1397 0.2905  0.2119  1282 ALA B O   
809 C  CB  . ALA B 16 ? 0.7679 0.7016 1.0669 -0.1702 0.2479  0.1740  1282 ALA B CB  
810 N  N   . ASN B 17 ? 0.7290 0.7664 0.9641 -0.1078 0.2395  0.1807  1283 ASN B N   
811 C  CA  . ASN B 17 ? 0.7186 0.7867 0.9119 -0.0639 0.2537  0.2011  1283 ASN B CA  
812 C  C   . ASN B 17 ? 0.6992 0.8313 0.9261 -0.0660 0.2332  0.1838  1283 ASN B C   
813 O  O   . ASN B 17 ? 0.6980 0.8640 1.0074 -0.0988 0.2361  0.1763  1283 ASN B O   
# 
